data_3QTD
#
_entry.id   3QTD
#
_cell.length_a   69.385
_cell.length_b   116.201
_cell.length_c   253.968
_cell.angle_alpha   90.00
_cell.angle_beta   90.00
_cell.angle_gamma   90.00
#
_symmetry.space_group_name_H-M   'P 21 21 21'
#
loop_
_entity.id
_entity.type
_entity.pdbx_description
1 polymer 'PmbA protein'
2 non-polymer GLYCEROL
3 water water
#
_entity_poly.entity_id   1
_entity_poly.type   'polypeptide(L)'
_entity_poly.pdbx_seq_one_letter_code
;(MSE)SLHAAAVGPSVLPDLREQVEQIIAEARRQGASACEVAVSLEQGLSTSVRQGEVETVEFNRDQGFGITLYAGQRKG
SASTSATGEAAIRETVAAALAIARHTSEDECAGLADAAL(MSE)ARELPELDLYHPWSLSPEQAVERALACEAAAFAADK
RVTKADGTTLNTHQGCRVYGNSHGFIGGYASTRHSLSCV(MSE)IAEGEGQ(MSE)QRDYWYDVNRRGEALASAESIGRR
AAERAASRLGARPVQTAEVPVLFAPEIAVGLFGHFLGAISGGSLYRKSSFLEGALGQRLFPEWLSIDERPHLVGALGSAS
FDSDGLATYAKPFVENGELVSYVLGTYSGRKLGLPSTANAGGVHNLFVSHGDEDQAALIRR(MSE)ERGLLVTEL(MSE)
GQGVNLVTGDYSRGAAGYWVENGEIQFPVQEVTIAANLRDLFRRIVAVGKDIERRGNLHTGSVLVES(MSE)(MSE)VAG
R
;
_entity_poly.pdbx_strand_id   A,B,C,D
#
# COMPACT_ATOMS: atom_id res chain seq x y z
N VAL A 8 8.02 13.76 -37.19
CA VAL A 8 8.86 12.61 -36.91
C VAL A 8 8.09 11.60 -36.13
N GLY A 9 7.53 10.68 -36.89
CA GLY A 9 6.63 9.66 -36.43
C GLY A 9 6.63 8.57 -37.45
N PRO A 10 5.81 7.60 -37.26
CA PRO A 10 5.70 6.51 -38.19
C PRO A 10 5.13 7.04 -39.50
N SER A 11 4.42 8.12 -39.37
CA SER A 11 3.77 8.75 -40.49
C SER A 11 4.77 9.21 -41.51
N VAL A 12 5.93 9.66 -41.10
CA VAL A 12 6.97 10.04 -42.03
C VAL A 12 7.78 8.86 -42.58
N LEU A 13 7.62 7.68 -42.02
CA LEU A 13 8.52 6.62 -42.40
C LEU A 13 8.48 6.42 -43.86
N PRO A 14 7.33 6.52 -44.47
CA PRO A 14 7.22 6.30 -45.90
C PRO A 14 8.06 7.26 -46.75
N ASP A 15 8.20 8.51 -46.38
CA ASP A 15 9.03 9.44 -47.12
C ASP A 15 10.47 9.05 -47.06
N LEU A 16 10.88 8.52 -45.94
CA LEU A 16 12.24 8.13 -45.72
C LEU A 16 12.58 6.86 -46.43
N ARG A 17 11.64 5.97 -46.56
CA ARG A 17 11.87 4.82 -47.41
C ARG A 17 12.16 5.33 -48.83
N GLU A 18 11.34 6.28 -49.27
CA GLU A 18 11.45 6.75 -50.63
C GLU A 18 12.81 7.40 -50.83
N GLN A 19 13.25 8.10 -49.78
CA GLN A 19 14.57 8.69 -49.83
C GLN A 19 15.66 7.63 -49.94
N VAL A 20 15.53 6.58 -49.17
CA VAL A 20 16.52 5.51 -49.23
C VAL A 20 16.55 4.84 -50.61
N GLU A 21 15.37 4.55 -51.17
CA GLU A 21 15.29 4.02 -52.55
C GLU A 21 16.03 4.92 -53.56
N GLN A 22 15.89 6.24 -53.42
CA GLN A 22 16.48 7.17 -54.38
C GLN A 22 17.99 7.16 -54.27
N ILE A 23 18.47 7.06 -53.04
CA ILE A 23 19.90 6.98 -52.80
C ILE A 23 20.47 5.70 -53.42
N ILE A 24 19.84 4.57 -53.14
CA ILE A 24 20.30 3.30 -53.69
C ILE A 24 20.32 3.36 -55.24
N ALA A 25 19.23 3.89 -55.82
CA ALA A 25 19.09 4.07 -57.27
C ALA A 25 20.18 4.98 -57.83
N GLU A 26 20.49 6.05 -57.16
CA GLU A 26 21.51 6.96 -57.61
C GLU A 26 22.90 6.36 -57.61
N ALA A 27 23.17 5.54 -56.65
CA ALA A 27 24.41 4.87 -56.57
C ALA A 27 24.59 3.97 -57.74
N ARG A 28 23.51 3.32 -58.10
CA ARG A 28 23.50 2.45 -59.22
C ARG A 28 23.73 3.18 -60.52
N ARG A 29 23.11 4.34 -60.66
CA ARG A 29 23.22 5.13 -61.86
C ARG A 29 24.65 5.59 -62.08
N GLN A 30 25.34 5.76 -60.98
CA GLN A 30 26.69 6.25 -60.99
C GLN A 30 27.73 5.17 -61.09
N GLY A 31 27.31 3.92 -61.24
CA GLY A 31 28.26 2.84 -61.38
C GLY A 31 28.72 2.01 -60.21
N ALA A 32 28.10 2.18 -59.06
CA ALA A 32 28.45 1.42 -57.89
C ALA A 32 28.00 -0.04 -57.94
N SER A 33 28.82 -0.91 -57.36
CA SER A 33 28.56 -2.34 -57.25
C SER A 33 27.45 -2.74 -56.34
N ALA A 34 27.43 -2.09 -55.22
CA ALA A 34 26.42 -2.33 -54.20
C ALA A 34 26.42 -1.14 -53.30
N CYS A 35 25.42 -1.02 -52.44
CA CYS A 35 25.52 -0.04 -51.40
C CYS A 35 24.52 -0.21 -50.25
N GLU A 36 24.74 0.60 -49.22
CA GLU A 36 24.16 0.52 -47.90
C GLU A 36 23.77 1.92 -47.53
N VAL A 37 22.54 2.14 -47.12
CA VAL A 37 22.17 3.51 -46.78
C VAL A 37 21.42 3.55 -45.49
N ALA A 38 21.70 4.59 -44.69
CA ALA A 38 20.98 4.86 -43.45
C ALA A 38 20.51 6.29 -43.44
N VAL A 39 19.22 6.47 -43.09
CA VAL A 39 18.60 7.77 -42.90
C VAL A 39 18.01 7.92 -41.47
N SER A 40 18.28 9.09 -40.90
CA SER A 40 17.91 9.43 -39.53
C SER A 40 17.28 10.78 -39.45
N LEU A 41 16.12 10.81 -38.81
CA LEU A 41 15.44 12.03 -38.45
C LEU A 41 15.36 11.97 -36.94
N GLU A 42 15.55 13.08 -36.26
CA GLU A 42 15.34 13.13 -34.82
C GLU A 42 14.86 14.49 -34.37
N GLN A 43 14.00 14.55 -33.37
CA GLN A 43 13.67 15.83 -32.77
C GLN A 43 13.28 15.72 -31.31
N GLY A 44 13.58 16.77 -30.58
CA GLY A 44 13.03 16.85 -29.24
C GLY A 44 13.40 18.09 -28.46
N LEU A 45 13.08 18.04 -27.19
CA LEU A 45 13.14 19.17 -26.38
C LEU A 45 14.04 18.81 -25.24
N SER A 46 14.92 19.74 -24.93
CA SER A 46 15.94 19.52 -23.88
C SER A 46 15.97 20.71 -22.94
N THR A 47 15.72 20.45 -21.65
CA THR A 47 15.55 21.48 -20.63
C THR A 47 16.60 21.33 -19.55
N SER A 48 17.33 22.38 -19.24
CA SER A 48 18.30 22.33 -18.17
C SER A 48 17.99 23.34 -17.06
N VAL A 49 18.04 22.89 -15.81
CA VAL A 49 17.93 23.81 -14.66
C VAL A 49 19.15 23.68 -13.71
N ARG A 50 19.44 24.77 -13.01
CA ARG A 50 20.50 24.83 -12.03
C ARG A 50 20.35 25.84 -10.89
N GLN A 51 20.46 25.37 -9.66
CA GLN A 51 20.28 26.14 -8.41
C GLN A 51 18.99 26.95 -8.43
N GLY A 52 17.92 26.31 -8.90
CA GLY A 52 16.67 27.00 -9.03
C GLY A 52 16.49 27.88 -10.25
N GLU A 53 17.46 27.92 -11.16
CA GLU A 53 17.38 28.74 -12.35
C GLU A 53 17.28 27.89 -13.61
N VAL A 54 16.43 28.30 -14.54
CA VAL A 54 16.35 27.64 -15.84
C VAL A 54 17.47 28.13 -16.76
N GLU A 55 18.34 27.24 -17.23
CA GLU A 55 19.49 27.69 -18.06
C GLU A 55 19.23 27.68 -19.56
N THR A 56 18.69 26.59 -20.08
CA THR A 56 18.31 26.49 -21.49
C THR A 56 17.08 25.65 -21.64
N VAL A 57 16.26 26.03 -22.61
CA VAL A 57 15.15 25.22 -23.06
C VAL A 57 15.24 25.34 -24.55
N GLU A 58 15.45 24.20 -25.18
CA GLU A 58 15.84 24.15 -26.55
C GLU A 58 15.12 23.06 -27.37
N PHE A 59 14.72 23.37 -28.59
CA PHE A 59 14.13 22.40 -29.49
C PHE A 59 15.08 22.10 -30.66
N ASN A 60 15.31 20.81 -30.85
CA ASN A 60 16.31 20.30 -31.82
C ASN A 60 15.58 19.48 -32.86
N ARG A 61 16.00 19.59 -34.11
CA ARG A 61 15.50 18.72 -35.17
C ARG A 61 16.67 18.43 -36.11
N ASP A 62 17.03 17.18 -36.22
CA ASP A 62 18.24 16.81 -36.94
C ASP A 62 17.96 15.72 -37.95
N GLN A 63 18.41 15.94 -39.17
CA GLN A 63 18.22 14.99 -40.23
C GLN A 63 19.52 14.75 -40.93
N GLY A 64 19.72 13.52 -41.34
CA GLY A 64 20.84 13.22 -42.17
C GLY A 64 20.80 11.86 -42.75
N PHE A 65 21.75 11.60 -43.64
CA PHE A 65 21.92 10.27 -44.18
C PHE A 65 23.40 10.00 -44.48
N GLY A 66 23.73 8.74 -44.50
CA GLY A 66 25.05 8.32 -44.80
C GLY A 66 24.99 7.14 -45.70
N ILE A 67 25.94 7.04 -46.62
CA ILE A 67 25.97 5.93 -47.51
C ILE A 67 27.33 5.27 -47.55
N THR A 68 27.35 3.95 -47.58
CA THR A 68 28.58 3.23 -47.78
C THR A 68 28.41 2.43 -49.06
N LEU A 69 29.38 2.59 -49.95
CA LEU A 69 29.40 2.09 -51.29
C LEU A 69 30.56 1.24 -51.61
N TYR A 70 30.36 0.39 -52.60
CA TYR A 70 31.37 -0.53 -53.07
C TYR A 70 31.58 -0.37 -54.55
N ALA A 71 32.81 -0.57 -55.00
CA ALA A 71 33.21 -0.61 -56.39
C ALA A 71 34.01 -1.85 -56.50
N GLY A 72 33.36 -2.97 -56.55
CA GLY A 72 33.98 -4.26 -56.37
C GLY A 72 34.30 -4.45 -54.90
N GLN A 73 35.56 -4.73 -54.61
CA GLN A 73 36.02 -4.98 -53.26
C GLN A 73 36.51 -3.70 -52.59
N ARG A 74 36.37 -2.59 -53.31
CA ARG A 74 36.68 -1.26 -52.80
C ARG A 74 35.47 -0.61 -52.14
N LYS A 75 35.74 0.18 -51.08
CA LYS A 75 34.74 0.72 -50.13
C LYS A 75 34.89 2.25 -50.04
N GLY A 76 33.75 2.94 -49.92
CA GLY A 76 33.69 4.40 -49.84
C GLY A 76 32.46 4.81 -49.05
N SER A 77 32.62 5.83 -48.22
CA SER A 77 31.51 6.29 -47.39
C SER A 77 31.37 7.77 -47.52
N ALA A 78 30.13 8.25 -47.35
CA ALA A 78 29.82 9.69 -47.30
C ALA A 78 28.47 9.92 -46.62
N SER A 79 28.34 11.08 -46.00
CA SER A 79 27.16 11.43 -45.28
C SER A 79 26.91 12.91 -45.42
N THR A 80 25.66 13.29 -45.23
CA THR A 80 25.30 14.68 -45.29
C THR A 80 23.98 14.89 -44.56
N SER A 81 23.77 16.09 -44.11
CA SER A 81 22.55 16.45 -43.49
C SER A 81 21.62 17.16 -44.50
N ALA A 82 22.16 17.52 -45.65
CA ALA A 82 21.35 18.01 -46.76
C ALA A 82 20.31 16.96 -47.26
N THR A 83 19.31 17.41 -47.98
CA THR A 83 18.31 16.52 -48.55
C THR A 83 18.03 16.94 -49.98
N GLY A 84 17.49 16.07 -50.79
CA GLY A 84 17.24 16.47 -52.14
C GLY A 84 18.18 15.96 -53.18
N GLU A 85 17.76 16.08 -54.40
CA GLU A 85 18.38 15.41 -55.50
C GLU A 85 19.79 15.76 -55.75
N ALA A 86 20.13 17.01 -55.64
CA ALA A 86 21.49 17.42 -55.81
C ALA A 86 22.32 16.90 -54.70
N ALA A 87 21.79 16.88 -53.51
CA ALA A 87 22.51 16.38 -52.37
C ALA A 87 22.80 14.94 -52.48
N ILE A 88 21.86 14.18 -52.93
CA ILE A 88 22.04 12.78 -53.09
C ILE A 88 23.07 12.49 -54.15
N ARG A 89 23.04 13.25 -55.22
CA ARG A 89 24.00 13.14 -56.25
C ARG A 89 25.38 13.50 -55.78
N GLU A 90 25.51 14.56 -55.02
CA GLU A 90 26.79 14.99 -54.53
C GLU A 90 27.48 14.04 -53.55
N THR A 91 26.69 13.49 -52.64
CA THR A 91 27.12 12.58 -51.57
C THR A 91 27.51 11.20 -52.09
N VAL A 92 26.67 10.61 -52.91
CA VAL A 92 27.03 9.41 -53.64
C VAL A 92 28.33 9.59 -54.46
N ALA A 93 28.44 10.66 -55.23
CA ALA A 93 29.65 10.93 -56.03
C ALA A 93 30.88 10.96 -55.14
N ALA A 94 30.75 11.50 -53.94
CA ALA A 94 31.87 11.52 -53.04
C ALA A 94 32.21 10.09 -52.58
N ALA A 95 31.24 9.33 -52.05
CA ALA A 95 31.52 7.95 -51.60
C ALA A 95 32.32 7.17 -52.66
N LEU A 96 31.93 7.34 -53.92
CA LEU A 96 32.62 6.72 -55.04
C LEU A 96 34.04 7.25 -55.40
N ALA A 97 34.27 8.56 -55.28
CA ALA A 97 35.60 9.09 -55.37
C ALA A 97 36.54 8.35 -54.41
N ILE A 98 36.05 8.11 -53.19
CA ILE A 98 36.83 7.34 -52.23
C ILE A 98 36.99 5.85 -52.66
N ALA A 99 35.84 5.21 -52.97
CA ALA A 99 35.85 3.80 -53.35
C ALA A 99 36.84 3.57 -54.49
N ARG A 100 36.79 4.40 -55.51
CA ARG A 100 37.65 4.18 -56.65
C ARG A 100 39.09 4.48 -56.40
N HIS A 101 39.45 5.15 -55.29
CA HIS A 101 40.87 5.52 -55.03
C HIS A 101 41.46 4.90 -53.75
N THR A 102 40.73 3.97 -53.12
CA THR A 102 41.21 3.18 -51.97
C THR A 102 41.36 1.75 -52.44
N SER A 103 41.86 0.87 -51.58
CA SER A 103 42.26 -0.46 -52.07
C SER A 103 41.22 -1.55 -51.83
N GLU A 104 41.44 -2.71 -52.43
CA GLU A 104 40.50 -3.84 -52.39
C GLU A 104 40.62 -4.60 -51.08
N ASP A 105 39.48 -4.84 -50.44
CA ASP A 105 39.44 -5.66 -49.26
C ASP A 105 38.75 -6.97 -49.58
N GLU A 106 39.40 -8.08 -49.29
CA GLU A 106 38.82 -9.39 -49.56
C GLU A 106 37.55 -9.64 -48.79
N CYS A 107 37.51 -9.18 -47.55
CA CYS A 107 36.36 -9.44 -46.70
C CYS A 107 35.23 -8.47 -46.96
N ALA A 108 35.47 -7.43 -47.75
CA ALA A 108 34.52 -6.34 -47.88
C ALA A 108 33.29 -6.68 -48.70
N GLY A 109 32.20 -5.95 -48.46
CA GLY A 109 30.92 -6.12 -49.12
C GLY A 109 29.78 -6.60 -48.24
N LEU A 110 28.55 -6.33 -48.69
CA LEU A 110 27.32 -6.69 -47.96
C LEU A 110 27.21 -8.16 -47.67
N ALA A 111 26.35 -8.52 -46.74
CA ALA A 111 25.95 -9.91 -46.52
C ALA A 111 25.19 -10.53 -47.76
N ASP A 112 25.18 -11.84 -47.90
CA ASP A 112 24.43 -12.41 -48.99
C ASP A 112 22.96 -12.04 -48.88
N ALA A 113 22.31 -11.91 -50.00
CA ALA A 113 20.90 -11.54 -50.01
C ALA A 113 19.96 -12.52 -49.26
N ALA A 114 20.28 -13.81 -49.20
CA ALA A 114 19.35 -14.78 -48.57
C ALA A 114 19.25 -14.48 -47.09
N LEU A 115 20.22 -13.70 -46.61
CA LEU A 115 20.33 -13.41 -45.18
C LEU A 115 19.52 -12.20 -44.71
N ALA A 117 16.63 -9.84 -43.47
CA ALA A 117 15.51 -10.16 -42.65
C ALA A 117 14.29 -10.32 -43.54
N ARG A 118 13.59 -11.44 -43.39
CA ARG A 118 12.37 -11.74 -44.16
C ARG A 118 11.20 -10.98 -43.57
N GLU A 119 11.20 -10.78 -42.27
CA GLU A 119 10.12 -10.03 -41.70
C GLU A 119 10.60 -9.41 -40.45
N LEU A 120 9.84 -8.42 -39.99
CA LEU A 120 10.25 -7.52 -38.93
C LEU A 120 9.13 -7.39 -37.89
N PRO A 121 9.32 -7.95 -36.71
CA PRO A 121 8.39 -7.69 -35.62
C PRO A 121 8.16 -6.22 -35.27
N GLU A 122 7.01 -5.92 -34.72
CA GLU A 122 6.64 -4.62 -34.22
C GLU A 122 7.05 -4.52 -32.80
N LEU A 123 7.99 -3.66 -32.58
CA LEU A 123 8.63 -3.55 -31.27
C LEU A 123 8.02 -2.47 -30.36
N ASP A 124 7.05 -1.69 -30.86
CA ASP A 124 6.35 -0.67 -30.06
C ASP A 124 7.38 0.18 -29.26
N LEU A 125 8.29 0.82 -29.97
CA LEU A 125 9.28 1.71 -29.36
C LEU A 125 8.87 3.22 -29.36
N TYR A 126 7.69 3.54 -29.88
CA TYR A 126 7.37 4.93 -30.14
C TYR A 126 6.20 5.38 -29.24
N HIS A 127 6.56 6.23 -28.29
CA HIS A 127 5.68 6.74 -27.33
C HIS A 127 5.98 8.20 -27.14
N PRO A 128 5.36 9.04 -27.97
CA PRO A 128 5.46 10.48 -27.81
C PRO A 128 4.98 10.88 -26.46
N TRP A 129 5.74 11.84 -25.89
CA TRP A 129 5.41 12.48 -24.64
C TRP A 129 4.86 13.88 -24.94
N SER A 130 3.62 14.12 -24.53
CA SER A 130 3.01 15.43 -24.69
C SER A 130 3.50 16.33 -23.57
N LEU A 131 4.60 17.03 -23.83
CA LEU A 131 5.28 17.72 -22.75
C LEU A 131 5.62 19.11 -23.23
N SER A 132 4.83 20.08 -22.73
CA SER A 132 5.03 21.47 -23.01
C SER A 132 6.30 21.94 -22.29
N PRO A 133 6.95 22.98 -22.82
CA PRO A 133 8.12 23.45 -22.15
C PRO A 133 7.80 23.95 -20.77
N GLU A 134 6.57 24.38 -20.61
CA GLU A 134 6.09 24.75 -19.26
C GLU A 134 6.11 23.57 -18.28
N GLN A 135 5.75 22.39 -18.74
CA GLN A 135 5.78 21.23 -17.84
C GLN A 135 7.23 20.70 -17.75
N ALA A 136 8.01 20.81 -18.82
CA ALA A 136 9.45 20.42 -18.74
C ALA A 136 10.20 21.21 -17.66
N VAL A 137 9.97 22.50 -17.62
CA VAL A 137 10.58 23.36 -16.60
C VAL A 137 9.94 23.11 -15.22
N GLU A 138 8.63 22.98 -15.16
CA GLU A 138 8.03 22.61 -13.90
C GLU A 138 8.71 21.38 -13.32
N ARG A 139 8.90 20.35 -14.12
CA ARG A 139 9.38 19.06 -13.56
C ARG A 139 10.85 19.11 -13.19
N ALA A 140 11.69 19.68 -14.09
CA ALA A 140 13.10 19.80 -13.86
C ALA A 140 13.32 20.52 -12.53
N LEU A 141 12.68 21.67 -12.37
CA LEU A 141 12.66 22.37 -11.07
C LEU A 141 12.05 21.51 -9.89
N ALA A 142 10.93 20.83 -10.05
CA ALA A 142 10.43 20.00 -8.93
C ALA A 142 11.50 18.95 -8.48
N CYS A 143 12.32 18.50 -9.43
CA CYS A 143 13.34 17.50 -9.16
C CYS A 143 14.42 18.10 -8.30
N GLU A 144 15.02 19.22 -8.73
CA GLU A 144 16.08 19.90 -7.97
C GLU A 144 15.53 20.21 -6.60
N ALA A 145 14.34 20.79 -6.55
CA ALA A 145 13.75 21.21 -5.27
C ALA A 145 13.59 19.97 -4.37
N ALA A 146 13.20 18.82 -4.93
CA ALA A 146 13.12 17.63 -4.05
C ALA A 146 14.49 17.22 -3.47
N ALA A 147 15.57 17.45 -4.26
CA ALA A 147 16.95 17.22 -3.82
C ALA A 147 17.27 18.05 -2.58
N PHE A 148 17.23 19.37 -2.76
CA PHE A 148 17.44 20.36 -1.68
C PHE A 148 16.56 20.04 -0.54
N ALA A 149 15.31 19.74 -0.80
CA ALA A 149 14.35 19.45 0.33
C ALA A 149 14.68 18.16 1.11
N ALA A 150 15.52 17.30 0.54
CA ALA A 150 15.77 15.99 1.10
C ALA A 150 16.78 15.91 2.24
N ASP A 151 17.75 16.83 2.28
CA ASP A 151 18.84 16.90 3.28
C ASP A 151 19.48 18.31 3.35
N LYS A 152 19.52 18.88 4.55
CA LYS A 152 19.99 20.24 4.76
C LYS A 152 21.36 20.41 4.18
N ARG A 153 22.14 19.33 4.08
CA ARG A 153 23.54 19.34 3.63
C ARG A 153 23.76 19.42 2.14
N VAL A 154 22.70 19.26 1.37
CA VAL A 154 22.84 19.43 -0.07
C VAL A 154 22.65 20.88 -0.33
N THR A 155 23.75 21.53 -0.62
CA THR A 155 23.77 22.98 -0.64
C THR A 155 23.87 23.52 -2.05
N LYS A 156 24.29 22.70 -3.02
CA LYS A 156 24.45 23.18 -4.41
C LYS A 156 23.89 22.18 -5.44
N ALA A 157 23.96 22.54 -6.72
CA ALA A 157 23.60 21.63 -7.80
C ALA A 157 24.53 21.85 -8.98
N ASP A 158 24.79 20.79 -9.74
CA ASP A 158 25.13 20.91 -11.14
C ASP A 158 23.82 20.68 -11.82
N GLY A 159 23.82 20.58 -13.14
CA GLY A 159 22.54 20.49 -13.87
C GLY A 159 21.51 19.48 -13.39
N THR A 160 20.25 19.80 -13.68
CA THR A 160 19.14 18.88 -13.72
C THR A 160 18.67 18.95 -15.19
N THR A 161 18.73 17.87 -15.93
CA THR A 161 18.34 17.89 -17.31
C THR A 161 17.22 16.97 -17.66
N LEU A 162 16.22 17.48 -18.34
CA LEU A 162 15.13 16.68 -18.78
C LEU A 162 15.17 16.59 -20.28
N ASN A 163 15.24 15.40 -20.81
CA ASN A 163 15.33 15.23 -22.24
C ASN A 163 14.21 14.37 -22.81
N THR A 164 13.54 14.86 -23.86
CA THR A 164 12.51 14.07 -24.44
C THR A 164 12.75 14.05 -25.94
N HIS A 165 12.83 12.90 -26.59
CA HIS A 165 13.12 12.89 -28.02
C HIS A 165 12.40 11.84 -28.77
N GLN A 166 12.16 12.11 -30.06
CA GLN A 166 11.56 11.19 -31.05
C GLN A 166 12.50 11.02 -32.22
N GLY A 167 12.58 9.79 -32.73
CA GLY A 167 13.33 9.52 -33.96
C GLY A 167 12.78 8.43 -34.86
N CYS A 168 13.20 8.49 -36.13
CA CYS A 168 12.96 7.45 -37.11
C CYS A 168 14.27 7.08 -37.77
N ARG A 169 14.51 5.78 -37.92
CA ARG A 169 15.68 5.30 -38.65
C ARG A 169 15.21 4.33 -39.75
N VAL A 170 15.75 4.53 -40.96
CA VAL A 170 15.57 3.59 -42.07
C VAL A 170 16.91 3.21 -42.66
N TYR A 171 17.05 1.94 -43.02
CA TYR A 171 18.28 1.35 -43.53
C TYR A 171 17.92 0.61 -44.78
N GLY A 172 18.78 0.61 -45.76
CA GLY A 172 18.52 -0.13 -46.94
C GLY A 172 19.79 -0.49 -47.64
N ASN A 173 19.71 -1.49 -48.47
CA ASN A 173 20.85 -1.86 -49.24
C ASN A 173 20.52 -2.27 -50.64
N SER A 174 21.53 -2.47 -51.44
CA SER A 174 21.36 -2.80 -52.82
C SER A 174 20.74 -4.17 -53.06
N HIS A 175 20.59 -4.94 -52.00
CA HIS A 175 20.00 -6.25 -52.08
C HIS A 175 18.55 -6.14 -52.02
N GLY A 176 18.05 -4.95 -51.97
CA GLY A 176 16.64 -4.76 -51.90
C GLY A 176 16.07 -4.67 -50.52
N PHE A 177 16.88 -4.79 -49.50
CA PHE A 177 16.35 -4.66 -48.19
C PHE A 177 16.04 -3.24 -47.84
N ILE A 178 14.89 -3.02 -47.25
CA ILE A 178 14.54 -1.69 -46.69
C ILE A 178 13.80 -1.96 -45.40
N GLY A 179 14.25 -1.36 -44.29
CA GLY A 179 13.62 -1.56 -42.97
C GLY A 179 13.71 -0.30 -42.14
N GLY A 180 12.69 -0.06 -41.30
CA GLY A 180 12.71 1.19 -40.54
C GLY A 180 11.74 1.19 -39.40
N TYR A 181 12.02 1.98 -38.38
CA TYR A 181 11.21 2.00 -37.15
C TYR A 181 11.28 3.42 -36.55
N ALA A 182 10.33 3.75 -35.72
CA ALA A 182 10.33 4.98 -34.98
C ALA A 182 10.42 4.63 -33.53
N SER A 183 11.03 5.52 -32.74
CA SER A 183 11.30 5.35 -31.33
C SER A 183 11.29 6.64 -30.55
N THR A 184 11.30 6.55 -29.23
CA THR A 184 11.30 7.67 -28.33
C THR A 184 12.25 7.37 -27.20
N ARG A 185 12.65 8.38 -26.48
CA ARG A 185 13.52 8.22 -25.34
C ARG A 185 13.41 9.43 -24.47
N HIS A 186 13.12 9.24 -23.22
CA HIS A 186 12.95 10.36 -22.34
C HIS A 186 13.78 10.09 -21.16
N SER A 187 14.37 11.11 -20.61
CA SER A 187 15.26 10.94 -19.49
C SER A 187 15.17 12.16 -18.65
N LEU A 188 15.62 12.06 -17.43
CA LEU A 188 15.68 13.16 -16.45
C LEU A 188 16.81 12.82 -15.54
N SER A 189 17.90 13.58 -15.63
CA SER A 189 19.06 13.39 -14.77
C SER A 189 19.25 14.58 -13.79
N CYS A 190 19.75 14.32 -12.59
CA CYS A 190 19.92 15.36 -11.58
C CYS A 190 21.29 15.20 -10.93
N VAL A 191 22.06 16.27 -10.84
CA VAL A 191 23.41 16.20 -10.28
C VAL A 191 23.58 17.24 -9.15
N ILE A 193 25.40 18.51 -5.24
CA ILE A 193 26.60 18.65 -4.46
C ILE A 193 26.21 18.83 -3.02
N ALA A 194 26.87 18.12 -2.13
CA ALA A 194 26.59 18.20 -0.72
C ALA A 194 27.85 18.41 0.06
N GLU A 195 27.72 19.08 1.20
CA GLU A 195 28.82 19.48 2.08
C GLU A 195 28.64 19.02 3.51
N GLY A 196 29.65 18.39 4.06
CA GLY A 196 29.63 17.96 5.45
C GLY A 196 30.91 17.29 5.82
N GLU A 197 31.14 17.13 7.11
CA GLU A 197 32.31 16.45 7.64
C GLU A 197 33.63 16.93 7.06
N GLY A 198 33.77 18.23 6.90
CA GLY A 198 34.98 18.80 6.38
C GLY A 198 35.19 18.62 4.91
N GLN A 199 34.15 18.25 4.21
CA GLN A 199 34.26 18.02 2.78
C GLN A 199 33.04 18.34 1.94
N GLN A 201 30.88 16.73 -1.41
CA GLN A 201 30.74 15.53 -2.25
C GLN A 201 29.65 15.61 -3.33
N ARG A 202 29.86 14.90 -4.43
CA ARG A 202 28.92 14.95 -5.52
C ARG A 202 28.40 13.61 -6.06
N ASP A 203 27.12 13.60 -6.45
CA ASP A 203 26.42 12.45 -7.00
C ASP A 203 25.18 12.86 -7.76
N TYR A 204 24.53 11.90 -8.40
CA TYR A 204 23.31 12.07 -9.18
C TYR A 204 22.51 10.84 -9.24
N TRP A 205 21.37 10.96 -9.88
CA TRP A 205 20.54 9.87 -10.22
C TRP A 205 19.87 10.26 -11.48
N TYR A 206 19.32 9.31 -12.19
CA TYR A 206 18.57 9.58 -13.42
C TYR A 206 17.72 8.42 -13.74
N ASP A 207 16.80 8.60 -14.68
CA ASP A 207 15.99 7.49 -15.23
C ASP A 207 15.85 7.68 -16.72
N VAL A 208 15.65 6.60 -17.46
CA VAL A 208 15.50 6.68 -18.91
C VAL A 208 14.36 5.76 -19.22
N ASN A 209 13.44 6.07 -20.12
CA ASN A 209 12.37 5.19 -20.48
C ASN A 209 11.89 5.64 -21.82
N ARG A 210 11.39 4.75 -22.63
CA ARG A 210 10.83 5.10 -23.94
C ARG A 210 9.48 5.79 -23.89
N ARG A 211 8.74 5.51 -22.83
CA ARG A 211 7.49 6.10 -22.49
C ARG A 211 7.81 7.04 -21.41
N GLY A 212 7.56 8.32 -21.58
CA GLY A 212 7.84 9.31 -20.58
C GLY A 212 7.10 9.10 -19.30
N GLU A 213 5.91 8.55 -19.41
CA GLU A 213 5.06 8.29 -18.29
C GLU A 213 5.58 7.27 -17.30
N ALA A 214 6.42 6.37 -17.81
CA ALA A 214 7.07 5.36 -17.02
C ALA A 214 8.32 5.83 -16.34
N LEU A 215 8.76 7.05 -16.58
CA LEU A 215 9.90 7.60 -15.83
C LEU A 215 9.53 7.63 -14.32
N ALA A 216 10.49 7.31 -13.46
CA ALA A 216 10.41 7.55 -12.04
C ALA A 216 10.08 9.02 -11.79
N SER A 217 9.25 9.31 -10.79
CA SER A 217 8.87 10.71 -10.53
C SER A 217 10.07 11.64 -10.39
N ALA A 218 9.89 12.91 -10.77
CA ALA A 218 10.98 13.89 -10.75
C ALA A 218 11.47 14.00 -9.31
N GLU A 219 10.52 13.85 -8.39
CA GLU A 219 10.86 13.96 -6.99
C GLU A 219 11.76 12.83 -6.57
N SER A 220 11.32 11.63 -6.92
CA SER A 220 12.06 10.43 -6.53
C SER A 220 13.48 10.57 -7.07
N ILE A 221 13.66 11.08 -8.27
CA ILE A 221 15.01 11.15 -8.84
C ILE A 221 15.86 12.15 -8.07
N GLY A 222 15.25 13.27 -7.72
CA GLY A 222 15.95 14.28 -6.94
C GLY A 222 16.36 13.81 -5.56
N ARG A 223 15.39 13.26 -4.78
CA ARG A 223 15.68 12.75 -3.43
C ARG A 223 16.87 11.84 -3.48
N ARG A 224 16.80 10.90 -4.40
CA ARG A 224 17.84 9.93 -4.58
C ARG A 224 19.22 10.57 -4.92
N ALA A 225 19.29 11.53 -5.83
CA ALA A 225 20.59 12.13 -6.14
C ALA A 225 21.14 12.75 -4.87
N ALA A 226 20.26 13.24 -4.01
CA ALA A 226 20.67 13.96 -2.83
C ALA A 226 21.18 13.01 -1.73
N GLU A 227 20.37 12.03 -1.38
CA GLU A 227 20.80 10.99 -0.45
C GLU A 227 22.18 10.45 -0.85
N ARG A 228 22.34 10.17 -2.12
CA ARG A 228 23.63 9.65 -2.58
C ARG A 228 24.79 10.60 -2.35
N ALA A 229 24.59 11.86 -2.68
CA ALA A 229 25.59 12.91 -2.44
C ALA A 229 25.99 13.01 -0.96
N ALA A 230 24.97 12.95 -0.09
CA ALA A 230 25.08 13.16 1.36
C ALA A 230 25.76 11.98 2.06
N SER A 231 25.48 10.79 1.57
CA SER A 231 26.06 9.60 2.10
C SER A 231 27.53 9.52 1.89
N ARG A 232 28.02 10.20 0.87
CA ARG A 232 29.43 10.23 0.64
C ARG A 232 30.25 11.09 1.58
N LEU A 233 29.60 11.99 2.30
CA LEU A 233 30.28 12.92 3.19
C LEU A 233 31.05 12.14 4.24
N GLY A 234 32.34 12.43 4.35
CA GLY A 234 33.18 11.77 5.36
C GLY A 234 33.92 10.57 4.81
N ALA A 235 33.98 10.45 3.50
CA ALA A 235 34.70 9.38 2.86
C ALA A 235 36.17 9.38 3.20
N ARG A 236 36.73 8.22 3.41
CA ARG A 236 38.13 8.09 3.68
C ARG A 236 38.65 6.82 3.08
N PRO A 237 39.97 6.74 2.89
CA PRO A 237 40.58 5.52 2.38
C PRO A 237 40.46 4.38 3.37
N VAL A 238 40.96 3.24 2.97
CA VAL A 238 41.04 2.09 3.83
C VAL A 238 42.38 1.48 3.72
N GLN A 239 42.63 0.57 4.63
CA GLN A 239 43.87 -0.17 4.65
C GLN A 239 43.97 -1.08 3.46
N THR A 240 45.15 -1.11 2.86
CA THR A 240 45.36 -1.93 1.71
C THR A 240 45.11 -3.38 2.07
N ALA A 241 44.25 -4.04 1.33
CA ALA A 241 43.91 -5.41 1.61
C ALA A 241 43.17 -6.09 0.48
N GLU A 242 43.26 -7.39 0.44
CA GLU A 242 42.57 -8.16 -0.55
C GLU A 242 41.30 -8.59 0.12
N VAL A 243 40.18 -8.13 -0.38
CA VAL A 243 38.89 -8.40 0.21
C VAL A 243 37.93 -8.55 -0.92
N PRO A 244 36.72 -8.97 -0.61
CA PRO A 244 35.62 -9.06 -1.52
C PRO A 244 35.06 -7.71 -1.88
N VAL A 245 34.60 -7.59 -3.10
CA VAL A 245 34.14 -6.34 -3.60
C VAL A 245 32.77 -6.55 -4.14
N LEU A 246 31.85 -5.66 -3.85
CA LEU A 246 30.47 -5.75 -4.36
C LEU A 246 30.23 -4.59 -5.30
N PHE A 247 29.94 -4.88 -6.57
CA PHE A 247 29.65 -3.82 -7.48
C PHE A 247 28.19 -3.50 -7.52
N ALA A 248 27.86 -2.24 -7.34
CA ALA A 248 26.54 -1.74 -7.55
C ALA A 248 26.09 -2.01 -9.00
N PRO A 249 24.79 -2.16 -9.18
CA PRO A 249 24.35 -2.59 -10.50
C PRO A 249 24.83 -1.70 -11.63
N GLU A 250 24.82 -0.41 -11.43
CA GLU A 250 25.21 0.51 -12.48
C GLU A 250 26.76 0.53 -12.76
N ILE A 251 27.56 0.03 -11.83
CA ILE A 251 28.95 -0.15 -12.12
C ILE A 251 29.20 -1.57 -12.68
N ALA A 252 28.38 -2.54 -12.24
CA ALA A 252 28.38 -3.90 -12.76
C ALA A 252 28.23 -3.83 -14.27
N VAL A 253 27.40 -2.91 -14.74
CA VAL A 253 27.12 -2.81 -16.13
C VAL A 253 28.40 -2.60 -16.87
N GLY A 254 29.24 -1.71 -16.40
CA GLY A 254 30.49 -1.41 -17.11
C GLY A 254 31.40 -2.60 -17.20
N LEU A 255 31.29 -3.51 -16.25
CA LEU A 255 32.17 -4.66 -16.20
C LEU A 255 31.81 -5.56 -17.33
N PHE A 256 30.58 -6.00 -17.32
CA PHE A 256 30.14 -6.76 -18.44
C PHE A 256 30.35 -6.04 -19.76
N GLY A 257 30.30 -4.72 -19.79
CA GLY A 257 30.72 -4.04 -20.99
C GLY A 257 32.12 -4.44 -21.47
N HIS A 258 33.05 -4.65 -20.54
CA HIS A 258 34.40 -5.02 -20.91
C HIS A 258 34.39 -6.40 -21.46
N PHE A 259 33.51 -7.24 -20.92
CA PHE A 259 33.28 -8.59 -21.47
C PHE A 259 32.82 -8.54 -22.93
N LEU A 260 31.79 -7.73 -23.18
CA LEU A 260 31.27 -7.58 -24.50
C LEU A 260 32.33 -7.09 -25.43
N GLY A 261 33.07 -6.06 -25.03
CA GLY A 261 34.06 -5.49 -25.93
C GLY A 261 35.01 -6.58 -26.33
N ALA A 262 35.37 -7.42 -25.34
CA ALA A 262 36.39 -8.46 -25.52
C ALA A 262 35.92 -9.60 -26.39
N ILE A 263 34.60 -9.75 -26.56
CA ILE A 263 34.09 -10.81 -27.44
C ILE A 263 33.49 -10.25 -28.71
N SER A 264 33.81 -9.01 -29.04
CA SER A 264 33.35 -8.44 -30.31
C SER A 264 34.36 -8.63 -31.44
N GLY A 265 33.83 -8.86 -32.62
CA GLY A 265 34.66 -9.10 -33.76
C GLY A 265 35.87 -8.19 -33.90
N GLY A 266 35.67 -6.88 -33.72
CA GLY A 266 36.72 -5.90 -33.90
C GLY A 266 37.91 -6.18 -33.02
N SER A 267 37.65 -6.36 -31.74
CA SER A 267 38.72 -6.68 -30.81
C SER A 267 39.41 -7.98 -31.21
N LEU A 268 38.58 -8.96 -31.63
CA LEU A 268 39.09 -10.29 -31.83
C LEU A 268 40.04 -10.27 -32.98
N TYR A 269 39.71 -9.63 -34.08
CA TYR A 269 40.52 -9.84 -35.28
C TYR A 269 41.68 -8.87 -35.32
N ARG A 270 41.54 -7.80 -34.57
CA ARG A 270 42.69 -6.93 -34.32
C ARG A 270 43.67 -7.51 -33.31
N LYS A 271 43.42 -8.74 -32.85
CA LYS A 271 44.26 -9.38 -31.86
C LYS A 271 44.50 -8.40 -30.71
N SER A 272 43.39 -7.92 -30.16
CA SER A 272 43.42 -6.97 -29.08
C SER A 272 42.37 -7.35 -28.08
N SER A 273 42.30 -8.65 -27.75
CA SER A 273 41.31 -9.12 -26.78
C SER A 273 41.78 -10.27 -25.93
N PHE A 274 41.63 -10.13 -24.64
CA PHE A 274 42.02 -11.16 -23.72
C PHE A 274 41.18 -12.43 -23.88
N LEU A 275 40.06 -12.28 -24.52
CA LEU A 275 39.13 -13.35 -24.69
C LEU A 275 39.20 -14.05 -26.03
N GLU A 276 40.22 -13.70 -26.77
CA GLU A 276 40.42 -14.23 -28.06
C GLU A 276 40.71 -15.67 -27.92
N GLY A 277 40.00 -16.48 -28.69
CA GLY A 277 40.09 -17.89 -28.62
C GLY A 277 39.29 -18.55 -27.54
N ALA A 278 38.53 -17.79 -26.80
CA ALA A 278 37.84 -18.32 -25.65
C ALA A 278 36.53 -19.02 -25.94
N LEU A 279 36.08 -19.00 -27.16
CA LEU A 279 34.91 -19.80 -27.49
C LEU A 279 35.07 -21.19 -26.89
N GLY A 280 34.04 -21.61 -26.16
CA GLY A 280 33.99 -22.96 -25.65
C GLY A 280 34.64 -23.10 -24.28
N GLN A 281 35.05 -21.98 -23.69
CA GLN A 281 35.69 -21.99 -22.35
C GLN A 281 34.75 -21.58 -21.23
N ARG A 282 35.04 -22.06 -20.04
CA ARG A 282 34.37 -21.62 -18.85
C ARG A 282 34.96 -20.27 -18.39
N LEU A 283 34.24 -19.20 -18.66
CA LEU A 283 34.72 -17.92 -18.20
C LEU A 283 34.04 -17.46 -16.97
N PHE A 284 32.90 -18.08 -16.64
CA PHE A 284 32.08 -17.71 -15.47
C PHE A 284 31.63 -18.92 -14.69
N PRO A 285 31.05 -18.75 -13.49
CA PRO A 285 30.43 -19.85 -12.73
C PRO A 285 29.39 -20.58 -13.49
N GLU A 286 29.33 -21.89 -13.26
CA GLU A 286 28.37 -22.81 -13.92
C GLU A 286 26.95 -22.24 -13.94
N TRP A 287 26.55 -21.59 -12.86
CA TRP A 287 25.17 -21.08 -12.77
C TRP A 287 24.89 -19.77 -13.57
N LEU A 288 25.94 -19.15 -14.09
CA LEU A 288 25.81 -17.86 -14.75
C LEU A 288 25.56 -17.92 -16.25
N SER A 289 24.52 -17.30 -16.73
CA SER A 289 24.24 -17.24 -18.19
C SER A 289 24.07 -15.79 -18.66
N ILE A 290 24.49 -15.55 -19.90
CA ILE A 290 24.35 -14.23 -20.50
C ILE A 290 23.68 -14.38 -21.87
N ASP A 291 22.59 -13.64 -22.08
CA ASP A 291 21.80 -13.89 -23.27
C ASP A 291 21.13 -12.64 -23.71
N GLU A 292 20.81 -12.60 -24.98
CA GLU A 292 20.33 -11.36 -25.65
C GLU A 292 18.88 -11.56 -26.09
N ARG A 293 18.05 -10.55 -25.96
CA ARG A 293 16.62 -10.64 -26.31
C ARG A 293 16.11 -9.40 -27.11
N PRO A 294 16.43 -9.34 -28.39
CA PRO A 294 16.34 -8.11 -29.16
C PRO A 294 14.91 -7.67 -29.47
N HIS A 295 13.96 -8.56 -29.21
CA HIS A 295 12.57 -8.28 -29.63
C HIS A 295 11.64 -7.87 -28.47
N LEU A 296 12.19 -7.54 -27.33
CA LEU A 296 11.35 -7.13 -26.25
C LEU A 296 10.59 -5.89 -26.61
N VAL A 297 9.28 -5.95 -26.38
CA VAL A 297 8.43 -4.82 -26.68
C VAL A 297 8.73 -3.61 -25.79
N GLY A 298 9.05 -2.46 -26.39
CA GLY A 298 9.24 -1.21 -25.61
C GLY A 298 10.58 -1.04 -24.92
N ALA A 299 11.44 -2.01 -24.99
CA ALA A 299 12.71 -1.97 -24.37
C ALA A 299 13.68 -0.97 -24.99
N LEU A 300 14.58 -0.45 -24.18
CA LEU A 300 15.52 0.56 -24.63
C LEU A 300 16.60 0.05 -25.55
N GLY A 301 16.77 -1.22 -25.68
CA GLY A 301 17.77 -1.75 -26.61
C GLY A 301 17.23 -2.63 -27.75
N SER A 302 15.91 -2.75 -27.87
CA SER A 302 15.34 -3.60 -28.89
C SER A 302 15.71 -3.21 -30.34
N ALA A 303 15.87 -4.16 -31.23
CA ALA A 303 16.08 -3.90 -32.63
C ALA A 303 15.71 -5.18 -33.42
N SER A 304 15.02 -5.03 -34.55
CA SER A 304 14.63 -6.13 -35.35
C SER A 304 15.57 -6.49 -36.45
N PHE A 305 16.67 -5.75 -36.62
CA PHE A 305 17.66 -6.14 -37.63
C PHE A 305 18.95 -5.52 -37.36
N ASP A 306 20.04 -6.11 -37.76
CA ASP A 306 21.33 -5.53 -37.45
C ASP A 306 21.77 -4.61 -38.53
N SER A 307 22.97 -4.04 -38.43
CA SER A 307 23.47 -3.04 -39.35
C SER A 307 23.81 -3.64 -40.65
N ASP A 308 23.74 -4.94 -40.79
CA ASP A 308 23.88 -5.53 -42.11
C ASP A 308 22.53 -5.82 -42.74
N GLY A 309 21.47 -5.68 -41.93
CA GLY A 309 20.12 -6.05 -42.31
C GLY A 309 19.78 -7.50 -42.08
N LEU A 310 20.58 -8.23 -41.31
CA LEU A 310 20.18 -9.57 -40.91
C LEU A 310 19.11 -9.41 -39.87
N ALA A 311 18.13 -10.32 -39.84
CA ALA A 311 17.17 -10.40 -38.71
C ALA A 311 17.94 -10.66 -37.45
N THR A 312 17.64 -9.89 -36.39
CA THR A 312 18.18 -10.19 -35.03
C THR A 312 17.39 -11.38 -34.45
N TYR A 313 18.03 -12.14 -33.58
CA TYR A 313 17.37 -13.19 -32.82
C TYR A 313 17.96 -13.40 -31.40
N ALA A 314 17.06 -13.74 -30.48
CA ALA A 314 17.38 -14.16 -29.14
C ALA A 314 18.45 -15.26 -29.20
N LYS A 315 19.47 -15.18 -28.32
CA LYS A 315 20.55 -16.17 -28.27
C LYS A 315 21.38 -15.96 -27.06
N PRO A 316 22.05 -17.03 -26.58
CA PRO A 316 23.03 -16.88 -25.50
C PRO A 316 24.45 -16.57 -26.01
N PHE A 317 25.17 -15.86 -25.17
CA PHE A 317 26.60 -15.72 -25.34
C PHE A 317 27.41 -16.54 -24.29
N VAL A 318 26.82 -16.72 -23.12
CA VAL A 318 27.39 -17.52 -22.05
C VAL A 318 26.31 -18.44 -21.60
N GLU A 319 26.64 -19.71 -21.51
CA GLU A 319 25.65 -20.69 -21.14
C GLU A 319 26.26 -21.58 -20.10
N ASN A 320 25.62 -21.63 -18.94
CA ASN A 320 26.16 -22.34 -17.80
C ASN A 320 27.64 -22.09 -17.62
N GLY A 321 28.03 -20.85 -17.63
CA GLY A 321 29.38 -20.49 -17.37
C GLY A 321 30.25 -20.44 -18.60
N GLU A 322 29.77 -21.00 -19.69
CA GLU A 322 30.59 -21.23 -20.85
C GLU A 322 30.29 -20.25 -21.96
N LEU A 323 31.35 -19.75 -22.57
CA LEU A 323 31.23 -18.86 -23.71
C LEU A 323 30.88 -19.69 -24.91
N VAL A 324 29.63 -19.56 -25.36
CA VAL A 324 29.15 -20.27 -26.53
C VAL A 324 29.00 -19.34 -27.78
N SER A 325 29.28 -18.06 -27.69
CA SER A 325 29.19 -17.25 -28.87
C SER A 325 29.94 -15.94 -28.81
N TYR A 326 30.67 -15.57 -29.83
CA TYR A 326 31.17 -14.19 -29.92
C TYR A 326 30.05 -13.27 -30.46
N VAL A 327 30.31 -11.97 -30.52
CA VAL A 327 29.39 -10.97 -31.05
C VAL A 327 29.93 -10.43 -32.37
N LEU A 328 29.34 -10.87 -33.48
CA LEU A 328 29.92 -10.68 -34.81
C LEU A 328 28.90 -10.22 -35.87
N GLY A 329 29.40 -9.35 -36.73
CA GLY A 329 28.71 -8.97 -37.93
C GLY A 329 29.40 -9.68 -39.07
N THR A 330 28.87 -9.46 -40.25
CA THR A 330 29.38 -10.09 -41.43
C THR A 330 30.88 -9.85 -41.60
N TYR A 331 31.30 -8.59 -41.56
CA TYR A 331 32.70 -8.32 -41.80
C TYR A 331 33.58 -8.94 -40.68
N SER A 332 33.08 -8.94 -39.43
CA SER A 332 33.81 -9.65 -38.32
C SER A 332 34.02 -11.14 -38.64
N GLY A 333 32.95 -11.76 -39.10
CA GLY A 333 32.94 -13.18 -39.36
C GLY A 333 33.94 -13.53 -40.44
N ARG A 334 33.91 -12.80 -41.52
CA ARG A 334 34.84 -13.05 -42.60
C ARG A 334 36.26 -12.95 -42.10
N LYS A 335 36.53 -11.89 -41.34
CA LYS A 335 37.86 -11.73 -40.79
C LYS A 335 38.32 -12.91 -39.97
N LEU A 336 37.40 -13.55 -39.25
CA LEU A 336 37.74 -14.62 -38.31
C LEU A 336 37.44 -16.02 -38.83
N GLY A 337 36.82 -16.10 -40.01
CA GLY A 337 36.48 -17.38 -40.61
C GLY A 337 35.29 -17.95 -39.88
N LEU A 338 34.38 -17.10 -39.42
CA LEU A 338 33.20 -17.55 -38.72
C LEU A 338 31.92 -16.89 -39.25
N PRO A 339 30.75 -17.43 -38.85
CA PRO A 339 29.50 -16.82 -39.23
C PRO A 339 29.20 -15.60 -38.44
N SER A 340 28.43 -14.67 -38.99
CA SER A 340 27.87 -13.54 -38.26
C SER A 340 26.83 -14.05 -37.29
N THR A 341 26.72 -13.36 -36.18
CA THR A 341 25.79 -13.72 -35.13
C THR A 341 24.68 -12.68 -35.18
N ALA A 342 24.50 -12.08 -36.36
CA ALA A 342 23.43 -11.12 -36.54
C ALA A 342 23.57 -10.02 -35.46
N ASN A 343 24.82 -9.58 -35.21
CA ASN A 343 25.14 -8.57 -34.17
C ASN A 343 26.03 -7.48 -34.77
N ALA A 344 25.88 -7.23 -36.05
CA ALA A 344 26.56 -6.11 -36.64
C ALA A 344 25.91 -4.87 -36.00
N GLY A 345 26.69 -4.14 -35.18
CA GLY A 345 26.18 -3.02 -34.37
C GLY A 345 25.90 -3.41 -32.92
N GLY A 346 26.35 -4.59 -32.52
CA GLY A 346 26.31 -4.92 -31.11
C GLY A 346 25.09 -5.67 -30.63
N VAL A 347 24.93 -5.80 -29.33
CA VAL A 347 23.89 -6.62 -28.78
C VAL A 347 22.71 -5.77 -28.49
N HIS A 348 21.56 -6.42 -28.21
CA HIS A 348 20.35 -5.70 -27.89
C HIS A 348 19.54 -6.36 -26.79
N ASN A 349 19.45 -5.67 -25.67
CA ASN A 349 18.78 -6.13 -24.48
C ASN A 349 19.50 -7.31 -23.95
N LEU A 350 20.67 -7.10 -23.38
CA LEU A 350 21.45 -8.17 -22.78
C LEU A 350 21.08 -8.45 -21.33
N PHE A 351 21.06 -9.70 -20.93
CA PHE A 351 20.72 -10.08 -19.55
C PHE A 351 21.74 -11.03 -18.93
N VAL A 352 22.17 -10.70 -17.70
CA VAL A 352 22.92 -11.60 -16.83
C VAL A 352 21.97 -12.27 -15.85
N SER A 353 22.08 -13.59 -15.75
CA SER A 353 21.19 -14.35 -14.89
C SER A 353 21.58 -14.11 -13.46
N HIS A 354 20.63 -14.22 -12.53
CA HIS A 354 20.87 -13.80 -11.15
C HIS A 354 20.11 -14.66 -10.18
N GLY A 355 20.52 -14.59 -8.92
CA GLY A 355 19.86 -15.29 -7.83
C GLY A 355 18.71 -14.49 -7.30
N ASP A 356 18.31 -14.77 -6.07
CA ASP A 356 17.15 -14.19 -5.43
C ASP A 356 17.54 -13.15 -4.31
N GLU A 357 18.82 -12.83 -4.21
CA GLU A 357 19.29 -11.92 -3.17
C GLU A 357 19.36 -10.51 -3.66
N ASP A 358 18.97 -9.57 -2.81
CA ASP A 358 19.05 -8.12 -3.10
C ASP A 358 20.33 -7.51 -2.56
N GLN A 359 20.58 -6.24 -2.82
CA GLN A 359 21.85 -5.71 -2.42
C GLN A 359 22.01 -5.92 -0.93
N ALA A 360 20.99 -5.63 -0.14
CA ALA A 360 21.11 -5.80 1.32
C ALA A 360 21.53 -7.23 1.67
N ALA A 361 20.91 -8.19 1.00
CA ALA A 361 21.24 -9.60 1.25
C ALA A 361 22.70 -9.83 0.93
N LEU A 362 23.15 -9.28 -0.21
CA LEU A 362 24.52 -9.48 -0.68
C LEU A 362 25.51 -8.83 0.24
N ILE A 363 25.18 -7.65 0.77
CA ILE A 363 26.03 -7.02 1.77
C ILE A 363 26.21 -7.92 2.97
N ARG A 364 25.09 -8.52 3.44
CA ARG A 364 25.13 -9.48 4.55
C ARG A 364 25.99 -10.69 4.23
N ARG A 365 25.78 -11.26 3.10
CA ARG A 365 26.58 -12.35 2.66
C ARG A 365 28.05 -12.04 2.52
N GLU A 367 29.74 -10.09 4.31
CA GLU A 367 30.18 -10.01 5.68
C GLU A 367 31.10 -8.86 5.83
N ARG A 368 32.18 -8.86 5.07
CA ARG A 368 33.14 -7.79 5.15
C ARG A 368 33.75 -7.49 3.77
N GLY A 369 34.05 -6.25 3.51
CA GLY A 369 34.60 -5.81 2.21
C GLY A 369 34.11 -4.44 1.68
N LEU A 370 34.30 -4.23 0.38
CA LEU A 370 34.11 -2.93 -0.26
C LEU A 370 32.96 -3.01 -1.22
N LEU A 371 31.98 -2.14 -0.99
CA LEU A 371 30.86 -1.96 -1.91
C LEU A 371 31.26 -0.83 -2.81
N VAL A 372 31.30 -1.06 -4.11
CA VAL A 372 31.76 0.01 -5.01
C VAL A 372 30.55 0.62 -5.63
N THR A 373 30.42 1.95 -5.54
CA THR A 373 29.35 2.67 -6.21
C THR A 373 29.88 3.70 -7.21
N GLU A 374 31.18 3.81 -7.35
CA GLU A 374 31.77 4.63 -8.39
C GLU A 374 33.17 4.24 -8.79
N LEU A 375 33.49 4.36 -10.07
CA LEU A 375 34.80 4.05 -10.52
C LEU A 375 35.36 5.19 -11.27
N GLY A 377 38.65 6.66 -13.83
CA GLY A 377 39.82 6.38 -14.62
C GLY A 377 39.70 5.37 -15.73
N GLN A 378 40.65 5.43 -16.64
CA GLN A 378 40.77 4.49 -17.72
C GLN A 378 41.72 3.37 -17.40
N GLY A 379 41.41 2.54 -16.44
CA GLY A 379 42.35 1.53 -16.00
C GLY A 379 42.20 0.11 -16.50
N VAL A 380 41.45 -0.07 -17.56
CA VAL A 380 41.18 -1.38 -18.10
C VAL A 380 41.90 -1.58 -19.40
N ASN A 381 42.66 -2.65 -19.48
CA ASN A 381 43.33 -3.00 -20.70
C ASN A 381 42.59 -4.16 -21.27
N LEU A 382 41.95 -3.94 -22.38
CA LEU A 382 41.25 -5.00 -23.03
C LEU A 382 42.10 -6.10 -23.66
N VAL A 383 43.29 -5.76 -24.10
CA VAL A 383 44.19 -6.69 -24.68
C VAL A 383 44.66 -7.73 -23.72
N THR A 384 44.95 -7.36 -22.50
CA THR A 384 45.42 -8.32 -21.53
C THR A 384 44.51 -8.69 -20.36
N GLY A 385 43.41 -8.00 -20.22
CA GLY A 385 42.48 -8.22 -19.14
C GLY A 385 42.86 -7.56 -17.83
N ASP A 386 43.94 -6.81 -17.88
CA ASP A 386 44.46 -6.16 -16.69
C ASP A 386 43.59 -4.96 -16.32
N TYR A 387 43.26 -4.86 -15.04
CA TYR A 387 42.23 -3.94 -14.57
C TYR A 387 42.68 -3.28 -13.31
N SER A 388 42.67 -1.95 -13.28
CA SER A 388 42.99 -1.18 -12.08
C SER A 388 42.33 0.15 -12.17
N ARG A 389 41.39 0.41 -11.28
CA ARG A 389 40.69 1.66 -11.33
C ARG A 389 40.48 2.34 -9.96
N GLY A 390 40.54 3.67 -9.94
CA GLY A 390 40.07 4.41 -8.77
C GLY A 390 38.65 3.98 -8.43
N ALA A 391 38.27 4.05 -7.15
CA ALA A 391 36.92 3.60 -6.70
C ALA A 391 36.42 4.35 -5.49
N ALA A 392 35.12 4.44 -5.34
CA ALA A 392 34.52 5.08 -4.16
C ALA A 392 33.29 4.25 -3.76
N GLY A 393 32.87 4.37 -2.53
CA GLY A 393 31.67 3.61 -2.12
C GLY A 393 31.55 3.60 -0.61
N TYR A 394 31.34 2.41 -0.05
CA TYR A 394 31.21 2.22 1.40
C TYR A 394 31.95 0.97 1.82
N TRP A 395 32.58 1.01 2.98
CA TRP A 395 33.13 -0.22 3.60
C TRP A 395 32.07 -1.04 4.35
N VAL A 396 32.20 -2.36 4.25
CA VAL A 396 31.30 -3.20 4.97
C VAL A 396 32.06 -3.97 6.03
N GLU A 397 31.42 -4.17 7.18
CA GLU A 397 31.84 -5.14 8.21
C GLU A 397 30.69 -5.59 9.09
N ASN A 398 30.78 -6.82 9.58
CA ASN A 398 29.66 -7.48 10.26
C ASN A 398 28.36 -7.39 9.49
N GLY A 399 28.46 -7.55 8.17
CA GLY A 399 27.30 -7.48 7.29
C GLY A 399 26.59 -6.14 7.24
N GLU A 400 27.26 -5.03 7.55
CA GLU A 400 26.63 -3.72 7.43
C GLU A 400 27.58 -2.69 6.82
N ILE A 401 27.00 -1.60 6.35
CA ILE A 401 27.77 -0.51 5.80
C ILE A 401 28.27 0.27 6.99
N GLN A 402 29.59 0.42 7.09
CA GLN A 402 30.16 1.07 8.26
C GLN A 402 30.36 2.50 7.90
N PHE A 403 30.93 2.77 6.73
CA PHE A 403 31.27 4.18 6.40
C PHE A 403 31.66 4.36 4.93
N PRO A 404 31.62 5.59 4.48
CA PRO A 404 31.98 5.83 3.08
C PRO A 404 33.50 5.83 2.80
N VAL A 405 33.85 5.43 1.60
CA VAL A 405 35.23 5.22 1.20
C VAL A 405 35.52 5.99 -0.07
N GLN A 406 36.74 6.50 -0.19
CA GLN A 406 37.16 7.17 -1.41
C GLN A 406 38.60 7.02 -1.41
N GLU A 407 39.24 7.51 -2.48
CA GLU A 407 40.70 7.47 -2.64
C GLU A 407 41.29 6.10 -2.42
N VAL A 408 40.67 5.09 -3.04
CA VAL A 408 41.20 3.70 -3.08
C VAL A 408 41.26 3.27 -4.55
N THR A 409 42.07 2.27 -4.87
CA THR A 409 42.02 1.69 -6.21
C THR A 409 41.73 0.20 -6.05
N ILE A 410 41.12 -0.40 -7.07
CA ILE A 410 40.83 -1.84 -7.10
C ILE A 410 41.53 -2.46 -8.30
N ALA A 411 42.07 -3.66 -8.11
CA ALA A 411 42.86 -4.36 -9.14
C ALA A 411 42.53 -5.88 -9.23
N ALA A 412 42.64 -6.41 -10.45
CA ALA A 412 42.54 -7.85 -10.71
C ALA A 412 42.65 -8.04 -12.21
N ASN A 413 42.82 -9.26 -12.66
CA ASN A 413 42.62 -9.51 -14.07
C ASN A 413 41.18 -9.90 -14.23
N LEU A 414 40.55 -9.40 -15.29
CA LEU A 414 39.15 -9.69 -15.55
C LEU A 414 38.90 -11.17 -15.70
N ARG A 415 39.84 -11.83 -16.35
CA ARG A 415 39.76 -13.27 -16.54
C ARG A 415 39.44 -13.94 -15.20
N ASP A 416 40.20 -13.59 -14.16
CA ASP A 416 40.04 -14.17 -12.81
C ASP A 416 38.80 -13.55 -12.16
N LEU A 417 38.60 -12.28 -12.38
CA LEU A 417 37.52 -11.64 -11.75
C LEU A 417 36.22 -12.40 -12.09
N PHE A 418 35.95 -12.58 -13.40
CA PHE A 418 34.75 -13.24 -13.84
C PHE A 418 34.60 -14.65 -13.26
N ARG A 419 35.70 -15.39 -13.19
CA ARG A 419 35.66 -16.68 -12.53
C ARG A 419 35.29 -16.59 -11.04
N ARG A 420 35.61 -15.47 -10.41
CA ARG A 420 35.43 -15.33 -8.97
C ARG A 420 34.06 -14.74 -8.59
N ILE A 421 33.16 -14.55 -9.54
CA ILE A 421 31.87 -14.03 -9.18
C ILE A 421 31.15 -15.01 -8.26
N VAL A 422 30.78 -14.51 -7.11
CA VAL A 422 30.12 -15.32 -6.11
C VAL A 422 28.60 -15.31 -6.27
N ALA A 423 28.02 -14.17 -6.64
CA ALA A 423 26.57 -14.09 -6.92
C ALA A 423 26.22 -12.91 -7.80
N VAL A 424 25.03 -12.90 -8.34
CA VAL A 424 24.52 -11.75 -9.01
C VAL A 424 23.14 -11.49 -8.48
N GLY A 425 22.93 -10.30 -7.99
CA GLY A 425 21.70 -9.88 -7.40
C GLY A 425 20.53 -9.57 -8.28
N LYS A 426 19.38 -9.64 -7.67
CA LYS A 426 18.16 -9.37 -8.32
C LYS A 426 17.85 -7.91 -8.34
N ASP A 427 18.76 -7.09 -7.86
CA ASP A 427 18.57 -5.67 -7.98
C ASP A 427 19.03 -5.12 -9.31
N ILE A 428 18.29 -5.46 -10.34
CA ILE A 428 18.56 -5.19 -11.73
C ILE A 428 18.34 -3.81 -12.33
N GLU A 429 19.42 -3.34 -12.94
CA GLU A 429 19.43 -2.06 -13.61
C GLU A 429 18.55 -2.16 -14.84
N ARG A 430 17.76 -1.13 -15.04
CA ARG A 430 16.87 -1.02 -16.19
C ARG A 430 17.06 0.20 -17.09
N ARG A 431 18.12 0.93 -16.98
CA ARG A 431 18.21 2.17 -17.70
C ARG A 431 19.07 2.14 -19.00
N GLY A 432 19.33 0.98 -19.51
CA GLY A 432 20.06 0.85 -20.72
C GLY A 432 19.89 -0.53 -21.32
N ASN A 433 20.94 -0.97 -21.97
CA ASN A 433 20.98 -2.14 -22.81
C ASN A 433 21.49 -3.40 -22.13
N LEU A 434 21.82 -3.30 -20.85
CA LEU A 434 22.52 -4.38 -20.15
C LEU A 434 21.90 -4.53 -18.74
N HIS A 435 21.12 -5.57 -18.54
CA HIS A 435 20.49 -5.75 -17.26
C HIS A 435 21.24 -6.69 -16.37
N THR A 436 21.97 -6.11 -15.44
CA THR A 436 22.65 -6.83 -14.41
C THR A 436 22.13 -6.37 -13.05
N GLY A 437 22.21 -7.25 -12.05
CA GLY A 437 22.04 -6.83 -10.66
C GLY A 437 23.42 -6.54 -10.11
N SER A 438 23.53 -6.38 -8.79
CA SER A 438 24.83 -6.20 -8.13
C SER A 438 25.67 -7.47 -8.19
N VAL A 439 26.97 -7.27 -8.29
CA VAL A 439 27.90 -8.37 -8.56
C VAL A 439 28.89 -8.49 -7.43
N LEU A 440 28.84 -9.63 -6.74
CA LEU A 440 29.73 -9.93 -5.62
C LEU A 440 30.94 -10.70 -6.15
N VAL A 441 32.13 -10.15 -5.99
CA VAL A 441 33.35 -10.81 -6.44
C VAL A 441 34.08 -11.36 -5.21
N GLU A 442 34.55 -12.59 -5.27
CA GLU A 442 35.16 -13.24 -4.15
C GLU A 442 36.24 -12.39 -3.51
N SER A 443 37.17 -11.88 -4.31
CA SER A 443 38.27 -11.06 -3.77
C SER A 443 38.90 -10.25 -4.87
N VAL A 446 42.30 -4.35 -3.04
CA VAL A 446 41.92 -2.97 -2.70
C VAL A 446 43.10 -2.24 -2.08
N ALA A 447 43.54 -1.13 -2.70
CA ALA A 447 44.74 -0.40 -2.25
C ALA A 447 44.44 1.06 -1.84
N GLY A 448 44.94 1.49 -0.66
CA GLY A 448 44.75 2.85 -0.13
C GLY A 448 45.72 3.20 0.99
N ARG A 449 46.00 4.49 1.18
CA ARG A 449 47.17 4.89 1.98
C ARG A 449 46.86 5.78 3.15
N VAL B 8 -7.24 -25.51 -23.87
CA VAL B 8 -8.19 -24.32 -24.02
C VAL B 8 -7.68 -23.20 -24.94
N GLY B 9 -8.08 -23.31 -26.21
CA GLY B 9 -7.77 -22.34 -27.24
C GLY B 9 -8.63 -22.59 -28.46
N PRO B 10 -8.13 -22.25 -29.63
CA PRO B 10 -8.94 -22.44 -30.82
C PRO B 10 -9.17 -23.92 -31.17
N SER B 11 -8.17 -24.75 -30.84
CA SER B 11 -8.19 -26.18 -31.13
C SER B 11 -9.39 -26.89 -30.47
N VAL B 12 -9.84 -26.39 -29.31
CA VAL B 12 -11.01 -26.98 -28.64
C VAL B 12 -12.39 -26.46 -29.09
N LEU B 13 -12.43 -25.33 -29.80
CA LEU B 13 -13.70 -24.76 -30.26
C LEU B 13 -14.63 -25.78 -30.86
N PRO B 14 -14.15 -26.56 -31.85
CA PRO B 14 -15.07 -27.50 -32.48
C PRO B 14 -15.84 -28.46 -31.51
N ASP B 15 -15.22 -28.87 -30.41
CA ASP B 15 -15.91 -29.68 -29.38
C ASP B 15 -17.03 -28.93 -28.70
N LEU B 16 -16.81 -27.64 -28.50
CA LEU B 16 -17.81 -26.82 -27.86
C LEU B 16 -18.91 -26.49 -28.85
N ARG B 17 -18.61 -26.37 -30.11
CA ARG B 17 -19.66 -26.16 -31.04
C ARG B 17 -20.53 -27.36 -31.03
N GLU B 18 -19.92 -28.53 -30.97
CA GLU B 18 -20.65 -29.78 -31.06
C GLU B 18 -21.55 -29.87 -29.83
N GLN B 19 -21.01 -29.43 -28.70
CA GLN B 19 -21.78 -29.39 -27.48
C GLN B 19 -22.98 -28.48 -27.62
N VAL B 20 -22.78 -27.29 -28.17
CA VAL B 20 -23.88 -26.36 -28.36
C VAL B 20 -24.97 -26.98 -29.27
N GLU B 21 -24.56 -27.56 -30.41
CA GLU B 21 -25.50 -28.29 -31.26
C GLU B 21 -26.34 -29.34 -30.46
N GLN B 22 -25.69 -30.10 -29.58
CA GLN B 22 -26.37 -31.15 -28.87
C GLN B 22 -27.40 -30.60 -27.92
N ILE B 23 -27.09 -29.48 -27.27
CA ILE B 23 -28.03 -28.82 -26.37
C ILE B 23 -29.23 -28.29 -27.18
N ILE B 24 -28.96 -27.61 -28.28
CA ILE B 24 -30.05 -27.09 -29.10
C ILE B 24 -30.98 -28.25 -29.57
N ALA B 25 -30.35 -29.32 -30.00
CA ALA B 25 -31.08 -30.43 -30.46
C ALA B 25 -31.94 -31.02 -29.38
N GLU B 26 -31.41 -31.13 -28.20
CA GLU B 26 -32.07 -31.73 -27.10
C GLU B 26 -33.30 -30.97 -26.63
N ALA B 27 -33.23 -29.67 -26.70
CA ALA B 27 -34.34 -28.84 -26.39
C ALA B 27 -35.44 -29.04 -27.38
N ARG B 28 -35.07 -29.16 -28.61
CA ARG B 28 -36.03 -29.45 -29.60
C ARG B 28 -36.65 -30.80 -29.40
N ARG B 29 -35.85 -31.77 -29.04
CA ARG B 29 -36.37 -33.06 -28.84
C ARG B 29 -37.39 -32.97 -27.76
N GLN B 30 -37.12 -32.12 -26.81
CA GLN B 30 -37.95 -32.03 -25.69
C GLN B 30 -39.20 -31.15 -25.80
N GLY B 31 -39.45 -30.53 -26.92
CA GLY B 31 -40.60 -29.65 -27.04
C GLY B 31 -40.47 -28.13 -27.02
N ALA B 32 -39.27 -27.62 -26.85
CA ALA B 32 -39.03 -26.20 -26.86
C ALA B 32 -39.21 -25.62 -28.24
N SER B 33 -39.73 -24.41 -28.30
CA SER B 33 -40.02 -23.78 -29.55
C SER B 33 -38.86 -22.98 -30.14
N ALA B 34 -37.94 -22.60 -29.29
CA ALA B 34 -36.75 -21.93 -29.66
C ALA B 34 -35.83 -22.06 -28.51
N CYS B 35 -34.55 -21.81 -28.78
CA CYS B 35 -33.53 -21.82 -27.73
C CYS B 35 -32.30 -20.97 -28.05
N GLU B 36 -31.62 -20.56 -26.99
CA GLU B 36 -30.38 -19.83 -26.98
C GLU B 36 -29.43 -20.58 -26.09
N VAL B 37 -28.21 -20.85 -26.51
CA VAL B 37 -27.29 -21.52 -25.61
C VAL B 37 -25.97 -20.85 -25.58
N ALA B 38 -25.30 -20.87 -24.43
CA ALA B 38 -23.94 -20.40 -24.32
C ALA B 38 -23.03 -21.36 -23.55
N VAL B 39 -21.81 -21.57 -24.03
CA VAL B 39 -20.85 -22.42 -23.36
C VAL B 39 -19.54 -21.64 -23.16
N SER B 40 -18.96 -21.83 -21.98
CA SER B 40 -17.73 -21.17 -21.54
C SER B 40 -16.77 -22.13 -20.91
N LEU B 41 -15.54 -22.08 -21.42
CA LEU B 41 -14.42 -22.76 -20.82
C LEU B 41 -13.47 -21.66 -20.43
N GLU B 42 -12.80 -21.79 -19.31
CA GLU B 42 -11.76 -20.84 -18.92
C GLU B 42 -10.71 -21.48 -18.04
N GLN B 43 -9.45 -21.09 -18.21
CA GLN B 43 -8.43 -21.56 -17.28
C GLN B 43 -7.32 -20.56 -17.14
N GLY B 44 -6.68 -20.55 -15.98
CA GLY B 44 -5.50 -19.78 -15.84
C GLY B 44 -4.90 -19.84 -14.47
N LEU B 45 -3.94 -18.95 -14.26
CA LEU B 45 -3.11 -19.00 -13.13
C LEU B 45 -3.25 -17.66 -12.44
N SER B 46 -3.37 -17.74 -11.13
CA SER B 46 -3.50 -16.52 -10.34
C SER B 46 -2.50 -16.56 -9.18
N THR B 47 -1.66 -15.55 -9.08
CA THR B 47 -0.60 -15.48 -8.11
C THR B 47 -0.73 -14.29 -7.23
N SER B 48 -0.62 -14.46 -5.94
CA SER B 48 -0.75 -13.37 -5.00
C SER B 48 0.39 -13.20 -4.02
N VAL B 49 0.93 -12.00 -3.84
CA VAL B 49 2.00 -11.80 -2.89
C VAL B 49 1.81 -10.65 -1.91
N ARG B 50 2.39 -10.70 -0.73
CA ARG B 50 2.21 -9.60 0.17
C ARG B 50 3.33 -9.38 1.12
N GLN B 51 3.82 -8.17 1.16
CA GLN B 51 4.87 -7.83 2.07
C GLN B 51 6.00 -8.83 1.97
N GLY B 52 6.36 -9.20 0.75
CA GLY B 52 7.44 -10.11 0.48
C GLY B 52 7.09 -11.56 0.56
N GLU B 53 5.85 -11.87 0.87
CA GLU B 53 5.40 -13.24 1.03
C GLU B 53 4.44 -13.73 -0.03
N VAL B 54 4.59 -14.94 -0.46
CA VAL B 54 3.64 -15.45 -1.41
C VAL B 54 2.42 -15.99 -0.71
N GLU B 55 1.24 -15.60 -1.14
CA GLU B 55 0.07 -16.07 -0.46
C GLU B 55 -0.67 -17.17 -1.13
N THR B 56 -0.89 -17.04 -2.41
CA THR B 56 -1.45 -18.13 -3.16
C THR B 56 -0.90 -18.18 -4.51
N VAL B 57 -0.75 -19.38 -5.00
CA VAL B 57 -0.50 -19.59 -6.41
C VAL B 57 -1.47 -20.69 -6.73
N GLU B 58 -2.34 -20.41 -7.66
CA GLU B 58 -3.45 -21.26 -7.94
C GLU B 58 -3.76 -21.42 -9.44
N PHE B 59 -4.14 -22.63 -9.81
CA PHE B 59 -4.58 -22.94 -11.16
C PHE B 59 -6.06 -23.29 -11.17
N ASN B 60 -6.79 -22.58 -12.04
CA ASN B 60 -8.26 -22.62 -12.12
C ASN B 60 -8.65 -23.17 -13.49
N ARG B 61 -9.67 -24.01 -13.52
CA ARG B 61 -10.26 -24.44 -14.80
C ARG B 61 -11.78 -24.57 -14.64
N ASP B 62 -12.51 -23.74 -15.38
CA ASP B 62 -13.91 -23.62 -15.16
C ASP B 62 -14.70 -23.78 -16.45
N GLN B 63 -15.68 -24.68 -16.40
CA GLN B 63 -16.51 -24.96 -17.55
C GLN B 63 -17.96 -24.96 -17.17
N GLY B 64 -18.77 -24.38 -18.04
CA GLY B 64 -20.18 -24.42 -17.82
C GLY B 64 -20.94 -24.03 -19.04
N PHE B 65 -22.24 -24.22 -18.97
CA PHE B 65 -23.15 -23.79 -20.00
C PHE B 65 -24.50 -23.37 -19.41
N GLY B 66 -25.15 -22.47 -20.16
CA GLY B 66 -26.44 -21.91 -19.82
C GLY B 66 -27.32 -21.92 -21.04
N ILE B 67 -28.59 -22.16 -20.78
CA ILE B 67 -29.59 -22.22 -21.82
C ILE B 67 -30.84 -21.40 -21.42
N THR B 68 -31.33 -20.61 -22.37
CA THR B 68 -32.62 -19.95 -22.24
C THR B 68 -33.52 -20.47 -23.40
N LEU B 69 -34.66 -20.98 -22.96
CA LEU B 69 -35.67 -21.74 -23.65
C LEU B 69 -36.98 -21.04 -23.71
N TYR B 70 -37.71 -21.28 -24.77
CA TYR B 70 -39.02 -20.72 -24.95
C TYR B 70 -39.99 -21.80 -25.24
N ALA B 71 -41.17 -21.64 -24.68
CA ALA B 71 -42.28 -22.50 -24.90
C ALA B 71 -43.35 -21.55 -25.33
N GLY B 72 -43.24 -21.14 -26.56
CA GLY B 72 -44.00 -20.04 -27.07
C GLY B 72 -43.48 -18.74 -26.57
N GLN B 73 -44.35 -17.96 -25.97
CA GLN B 73 -43.98 -16.67 -25.42
C GLN B 73 -43.51 -16.85 -24.04
N ARG B 74 -43.54 -18.06 -23.57
CA ARG B 74 -43.00 -18.38 -22.28
C ARG B 74 -41.49 -18.63 -22.30
N LYS B 75 -40.83 -18.36 -21.18
CA LYS B 75 -39.39 -18.40 -21.05
C LYS B 75 -38.84 -19.11 -19.79
N GLY B 76 -37.68 -19.71 -19.92
CA GLY B 76 -37.12 -20.56 -18.88
C GLY B 76 -35.60 -20.65 -19.08
N SER B 77 -34.86 -20.60 -17.98
CA SER B 77 -33.41 -20.61 -18.07
C SER B 77 -32.85 -21.65 -17.14
N ALA B 78 -31.70 -22.21 -17.52
CA ALA B 78 -30.94 -23.11 -16.63
C ALA B 78 -29.49 -23.24 -17.07
N SER B 79 -28.64 -23.50 -16.10
CA SER B 79 -27.22 -23.56 -16.35
C SER B 79 -26.64 -24.63 -15.44
N THR B 80 -25.50 -25.15 -15.84
CA THR B 80 -24.80 -26.15 -15.08
C THR B 80 -23.35 -26.14 -15.51
N SER B 81 -22.49 -26.62 -14.66
CA SER B 81 -21.09 -26.78 -14.96
C SER B 81 -20.81 -28.25 -15.31
N ALA B 82 -21.79 -29.12 -15.11
CA ALA B 82 -21.71 -30.51 -15.55
C ALA B 82 -21.60 -30.57 -17.09
N THR B 83 -21.22 -31.74 -17.61
CA THR B 83 -21.16 -31.98 -19.06
C THR B 83 -21.67 -33.42 -19.34
N GLY B 84 -22.04 -33.66 -20.59
CA GLY B 84 -22.45 -34.98 -20.98
C GLY B 84 -23.95 -35.16 -21.05
N GLU B 85 -24.34 -36.20 -21.78
CA GLU B 85 -25.72 -36.40 -22.17
C GLU B 85 -26.77 -36.19 -21.06
N ALA B 86 -26.46 -36.65 -19.85
CA ALA B 86 -27.41 -36.54 -18.76
C ALA B 86 -27.53 -35.07 -18.26
N ALA B 87 -26.40 -34.37 -18.19
CA ALA B 87 -26.36 -33.00 -17.72
C ALA B 87 -27.23 -32.13 -18.63
N ILE B 88 -27.11 -32.38 -19.93
CA ILE B 88 -27.84 -31.62 -20.95
C ILE B 88 -29.32 -31.95 -20.87
N ARG B 89 -29.65 -33.19 -20.67
CA ARG B 89 -31.05 -33.53 -20.49
C ARG B 89 -31.62 -32.93 -19.22
N GLU B 90 -30.92 -33.08 -18.09
CA GLU B 90 -31.44 -32.53 -16.84
C GLU B 90 -31.62 -31.00 -16.93
N THR B 91 -30.64 -30.33 -17.49
CA THR B 91 -30.59 -28.84 -17.54
C THR B 91 -31.68 -28.24 -18.45
N VAL B 92 -31.78 -28.79 -19.66
CA VAL B 92 -32.88 -28.50 -20.58
C VAL B 92 -34.27 -28.78 -19.99
N ALA B 93 -34.43 -29.94 -19.40
CA ALA B 93 -35.70 -30.28 -18.73
C ALA B 93 -36.06 -29.22 -17.67
N ALA B 94 -35.07 -28.75 -16.90
CA ALA B 94 -35.33 -27.72 -15.91
C ALA B 94 -35.75 -26.40 -16.61
N ALA B 95 -34.99 -25.90 -17.59
CA ALA B 95 -35.39 -24.62 -18.21
C ALA B 95 -36.88 -24.75 -18.56
N LEU B 96 -37.26 -25.84 -19.18
CA LEU B 96 -38.65 -26.03 -19.62
C LEU B 96 -39.70 -26.17 -18.50
N ALA B 97 -39.37 -26.83 -17.41
CA ALA B 97 -40.21 -26.78 -16.23
C ALA B 97 -40.55 -25.32 -15.86
N ILE B 98 -39.57 -24.43 -15.91
CA ILE B 98 -39.81 -23.01 -15.68
C ILE B 98 -40.69 -22.40 -16.83
N ALA B 99 -40.26 -22.60 -18.08
CA ALA B 99 -40.98 -21.98 -19.20
C ALA B 99 -42.45 -22.36 -19.13
N ARG B 100 -42.73 -23.64 -18.90
CA ARG B 100 -44.11 -24.09 -18.87
C ARG B 100 -44.91 -23.60 -17.70
N HIS B 101 -44.29 -23.05 -16.66
CA HIS B 101 -45.05 -22.62 -15.47
C HIS B 101 -44.96 -21.11 -15.17
N THR B 102 -44.31 -20.36 -16.07
CA THR B 102 -44.22 -18.90 -15.99
C THR B 102 -45.07 -18.29 -17.11
N SER B 103 -45.23 -16.97 -17.15
CA SER B 103 -46.26 -16.42 -18.01
C SER B 103 -45.75 -15.92 -19.32
N GLU B 104 -46.67 -15.56 -20.20
CA GLU B 104 -46.32 -15.14 -21.56
C GLU B 104 -45.87 -13.69 -21.61
N ASP B 105 -44.74 -13.44 -22.23
CA ASP B 105 -44.22 -12.11 -22.44
C ASP B 105 -44.28 -11.78 -23.92
N GLU B 106 -45.23 -10.96 -24.30
CA GLU B 106 -45.45 -10.60 -25.72
C GLU B 106 -44.18 -10.08 -26.43
N CYS B 107 -43.18 -9.60 -25.70
CA CYS B 107 -41.92 -9.12 -26.32
C CYS B 107 -40.85 -10.18 -26.36
N ALA B 108 -41.07 -11.29 -25.65
CA ALA B 108 -40.08 -12.41 -25.50
C ALA B 108 -39.73 -13.04 -26.83
N GLY B 109 -38.61 -13.75 -26.89
CA GLY B 109 -38.23 -14.52 -28.09
C GLY B 109 -36.95 -14.03 -28.81
N LEU B 110 -36.36 -14.86 -29.63
CA LEU B 110 -35.15 -14.50 -30.32
C LEU B 110 -35.31 -13.45 -31.36
N ALA B 111 -34.22 -12.81 -31.70
CA ALA B 111 -34.24 -11.99 -32.94
C ALA B 111 -34.63 -12.76 -34.26
N ASP B 112 -35.16 -12.09 -35.24
CA ASP B 112 -35.46 -12.81 -36.48
C ASP B 112 -34.20 -13.45 -37.07
N ALA B 113 -34.39 -14.57 -37.74
CA ALA B 113 -33.26 -15.25 -38.33
C ALA B 113 -32.43 -14.42 -39.38
N ALA B 114 -33.04 -13.47 -40.09
CA ALA B 114 -32.30 -12.73 -41.15
C ALA B 114 -31.24 -11.87 -40.50
N LEU B 115 -31.43 -11.63 -39.21
CA LEU B 115 -30.53 -10.75 -38.43
C LEU B 115 -29.34 -11.46 -37.81
N ALA B 117 -25.68 -12.95 -37.57
CA ALA B 117 -24.45 -12.55 -38.22
C ALA B 117 -24.13 -13.46 -39.39
N ARG B 118 -23.92 -12.90 -40.56
CA ARG B 118 -23.62 -13.69 -41.77
C ARG B 118 -22.14 -14.11 -41.80
N GLU B 119 -21.32 -13.28 -41.19
CA GLU B 119 -19.91 -13.63 -41.09
C GLU B 119 -19.29 -12.94 -39.91
N LEU B 120 -18.12 -13.45 -39.53
CA LEU B 120 -17.50 -13.10 -38.25
C LEU B 120 -16.04 -12.80 -38.48
N PRO B 121 -15.65 -11.53 -38.37
CA PRO B 121 -14.24 -11.16 -38.48
C PRO B 121 -13.37 -11.86 -37.45
N GLU B 122 -12.09 -12.00 -37.76
CA GLU B 122 -11.10 -12.56 -36.86
C GLU B 122 -10.51 -11.45 -36.06
N LEU B 123 -10.79 -11.48 -34.79
CA LEU B 123 -10.39 -10.42 -33.88
C LEU B 123 -9.05 -10.65 -33.14
N ASP B 124 -8.38 -11.79 -33.36
CA ASP B 124 -7.04 -12.04 -32.80
C ASP B 124 -6.95 -11.65 -31.31
N LEU B 125 -7.86 -12.23 -30.51
CA LEU B 125 -7.91 -11.99 -29.07
C LEU B 125 -7.15 -13.01 -28.24
N TYR B 126 -6.51 -13.97 -28.85
CA TYR B 126 -5.95 -15.08 -28.12
C TYR B 126 -4.42 -15.05 -28.20
N HIS B 127 -3.81 -14.77 -27.05
CA HIS B 127 -2.37 -14.69 -26.94
C HIS B 127 -1.92 -15.33 -25.64
N PRO B 128 -1.66 -16.65 -25.70
CA PRO B 128 -1.22 -17.36 -24.53
C PRO B 128 0.07 -16.78 -24.05
N TRP B 129 0.14 -16.67 -22.74
CA TRP B 129 1.36 -16.23 -22.10
C TRP B 129 2.07 -17.45 -21.52
N SER B 130 3.28 -17.71 -21.98
CA SER B 130 4.07 -18.84 -21.43
C SER B 130 4.71 -18.32 -20.14
N LEU B 131 4.02 -18.60 -19.02
CA LEU B 131 4.40 -18.03 -17.75
C LEU B 131 4.30 -19.12 -16.72
N SER B 132 5.47 -19.61 -16.32
CA SER B 132 5.57 -20.61 -15.26
C SER B 132 5.20 -19.95 -13.93
N PRO B 133 4.73 -20.73 -12.97
CA PRO B 133 4.49 -20.16 -11.65
C PRO B 133 5.76 -19.59 -11.05
N GLU B 134 6.89 -20.16 -11.39
CA GLU B 134 8.15 -19.56 -10.98
C GLU B 134 8.32 -18.12 -11.50
N GLN B 135 7.96 -17.90 -12.74
CA GLN B 135 8.09 -16.58 -13.28
C GLN B 135 7.00 -15.69 -12.72
N ALA B 136 5.80 -16.25 -12.50
CA ALA B 136 4.67 -15.48 -11.97
C ALA B 136 5.07 -14.88 -10.65
N VAL B 137 5.63 -15.71 -9.79
CA VAL B 137 6.07 -15.28 -8.47
C VAL B 137 7.24 -14.32 -8.56
N GLU B 138 8.24 -14.62 -9.40
CA GLU B 138 9.32 -13.70 -9.65
C GLU B 138 8.79 -12.36 -9.98
N ARG B 139 7.84 -12.23 -10.90
CA ARG B 139 7.31 -10.91 -11.29
C ARG B 139 6.45 -10.20 -10.24
N ALA B 140 5.53 -10.94 -9.61
CA ALA B 140 4.68 -10.37 -8.58
C ALA B 140 5.49 -9.76 -7.45
N LEU B 141 6.52 -10.48 -7.02
CA LEU B 141 7.54 -9.94 -6.10
C LEU B 141 8.37 -8.80 -6.68
N ALA B 142 8.84 -8.88 -7.93
CA ALA B 142 9.65 -7.75 -8.47
C ALA B 142 8.84 -6.44 -8.42
N CYS B 143 7.51 -6.57 -8.53
CA CYS B 143 6.58 -5.42 -8.55
C CYS B 143 6.48 -4.78 -7.18
N GLU B 144 6.17 -5.60 -6.17
CA GLU B 144 6.10 -5.11 -4.80
C GLU B 144 7.45 -4.51 -4.43
N ALA B 145 8.55 -5.23 -4.68
CA ALA B 145 9.90 -4.72 -4.37
C ALA B 145 10.20 -3.39 -5.07
N ALA B 146 9.77 -3.20 -6.34
CA ALA B 146 9.97 -1.87 -6.98
C ALA B 146 9.14 -0.77 -6.22
N ALA B 147 7.97 -1.13 -5.65
CA ALA B 147 7.13 -0.20 -4.88
C ALA B 147 7.90 0.32 -3.64
N PHE B 148 8.21 -0.60 -2.73
CA PHE B 148 9.07 -0.33 -1.56
C PHE B 148 10.36 0.41 -1.98
N ALA B 149 11.00 0.00 -3.06
CA ALA B 149 12.25 0.65 -3.42
C ALA B 149 12.05 2.10 -3.83
N ALA B 150 10.83 2.48 -4.22
CA ALA B 150 10.57 3.78 -4.86
C ALA B 150 10.54 4.94 -3.90
N ASP B 151 10.08 4.72 -2.65
CA ASP B 151 9.93 5.79 -1.63
C ASP B 151 9.99 5.24 -0.21
N LYS B 152 10.90 5.80 0.59
CA LYS B 152 11.15 5.31 1.93
C LYS B 152 9.82 5.21 2.73
N ARG B 153 8.84 6.04 2.39
CA ARG B 153 7.58 6.16 3.12
C ARG B 153 6.55 5.10 2.84
N VAL B 154 6.79 4.27 1.82
CA VAL B 154 5.88 3.17 1.51
C VAL B 154 6.27 1.99 2.36
N THR B 155 5.56 1.84 3.45
CA THR B 155 5.92 0.90 4.47
C THR B 155 5.19 -0.39 4.44
N LYS B 156 4.08 -0.42 3.73
CA LYS B 156 3.27 -1.60 3.69
C LYS B 156 2.69 -1.92 2.35
N ALA B 157 2.14 -3.10 2.24
CA ALA B 157 1.56 -3.53 1.03
C ALA B 157 0.22 -4.09 1.34
N ASP B 158 -0.69 -3.96 0.41
CA ASP B 158 -1.95 -4.57 0.52
C ASP B 158 -2.13 -5.64 -0.52
N GLY B 159 -1.08 -6.05 -1.20
CA GLY B 159 -1.22 -7.09 -2.20
C GLY B 159 -0.86 -6.83 -3.65
N THR B 160 -0.16 -7.79 -4.23
CA THR B 160 0.17 -7.77 -5.61
C THR B 160 -0.38 -9.04 -6.19
N THR B 161 -1.18 -8.91 -7.22
CA THR B 161 -1.77 -10.02 -7.92
C THR B 161 -1.40 -10.03 -9.39
N LEU B 162 -1.09 -11.19 -9.89
CA LEU B 162 -0.85 -11.43 -11.27
C LEU B 162 -1.79 -12.50 -11.77
N ASN B 163 -2.54 -12.19 -12.81
CA ASN B 163 -3.51 -13.12 -13.34
C ASN B 163 -3.19 -13.30 -14.79
N THR B 164 -3.27 -14.51 -15.29
CA THR B 164 -3.12 -14.77 -16.69
C THR B 164 -4.09 -15.84 -17.01
N HIS B 165 -5.05 -15.56 -17.91
CA HIS B 165 -6.13 -16.51 -18.22
C HIS B 165 -6.43 -16.66 -19.70
N GLN B 166 -7.03 -17.77 -20.06
CA GLN B 166 -7.50 -18.04 -21.37
C GLN B 166 -8.91 -18.51 -21.27
N GLY B 167 -9.66 -18.23 -22.31
CA GLY B 167 -11.02 -18.72 -22.46
C GLY B 167 -11.52 -18.93 -23.88
N CYS B 168 -12.57 -19.74 -23.97
CA CYS B 168 -13.37 -19.90 -25.16
C CYS B 168 -14.86 -19.68 -24.84
N ARG B 169 -15.55 -18.94 -25.69
CA ARG B 169 -16.98 -18.83 -25.61
C ARG B 169 -17.62 -19.22 -26.92
N VAL B 170 -18.68 -20.01 -26.84
CA VAL B 170 -19.53 -20.31 -27.98
C VAL B 170 -21.00 -20.09 -27.63
N TYR B 171 -21.70 -19.46 -28.55
CA TYR B 171 -23.07 -19.09 -28.42
C TYR B 171 -23.85 -19.69 -29.53
N GLY B 172 -25.10 -20.05 -29.29
CA GLY B 172 -25.92 -20.61 -30.32
C GLY B 172 -27.41 -20.50 -30.12
N ASN B 173 -28.14 -20.62 -31.21
CA ASN B 173 -29.57 -20.59 -31.10
C ASN B 173 -30.34 -21.43 -32.09
N SER B 174 -31.65 -21.45 -31.94
CA SER B 174 -32.58 -22.21 -32.78
C SER B 174 -32.59 -21.79 -34.21
N HIS B 175 -32.12 -20.62 -34.52
CA HIS B 175 -32.12 -20.10 -35.85
C HIS B 175 -30.99 -20.65 -36.61
N GLY B 176 -30.22 -21.47 -35.97
CA GLY B 176 -29.08 -22.04 -36.59
C GLY B 176 -27.79 -21.31 -36.36
N PHE B 177 -27.81 -20.20 -35.66
CA PHE B 177 -26.57 -19.53 -35.42
C PHE B 177 -25.66 -20.28 -34.47
N ILE B 178 -24.39 -20.34 -34.84
CA ILE B 178 -23.33 -20.82 -33.94
C ILE B 178 -22.10 -19.96 -34.16
N GLY B 179 -21.58 -19.36 -33.10
CA GLY B 179 -20.40 -18.48 -33.19
C GLY B 179 -19.53 -18.62 -31.94
N GLY B 180 -18.21 -18.49 -32.10
CA GLY B 180 -17.33 -18.73 -30.96
C GLY B 180 -15.97 -18.18 -31.21
N TYR B 181 -15.27 -17.81 -30.14
CA TYR B 181 -13.95 -17.20 -30.24
C TYR B 181 -13.20 -17.62 -28.96
N ALA B 182 -11.86 -17.72 -29.08
CA ALA B 182 -10.98 -17.91 -27.92
C ALA B 182 -10.39 -16.54 -27.59
N SER B 183 -10.03 -16.33 -26.33
CA SER B 183 -9.34 -15.10 -25.96
C SER B 183 -8.44 -15.28 -24.75
N THR B 184 -7.59 -14.29 -24.50
CA THR B 184 -6.68 -14.31 -23.36
C THR B 184 -6.69 -12.94 -22.68
N ARG B 185 -6.38 -12.93 -21.41
CA ARG B 185 -6.42 -11.73 -20.60
C ARG B 185 -5.44 -11.83 -19.43
N HIS B 186 -4.49 -10.93 -19.38
CA HIS B 186 -3.50 -10.95 -18.35
C HIS B 186 -3.48 -9.62 -17.64
N SER B 187 -3.21 -9.64 -16.33
CA SER B 187 -3.23 -8.43 -15.54
C SER B 187 -2.29 -8.61 -14.38
N LEU B 188 -1.84 -7.47 -13.85
CA LEU B 188 -0.96 -7.38 -12.69
C LEU B 188 -1.36 -6.11 -11.95
N SER B 189 -1.96 -6.29 -10.78
CA SER B 189 -2.32 -5.15 -9.94
C SER B 189 -1.40 -5.08 -8.70
N CYS B 190 -1.16 -3.89 -8.18
CA CYS B 190 -0.35 -3.73 -6.94
C CYS B 190 -0.98 -2.73 -5.99
N VAL B 191 -1.28 -3.11 -4.74
CA VAL B 191 -1.81 -2.18 -3.79
C VAL B 191 -0.79 -1.92 -2.62
N ILE B 193 0.71 0.82 0.67
CA ILE B 193 0.35 1.70 1.80
C ILE B 193 1.53 2.55 2.17
N ALA B 194 1.38 3.85 2.15
CA ALA B 194 2.46 4.72 2.49
C ALA B 194 2.13 5.52 3.71
N GLU B 195 3.13 5.93 4.48
CA GLU B 195 2.84 6.79 5.61
C GLU B 195 3.83 7.93 5.80
N GLY B 196 3.28 9.07 6.17
CA GLY B 196 4.04 10.26 6.47
C GLY B 196 3.08 11.36 6.77
N GLU B 197 3.58 12.48 7.23
CA GLU B 197 2.77 13.65 7.52
C GLU B 197 1.62 13.36 8.46
N GLY B 198 1.86 12.50 9.42
CA GLY B 198 0.87 12.11 10.40
C GLY B 198 -0.24 11.26 9.87
N GLN B 199 -0.02 10.63 8.72
CA GLN B 199 -1.04 9.86 8.06
C GLN B 199 -0.59 8.58 7.41
N GLN B 201 -1.85 6.39 3.96
CA GLN B 201 -2.64 6.48 2.74
C GLN B 201 -2.47 5.27 1.83
N ARG B 202 -3.57 4.82 1.24
CA ARG B 202 -3.58 3.69 0.33
C ARG B 202 -3.77 4.13 -1.14
N ASP B 203 -3.04 3.50 -2.06
CA ASP B 203 -3.28 3.63 -3.49
C ASP B 203 -2.65 2.45 -4.26
N TYR B 204 -3.00 2.35 -5.54
CA TYR B 204 -2.72 1.17 -6.35
C TYR B 204 -2.48 1.54 -7.80
N TRP B 205 -2.03 0.56 -8.57
CA TRP B 205 -1.94 0.71 -10.00
C TRP B 205 -1.92 -0.67 -10.62
N TYR B 206 -2.26 -0.75 -11.91
CA TYR B 206 -2.40 -2.05 -12.56
C TYR B 206 -2.30 -1.84 -14.05
N ASP B 207 -2.22 -2.97 -14.79
CA ASP B 207 -2.34 -2.95 -16.25
C ASP B 207 -3.04 -4.22 -16.67
N VAL B 208 -3.66 -4.19 -17.83
CA VAL B 208 -4.38 -5.33 -18.34
C VAL B 208 -4.08 -5.37 -19.81
N ASN B 209 -3.99 -6.54 -20.42
CA ASN B 209 -3.72 -6.59 -21.89
C ASN B 209 -3.93 -8.04 -22.27
N ARG B 210 -4.31 -8.24 -23.51
CA ARG B 210 -4.61 -9.57 -23.99
C ARG B 210 -3.38 -10.36 -24.29
N ARG B 211 -2.30 -9.62 -24.61
CA ARG B 211 -0.95 -10.13 -24.79
C ARG B 211 -0.20 -9.85 -23.52
N GLY B 212 0.33 -10.89 -22.91
CA GLY B 212 1.06 -10.75 -21.67
C GLY B 212 2.25 -9.82 -21.79
N GLU B 213 2.96 -9.91 -22.93
CA GLU B 213 4.21 -9.17 -23.15
C GLU B 213 4.01 -7.68 -23.33
N ALA B 214 2.79 -7.28 -23.69
CA ALA B 214 2.45 -5.88 -23.82
C ALA B 214 2.13 -5.27 -22.44
N LEU B 215 1.89 -6.08 -21.38
CA LEU B 215 1.70 -5.47 -20.05
C LEU B 215 2.93 -4.54 -19.76
N ALA B 216 2.66 -3.36 -19.22
CA ALA B 216 3.66 -2.51 -18.59
C ALA B 216 4.52 -3.37 -17.60
N SER B 217 5.82 -3.08 -17.51
CA SER B 217 6.69 -3.86 -16.66
C SER B 217 6.18 -3.95 -15.20
N ALA B 218 6.51 -5.05 -14.55
CA ALA B 218 6.18 -5.27 -13.16
C ALA B 218 6.69 -4.10 -12.27
N GLU B 219 7.88 -3.64 -12.60
CA GLU B 219 8.51 -2.54 -11.89
C GLU B 219 7.73 -1.25 -12.09
N SER B 220 7.44 -0.94 -13.34
CA SER B 220 6.75 0.28 -13.64
C SER B 220 5.44 0.29 -12.89
N ILE B 221 4.76 -0.85 -12.83
CA ILE B 221 3.48 -0.88 -12.14
C ILE B 221 3.70 -0.63 -10.66
N GLY B 222 4.76 -1.19 -10.08
CA GLY B 222 5.07 -1.01 -8.68
C GLY B 222 5.40 0.41 -8.29
N ARG B 223 6.38 0.99 -8.98
CA ARG B 223 6.80 2.36 -8.75
C ARG B 223 5.59 3.24 -8.73
N ARG B 224 4.77 3.14 -9.75
CA ARG B 224 3.55 3.93 -9.86
C ARG B 224 2.58 3.75 -8.68
N ALA B 225 2.27 2.53 -8.24
CA ALA B 225 1.36 2.40 -7.12
C ALA B 225 1.94 3.15 -5.93
N ALA B 226 3.27 3.09 -5.78
CA ALA B 226 3.90 3.68 -4.63
C ALA B 226 3.89 5.21 -4.70
N GLU B 227 4.29 5.78 -5.83
CA GLU B 227 4.25 7.23 -6.02
C GLU B 227 2.88 7.79 -5.80
N ARG B 228 1.88 7.08 -6.24
CA ARG B 228 0.50 7.47 -5.92
C ARG B 228 0.13 7.42 -4.45
N ALA B 229 0.42 6.34 -3.78
CA ALA B 229 0.23 6.27 -2.32
C ALA B 229 0.94 7.41 -1.51
N ALA B 230 2.18 7.73 -1.94
CA ALA B 230 3.05 8.72 -1.26
C ALA B 230 2.56 10.14 -1.45
N SER B 231 2.03 10.40 -2.61
CA SER B 231 1.54 11.72 -2.97
C SER B 231 0.31 12.13 -2.22
N ARG B 232 -0.46 11.14 -1.80
CA ARG B 232 -1.59 11.35 -0.94
C ARG B 232 -1.30 11.76 0.49
N LEU B 233 -0.07 11.53 0.97
CA LEU B 233 0.29 11.87 2.34
C LEU B 233 0.14 13.38 2.62
N GLY B 234 -0.66 13.72 3.64
CA GLY B 234 -0.93 15.12 3.99
C GLY B 234 -2.20 15.70 3.41
N ALA B 235 -3.08 14.82 2.96
CA ALA B 235 -4.32 15.24 2.39
C ALA B 235 -5.15 15.98 3.40
N ARG B 236 -5.87 16.99 2.96
CA ARG B 236 -6.75 17.70 3.83
C ARG B 236 -7.90 18.20 3.02
N PRO B 237 -8.98 18.55 3.68
CA PRO B 237 -10.17 19.07 3.04
C PRO B 237 -9.95 20.45 2.56
N VAL B 238 -10.86 20.97 1.77
CA VAL B 238 -10.80 22.33 1.29
C VAL B 238 -12.06 23.03 1.62
N GLN B 239 -12.02 24.31 1.40
CA GLN B 239 -13.12 25.16 1.70
C GLN B 239 -14.19 25.01 0.67
N THR B 240 -15.41 24.89 1.12
CA THR B 240 -16.52 24.68 0.25
C THR B 240 -16.56 25.78 -0.77
N ALA B 241 -16.66 25.37 -2.02
CA ALA B 241 -16.74 26.28 -3.13
C ALA B 241 -17.21 25.60 -4.36
N GLU B 242 -17.62 26.42 -5.32
CA GLU B 242 -18.01 25.92 -6.63
C GLU B 242 -16.80 26.26 -7.46
N VAL B 243 -16.16 25.23 -8.00
CA VAL B 243 -14.98 25.40 -8.75
C VAL B 243 -15.08 24.34 -9.81
N PRO B 244 -14.15 24.35 -10.74
CA PRO B 244 -14.00 23.37 -11.77
C PRO B 244 -13.32 22.13 -11.28
N VAL B 245 -13.64 21.01 -11.88
CA VAL B 245 -13.13 19.74 -11.45
C VAL B 245 -12.50 19.04 -12.61
N LEU B 246 -11.35 18.43 -12.41
CA LEU B 246 -10.69 17.68 -13.46
C LEU B 246 -10.70 16.22 -13.08
N PHE B 247 -11.38 15.39 -13.85
CA PHE B 247 -11.35 13.98 -13.57
C PHE B 247 -10.19 13.32 -14.27
N ALA B 248 -9.41 12.58 -13.50
CA ALA B 248 -8.40 11.68 -14.03
C ALA B 248 -9.07 10.67 -14.99
N PRO B 249 -8.30 10.16 -15.91
CA PRO B 249 -8.93 9.31 -16.92
C PRO B 249 -9.68 8.11 -16.34
N GLU B 250 -9.08 7.46 -15.37
CA GLU B 250 -9.69 6.27 -14.77
C GLU B 250 -10.96 6.57 -13.95
N ILE B 251 -11.12 7.81 -13.51
CA ILE B 251 -12.36 8.21 -12.87
C ILE B 251 -13.33 8.71 -13.90
N ALA B 252 -12.82 9.34 -14.96
CA ALA B 252 -13.63 9.79 -16.10
C ALA B 252 -14.39 8.62 -16.72
N VAL B 253 -13.79 7.43 -16.70
CA VAL B 253 -14.42 6.22 -17.23
C VAL B 253 -15.71 5.92 -16.53
N GLY B 254 -15.73 6.07 -15.21
CA GLY B 254 -16.94 5.76 -14.46
C GLY B 254 -18.05 6.73 -14.84
N LEU B 255 -17.67 7.93 -15.30
CA LEU B 255 -18.66 8.94 -15.58
C LEU B 255 -19.45 8.53 -16.78
N PHE B 256 -18.72 8.37 -17.84
CA PHE B 256 -19.32 7.86 -19.02
C PHE B 256 -20.00 6.51 -18.77
N GLY B 257 -19.55 5.73 -17.82
CA GLY B 257 -20.35 4.59 -17.46
C GLY B 257 -21.78 4.91 -17.00
N HIS B 258 -21.93 6.05 -16.33
CA HIS B 258 -23.26 6.44 -15.90
C HIS B 258 -24.04 6.84 -17.13
N PHE B 259 -23.35 7.45 -18.12
CA PHE B 259 -23.97 7.83 -19.41
C PHE B 259 -24.51 6.60 -20.14
N LEU B 260 -23.66 5.60 -20.28
CA LEU B 260 -24.06 4.32 -20.87
C LEU B 260 -25.23 3.67 -20.15
N GLY B 261 -25.19 3.64 -18.84
CA GLY B 261 -26.25 2.98 -18.11
C GLY B 261 -27.55 3.69 -18.39
N ALA B 262 -27.45 5.03 -18.57
CA ALA B 262 -28.63 5.88 -18.75
C ALA B 262 -29.24 5.75 -20.17
N ILE B 263 -28.46 5.26 -21.10
CA ILE B 263 -28.95 5.08 -22.45
C ILE B 263 -29.03 3.61 -22.84
N SER B 264 -29.11 2.74 -21.86
CA SER B 264 -29.36 1.32 -22.12
C SER B 264 -30.80 0.95 -21.98
N GLY B 265 -31.22 0.05 -22.86
CA GLY B 265 -32.58 -0.38 -22.91
C GLY B 265 -33.23 -0.62 -21.57
N GLY B 266 -32.53 -1.33 -20.70
CA GLY B 266 -33.10 -1.67 -19.39
C GLY B 266 -33.55 -0.47 -18.56
N SER B 267 -32.66 0.49 -18.35
CA SER B 267 -33.01 1.69 -17.65
C SER B 267 -34.15 2.39 -18.38
N LEU B 268 -34.08 2.41 -19.71
CA LEU B 268 -35.00 3.22 -20.47
C LEU B 268 -36.38 2.67 -20.25
N TYR B 269 -36.59 1.37 -20.38
CA TYR B 269 -38.00 0.90 -20.41
C TYR B 269 -38.56 0.69 -19.04
N ARG B 270 -37.65 0.52 -18.08
CA ARG B 270 -38.00 0.57 -16.69
C ARG B 270 -38.26 1.97 -16.17
N LYS B 271 -38.27 2.95 -17.06
CA LYS B 271 -38.52 4.33 -16.68
C LYS B 271 -37.68 4.71 -15.46
N SER B 272 -36.39 4.42 -15.56
CA SER B 272 -35.43 4.66 -14.52
C SER B 272 -34.17 5.28 -15.10
N SER B 273 -34.34 6.28 -15.97
CA SER B 273 -33.20 6.92 -16.59
C SER B 273 -33.39 8.36 -16.87
N PHE B 274 -32.46 9.18 -16.41
CA PHE B 274 -32.58 10.59 -16.63
C PHE B 274 -32.47 10.96 -18.12
N LEU B 275 -32.08 10.00 -18.93
CA LEU B 275 -31.93 10.21 -20.34
C LEU B 275 -33.03 9.66 -21.22
N GLU B 276 -34.13 9.22 -20.63
CA GLU B 276 -35.23 8.69 -21.35
C GLU B 276 -35.79 9.77 -22.22
N GLY B 277 -35.96 9.49 -23.49
CA GLY B 277 -36.42 10.48 -24.40
C GLY B 277 -35.42 11.43 -25.01
N ALA B 278 -34.18 11.30 -24.66
CA ALA B 278 -33.15 12.24 -25.00
C ALA B 278 -32.52 12.05 -26.37
N LEU B 279 -33.00 11.07 -27.06
CA LEU B 279 -32.49 10.84 -28.35
C LEU B 279 -32.76 12.07 -29.11
N GLY B 280 -31.79 12.45 -29.92
CA GLY B 280 -31.88 13.65 -30.72
C GLY B 280 -31.59 14.94 -29.98
N GLN B 281 -31.10 14.84 -28.75
CA GLN B 281 -30.78 15.99 -27.91
C GLN B 281 -29.28 16.28 -27.81
N ARG B 282 -28.96 17.55 -27.58
CA ARG B 282 -27.61 17.96 -27.31
C ARG B 282 -27.31 17.67 -25.84
N LEU B 283 -26.56 16.60 -25.57
CA LEU B 283 -26.18 16.31 -24.22
C LEU B 283 -24.79 16.69 -23.93
N PHE B 284 -24.01 16.91 -24.98
CA PHE B 284 -22.59 17.28 -24.80
C PHE B 284 -22.22 18.45 -25.66
N PRO B 285 -21.02 19.02 -25.51
CA PRO B 285 -20.48 20.03 -26.44
C PRO B 285 -20.42 19.56 -27.86
N GLU B 286 -20.72 20.48 -28.78
CA GLU B 286 -20.70 20.27 -30.25
C GLU B 286 -19.47 19.48 -30.73
N TRP B 287 -18.32 19.75 -30.14
CA TRP B 287 -17.11 19.06 -30.56
C TRP B 287 -16.93 17.65 -29.98
N LEU B 288 -17.82 17.19 -29.10
CA LEU B 288 -17.69 15.88 -28.46
C LEU B 288 -18.44 14.76 -29.18
N SER B 289 -17.74 13.66 -29.51
CA SER B 289 -18.42 12.49 -30.08
C SER B 289 -18.08 11.24 -29.30
N ILE B 290 -19.01 10.33 -29.20
CA ILE B 290 -18.77 9.04 -28.57
C ILE B 290 -19.10 7.91 -29.54
N ASP B 291 -18.20 7.01 -29.78
CA ASP B 291 -18.46 5.98 -30.73
C ASP B 291 -17.94 4.65 -30.28
N GLU B 292 -18.45 3.60 -30.89
CA GLU B 292 -18.05 2.24 -30.63
C GLU B 292 -17.40 1.59 -31.81
N ARG B 293 -16.33 0.89 -31.55
CA ARG B 293 -15.55 0.18 -32.54
C ARG B 293 -15.26 -1.25 -32.13
N PRO B 294 -16.22 -2.15 -32.30
CA PRO B 294 -16.16 -3.50 -31.77
C PRO B 294 -15.21 -4.52 -32.38
N HIS B 295 -14.67 -4.22 -33.52
CA HIS B 295 -13.89 -5.16 -34.26
C HIS B 295 -12.43 -4.91 -34.16
N LEU B 296 -12.01 -4.06 -33.27
CA LEU B 296 -10.60 -3.79 -33.21
C LEU B 296 -9.80 -5.00 -32.90
N VAL B 297 -8.71 -5.21 -33.62
CA VAL B 297 -7.92 -6.40 -33.45
C VAL B 297 -7.16 -6.35 -32.12
N GLY B 298 -7.37 -7.34 -31.26
CA GLY B 298 -6.61 -7.46 -30.03
C GLY B 298 -7.05 -6.58 -28.86
N ALA B 299 -8.06 -5.76 -29.09
CA ALA B 299 -8.56 -4.94 -27.98
C ALA B 299 -9.30 -5.76 -26.90
N LEU B 300 -9.37 -5.17 -25.72
CA LEU B 300 -9.94 -5.82 -24.58
C LEU B 300 -11.46 -5.90 -24.62
N GLY B 301 -12.13 -5.14 -25.49
CA GLY B 301 -13.58 -5.14 -25.58
C GLY B 301 -14.18 -5.61 -26.90
N SER B 302 -13.35 -6.08 -27.83
CA SER B 302 -13.81 -6.47 -29.11
C SER B 302 -14.77 -7.60 -29.07
N ALA B 303 -15.77 -7.62 -29.96
CA ALA B 303 -16.73 -8.75 -30.08
C ALA B 303 -17.35 -8.68 -31.48
N SER B 304 -17.50 -9.85 -32.14
CA SER B 304 -18.07 -9.90 -33.47
C SER B 304 -19.57 -10.19 -33.54
N PHE B 305 -20.20 -10.39 -32.37
CA PHE B 305 -21.66 -10.57 -32.37
C PHE B 305 -22.15 -10.31 -31.06
N ASP B 306 -23.40 -9.85 -30.93
CA ASP B 306 -23.96 -9.57 -29.59
C ASP B 306 -24.58 -10.80 -28.97
N SER B 307 -25.19 -10.67 -27.80
CA SER B 307 -25.80 -11.77 -27.10
C SER B 307 -27.02 -12.25 -27.77
N ASP B 308 -27.52 -11.59 -28.79
CA ASP B 308 -28.61 -12.15 -29.59
C ASP B 308 -28.06 -12.84 -30.84
N GLY B 309 -26.76 -12.73 -31.07
CA GLY B 309 -26.15 -13.20 -32.27
C GLY B 309 -26.29 -12.29 -33.49
N LEU B 310 -26.62 -11.02 -33.27
CA LEU B 310 -26.54 -10.06 -34.35
C LEU B 310 -25.07 -9.65 -34.54
N ALA B 311 -24.67 -9.46 -35.80
CA ALA B 311 -23.32 -8.90 -36.12
C ALA B 311 -23.18 -7.54 -35.46
N THR B 312 -22.09 -7.36 -34.73
CA THR B 312 -21.82 -6.05 -34.16
C THR B 312 -21.24 -5.15 -35.28
N TYR B 313 -21.50 -3.86 -35.16
CA TYR B 313 -20.89 -2.90 -36.08
C TYR B 313 -20.52 -1.61 -35.36
N ALA B 314 -19.46 -1.00 -35.91
CA ALA B 314 -19.00 0.34 -35.54
C ALA B 314 -20.18 1.32 -35.70
N LYS B 315 -20.39 2.21 -34.74
CA LYS B 315 -21.48 3.21 -34.83
C LYS B 315 -21.29 4.27 -33.79
N PRO B 316 -21.79 5.50 -34.03
CA PRO B 316 -21.82 6.50 -32.96
C PRO B 316 -23.13 6.41 -32.05
N PHE B 317 -22.92 6.84 -30.80
CA PHE B 317 -23.96 7.15 -29.86
C PHE B 317 -24.15 8.69 -29.62
N VAL B 318 -23.06 9.42 -29.67
CA VAL B 318 -23.10 10.85 -29.58
C VAL B 318 -22.36 11.36 -30.79
N GLU B 319 -22.97 12.29 -31.51
CA GLU B 319 -22.35 12.86 -32.70
C GLU B 319 -22.46 14.35 -32.65
N ASN B 320 -21.32 14.98 -32.56
CA ASN B 320 -21.27 16.44 -32.41
C ASN B 320 -22.14 16.95 -31.31
N GLY B 321 -21.99 16.34 -30.17
CA GLY B 321 -22.72 16.72 -29.00
C GLY B 321 -24.07 16.07 -28.88
N GLU B 322 -24.58 15.46 -29.96
CA GLU B 322 -25.97 15.03 -30.00
C GLU B 322 -26.09 13.51 -29.85
N LEU B 323 -27.05 13.10 -29.03
CA LEU B 323 -27.33 11.67 -28.79
C LEU B 323 -28.13 11.15 -29.95
N VAL B 324 -27.46 10.32 -30.77
CA VAL B 324 -28.05 9.79 -31.99
C VAL B 324 -28.40 8.34 -31.82
N SER B 325 -28.16 7.72 -30.69
CA SER B 325 -28.48 6.30 -30.56
C SER B 325 -28.56 5.80 -29.11
N TYR B 326 -29.60 5.08 -28.75
CA TYR B 326 -29.52 4.33 -27.50
C TYR B 326 -28.67 3.02 -27.68
N VAL B 327 -28.42 2.32 -26.57
CA VAL B 327 -27.76 1.00 -26.56
C VAL B 327 -28.81 -0.12 -26.29
N LEU B 328 -29.16 -0.88 -27.35
CA LEU B 328 -30.30 -1.78 -27.30
C LEU B 328 -30.03 -3.17 -27.91
N GLY B 329 -30.60 -4.16 -27.23
CA GLY B 329 -30.75 -5.47 -27.76
C GLY B 329 -32.17 -5.58 -28.31
N THR B 330 -32.44 -6.70 -28.94
CA THR B 330 -33.72 -7.05 -29.41
C THR B 330 -34.85 -6.91 -28.34
N TYR B 331 -34.65 -7.42 -27.13
CA TYR B 331 -35.74 -7.31 -26.16
C TYR B 331 -35.95 -5.84 -25.70
N SER B 332 -34.85 -5.07 -25.57
CA SER B 332 -34.90 -3.60 -25.25
C SER B 332 -35.72 -2.91 -26.32
N GLY B 333 -35.44 -3.28 -27.57
CA GLY B 333 -36.06 -2.60 -28.72
C GLY B 333 -37.54 -2.80 -28.74
N ARG B 334 -37.94 -4.03 -28.52
CA ARG B 334 -39.37 -4.38 -28.50
C ARG B 334 -40.05 -3.59 -27.43
N LYS B 335 -39.44 -3.57 -26.25
CA LYS B 335 -40.03 -2.83 -25.15
C LYS B 335 -40.29 -1.35 -25.47
N LEU B 336 -39.42 -0.76 -26.26
CA LEU B 336 -39.46 0.66 -26.51
C LEU B 336 -40.05 1.02 -27.84
N GLY B 337 -40.31 -0.01 -28.67
CA GLY B 337 -40.81 0.18 -30.01
C GLY B 337 -39.68 0.67 -30.89
N LEU B 338 -38.47 0.18 -30.67
CA LEU B 338 -37.36 0.61 -31.49
C LEU B 338 -36.53 -0.57 -31.97
N PRO B 339 -35.68 -0.33 -32.98
CA PRO B 339 -34.78 -1.36 -33.41
C PRO B 339 -33.65 -1.61 -32.44
N SER B 340 -33.02 -2.78 -32.46
CA SER B 340 -31.82 -3.11 -31.73
C SER B 340 -30.64 -2.40 -32.37
N THR B 341 -29.66 -2.07 -31.53
CA THR B 341 -28.46 -1.40 -32.00
C THR B 341 -27.36 -2.44 -32.13
N ALA B 342 -27.76 -3.69 -31.97
CA ALA B 342 -26.87 -4.80 -31.95
C ALA B 342 -25.92 -4.68 -30.83
N ASN B 343 -26.46 -4.24 -29.71
CA ASN B 343 -25.77 -4.00 -28.47
C ASN B 343 -26.31 -4.74 -27.33
N ALA B 344 -26.73 -5.96 -27.57
CA ALA B 344 -27.18 -6.79 -26.49
C ALA B 344 -25.97 -7.41 -25.82
N GLY B 345 -25.82 -7.08 -24.55
CA GLY B 345 -24.64 -7.37 -23.82
C GLY B 345 -23.81 -6.13 -23.69
N GLY B 346 -24.27 -5.01 -24.21
CA GLY B 346 -23.53 -3.77 -24.11
C GLY B 346 -22.57 -3.31 -25.19
N VAL B 347 -21.79 -2.30 -24.93
CA VAL B 347 -20.90 -1.76 -25.93
C VAL B 347 -19.59 -2.45 -26.04
N HIS B 348 -18.90 -2.26 -27.14
CA HIS B 348 -17.56 -2.86 -27.25
C HIS B 348 -16.55 -1.90 -27.84
N ASN B 349 -15.58 -1.51 -27.02
CA ASN B 349 -14.51 -0.58 -27.39
C ASN B 349 -15.06 0.78 -27.63
N LEU B 350 -15.52 1.44 -26.59
CA LEU B 350 -16.11 2.76 -26.73
C LEU B 350 -15.08 3.86 -26.67
N PHE B 351 -15.23 4.90 -27.46
CA PHE B 351 -14.28 6.00 -27.46
C PHE B 351 -15.00 7.33 -27.33
N VAL B 352 -14.47 8.19 -26.44
CA VAL B 352 -14.82 9.60 -26.38
C VAL B 352 -13.76 10.37 -27.14
N SER B 353 -14.19 11.30 -27.96
CA SER B 353 -13.27 12.15 -28.72
C SER B 353 -12.60 13.19 -27.82
N HIS B 354 -11.40 13.63 -28.21
CA HIS B 354 -10.58 14.47 -27.33
C HIS B 354 -9.73 15.45 -28.12
N GLY B 355 -9.20 16.45 -27.41
CA GLY B 355 -8.38 17.48 -28.00
C GLY B 355 -6.98 17.01 -27.91
N ASP B 356 -6.04 17.96 -27.98
CA ASP B 356 -4.60 17.69 -28.05
C ASP B 356 -3.87 18.02 -26.71
N GLU B 357 -4.65 18.24 -25.65
CA GLU B 357 -4.08 18.59 -24.36
C GLU B 357 -3.93 17.39 -23.44
N ASP B 358 -2.84 17.35 -22.67
CA ASP B 358 -2.53 16.27 -21.72
C ASP B 358 -2.93 16.72 -20.36
N GLN B 359 -2.86 15.85 -19.36
CA GLN B 359 -3.37 16.23 -18.05
C GLN B 359 -2.66 17.51 -17.62
N ALA B 360 -1.33 17.55 -17.78
CA ALA B 360 -0.54 18.76 -17.42
C ALA B 360 -1.13 19.99 -18.05
N ALA B 361 -1.40 19.89 -19.33
CA ALA B 361 -1.96 21.05 -20.04
C ALA B 361 -3.32 21.45 -19.45
N LEU B 362 -4.15 20.46 -19.13
CA LEU B 362 -5.49 20.72 -18.62
C LEU B 362 -5.42 21.30 -17.22
N ILE B 363 -4.46 20.83 -16.41
CA ILE B 363 -4.24 21.47 -15.09
C ILE B 363 -3.99 22.97 -15.28
N ARG B 364 -3.09 23.31 -16.21
CA ARG B 364 -2.77 24.72 -16.52
C ARG B 364 -4.01 25.50 -16.99
N ARG B 365 -4.66 24.99 -18.01
CA ARG B 365 -5.90 25.60 -18.50
C ARG B 365 -6.95 25.79 -17.39
N GLU B 367 -6.41 26.40 -14.30
CA GLU B 367 -5.91 27.53 -13.49
C GLU B 367 -6.12 27.32 -11.98
N ARG B 368 -7.36 27.04 -11.58
CA ARG B 368 -7.72 26.83 -10.17
C ARG B 368 -8.88 25.86 -9.98
N GLY B 369 -8.79 24.91 -9.06
CA GLY B 369 -9.81 23.87 -8.85
C GLY B 369 -9.33 22.49 -8.33
N LEU B 370 -10.15 21.46 -8.54
CA LEU B 370 -9.94 20.16 -7.91
C LEU B 370 -9.72 19.12 -8.94
N LEU B 371 -8.57 18.46 -8.85
CA LEU B 371 -8.25 17.30 -9.71
C LEU B 371 -8.70 16.10 -8.95
N VAL B 372 -9.53 15.24 -9.53
CA VAL B 372 -10.12 14.13 -8.76
C VAL B 372 -9.51 12.86 -9.24
N THR B 373 -8.84 12.13 -8.35
CA THR B 373 -8.18 10.86 -8.67
C THR B 373 -8.79 9.66 -7.91
N GLU B 374 -9.84 9.88 -7.15
CA GLU B 374 -10.60 8.76 -6.58
C GLU B 374 -11.91 9.21 -6.07
N LEU B 375 -12.93 8.37 -6.19
CA LEU B 375 -14.25 8.65 -5.69
C LEU B 375 -14.71 7.55 -4.81
N GLY B 377 -18.37 5.94 -2.35
CA GLY B 377 -19.80 5.97 -2.08
C GLY B 377 -20.64 5.67 -3.32
N GLN B 378 -21.79 5.06 -3.11
CA GLN B 378 -22.73 4.81 -4.19
C GLN B 378 -23.64 6.03 -4.27
N GLY B 379 -23.11 7.17 -4.70
CA GLY B 379 -23.86 8.43 -4.62
C GLY B 379 -24.50 8.92 -5.92
N VAL B 380 -24.78 7.99 -6.86
CA VAL B 380 -25.26 8.36 -8.22
C VAL B 380 -26.64 7.85 -8.44
N ASN B 381 -27.60 8.74 -8.70
CA ASN B 381 -29.01 8.36 -8.97
C ASN B 381 -29.27 8.43 -10.49
N LEU B 382 -29.29 7.27 -11.16
CA LEU B 382 -29.53 7.26 -12.60
C LEU B 382 -30.96 7.70 -12.95
N VAL B 383 -31.93 7.44 -12.06
CA VAL B 383 -33.30 7.87 -12.37
C VAL B 383 -33.36 9.37 -12.64
N THR B 384 -32.69 10.16 -11.78
CA THR B 384 -32.77 11.65 -11.86
C THR B 384 -31.52 12.39 -12.26
N GLY B 385 -30.37 11.71 -12.30
CA GLY B 385 -29.14 12.31 -12.72
C GLY B 385 -28.41 12.99 -11.59
N ASP B 386 -28.99 12.88 -10.43
CA ASP B 386 -28.43 13.52 -9.27
C ASP B 386 -27.16 12.79 -8.81
N TYR B 387 -26.11 13.55 -8.50
CA TYR B 387 -24.77 12.98 -8.31
C TYR B 387 -24.08 13.63 -7.15
N SER B 388 -23.59 12.85 -6.22
CA SER B 388 -22.87 13.40 -5.07
C SER B 388 -21.99 12.34 -4.48
N ARG B 389 -20.68 12.51 -4.60
CA ARG B 389 -19.78 11.47 -4.19
C ARG B 389 -18.58 12.01 -3.39
N GLY B 390 -18.18 11.26 -2.36
CA GLY B 390 -16.88 11.50 -1.72
C GLY B 390 -15.77 11.47 -2.77
N ALA B 391 -14.74 12.26 -2.56
CA ALA B 391 -13.67 12.42 -3.54
C ALA B 391 -12.33 12.61 -2.86
N ALA B 392 -11.26 12.34 -3.60
CA ALA B 392 -9.91 12.63 -3.15
C ALA B 392 -9.05 12.97 -4.39
N GLY B 393 -7.97 13.72 -4.19
CA GLY B 393 -7.12 14.07 -5.27
C GLY B 393 -6.18 15.14 -4.82
N TYR B 394 -6.03 16.18 -5.65
CA TYR B 394 -5.14 17.32 -5.40
C TYR B 394 -5.81 18.62 -5.72
N TRP B 395 -5.60 19.65 -4.93
CA TRP B 395 -6.03 21.01 -5.26
C TRP B 395 -5.08 21.66 -6.24
N VAL B 396 -5.61 22.47 -7.15
CA VAL B 396 -4.82 23.22 -8.09
C VAL B 396 -5.00 24.70 -7.85
N GLU B 397 -3.90 25.45 -8.00
CA GLU B 397 -3.94 26.91 -8.13
C GLU B 397 -2.75 27.44 -8.88
N ASN B 398 -2.95 28.58 -9.56
CA ASN B 398 -1.95 29.12 -10.51
C ASN B 398 -1.45 28.08 -11.49
N GLY B 399 -2.36 27.21 -11.92
CA GLY B 399 -2.02 26.15 -12.84
C GLY B 399 -1.04 25.11 -12.33
N GLU B 400 -0.99 24.90 -11.01
CA GLU B 400 -0.15 23.83 -10.46
C GLU B 400 -0.83 23.09 -9.33
N ILE B 401 -0.37 21.87 -9.12
CA ILE B 401 -0.88 21.08 -8.05
C ILE B 401 -0.26 21.69 -6.82
N GLN B 402 -1.08 22.10 -5.86
CA GLN B 402 -0.57 22.70 -4.62
C GLN B 402 -0.47 21.64 -3.55
N PHE B 403 -1.50 20.82 -3.37
CA PHE B 403 -1.48 19.82 -2.30
C PHE B 403 -2.56 18.79 -2.45
N PRO B 404 -2.41 17.66 -1.77
CA PRO B 404 -3.41 16.60 -1.81
C PRO B 404 -4.61 16.93 -0.99
N VAL B 405 -5.76 16.40 -1.40
CA VAL B 405 -7.07 16.66 -0.80
C VAL B 405 -7.82 15.35 -0.47
N GLN B 406 -8.60 15.39 0.59
CA GLN B 406 -9.41 14.26 0.97
C GLN B 406 -10.55 14.84 1.75
N GLU B 407 -11.49 13.98 2.09
CA GLU B 407 -12.63 14.36 2.88
C GLU B 407 -13.34 15.55 2.30
N VAL B 408 -13.67 15.47 1.01
CA VAL B 408 -14.59 16.42 0.33
C VAL B 408 -15.62 15.64 -0.41
N THR B 409 -16.72 16.27 -0.78
CA THR B 409 -17.69 15.60 -1.65
C THR B 409 -17.88 16.51 -2.86
N ILE B 410 -18.25 15.94 -4.00
CA ILE B 410 -18.56 16.70 -5.21
C ILE B 410 -19.97 16.41 -5.61
N ALA B 411 -20.70 17.43 -6.05
CA ALA B 411 -22.13 17.33 -6.43
C ALA B 411 -22.45 18.08 -7.73
N ALA B 412 -23.43 17.55 -8.48
CA ALA B 412 -23.99 18.22 -9.68
C ALA B 412 -25.07 17.31 -10.19
N ASN B 413 -25.85 17.75 -11.19
CA ASN B 413 -26.63 16.81 -11.95
C ASN B 413 -25.82 16.48 -13.18
N LEU B 414 -25.81 15.20 -13.54
CA LEU B 414 -25.05 14.74 -14.68
C LEU B 414 -25.51 15.43 -15.96
N ARG B 415 -26.80 15.69 -16.03
CA ARG B 415 -27.33 16.38 -17.18
C ARG B 415 -26.53 17.66 -17.46
N ASP B 416 -26.32 18.46 -16.40
CA ASP B 416 -25.61 19.74 -16.48
C ASP B 416 -24.13 19.44 -16.62
N LEU B 417 -23.69 18.42 -15.89
CA LEU B 417 -22.29 18.11 -15.89
C LEU B 417 -21.77 17.94 -17.33
N PHE B 418 -22.42 17.03 -18.07
CA PHE B 418 -22.06 16.69 -19.42
C PHE B 418 -22.10 17.89 -20.33
N ARG B 419 -23.09 18.75 -20.13
CA ARG B 419 -23.08 20.00 -20.89
C ARG B 419 -21.89 20.89 -20.54
N ARG B 420 -21.35 20.78 -19.34
CA ARG B 420 -20.33 21.67 -18.88
C ARG B 420 -18.91 21.14 -19.16
N ILE B 421 -18.77 20.05 -19.89
CA ILE B 421 -17.43 19.61 -20.20
C ILE B 421 -16.68 20.66 -21.04
N VAL B 422 -15.54 21.07 -20.54
CA VAL B 422 -14.76 22.08 -21.20
C VAL B 422 -13.79 21.45 -22.19
N ALA B 423 -13.21 20.28 -21.83
CA ALA B 423 -12.27 19.55 -22.70
C ALA B 423 -12.14 18.08 -22.36
N VAL B 424 -11.61 17.29 -23.26
CA VAL B 424 -11.20 15.93 -22.90
C VAL B 424 -9.79 15.74 -23.39
N GLY B 425 -8.97 15.24 -22.50
CA GLY B 425 -7.56 14.99 -22.74
C GLY B 425 -7.21 13.82 -23.62
N LYS B 426 -6.04 13.90 -24.18
CA LYS B 426 -5.51 12.91 -25.05
C LYS B 426 -4.77 11.92 -24.25
N ASP B 427 -4.86 12.04 -22.95
CA ASP B 427 -4.28 11.08 -22.09
C ASP B 427 -5.26 9.94 -21.88
N ILE B 428 -5.49 9.18 -22.91
CA ILE B 428 -6.46 8.12 -22.93
C ILE B 428 -6.28 6.90 -22.07
N GLU B 429 -7.38 6.41 -21.49
CA GLU B 429 -7.30 5.22 -20.66
C GLU B 429 -7.37 3.99 -21.56
N ARG B 430 -6.40 3.09 -21.42
CA ARG B 430 -6.41 1.89 -22.21
C ARG B 430 -6.70 0.58 -21.50
N ARG B 431 -7.01 0.59 -20.24
CA ARG B 431 -7.12 -0.67 -19.58
C ARG B 431 -8.47 -1.33 -19.53
N GLY B 432 -9.41 -0.83 -20.29
CA GLY B 432 -10.73 -1.37 -20.32
C GLY B 432 -11.42 -1.25 -21.63
N ASN B 433 -12.72 -1.10 -21.55
CA ASN B 433 -13.63 -0.99 -22.66
C ASN B 433 -13.98 0.42 -23.05
N LEU B 434 -13.51 1.37 -22.30
CA LEU B 434 -13.96 2.75 -22.42
C LEU B 434 -12.75 3.68 -22.41
N HIS B 435 -12.42 4.21 -23.56
CA HIS B 435 -11.25 5.02 -23.73
C HIS B 435 -11.55 6.48 -23.68
N THR B 436 -11.34 7.07 -22.53
CA THR B 436 -11.49 8.47 -22.25
C THR B 436 -10.19 9.04 -21.74
N GLY B 437 -9.91 10.31 -22.04
CA GLY B 437 -8.81 10.99 -21.40
C GLY B 437 -9.33 11.67 -20.14
N SER B 438 -8.55 12.57 -19.57
CA SER B 438 -9.02 13.37 -18.44
C SER B 438 -10.17 14.28 -18.89
N VAL B 439 -11.10 14.56 -17.98
CA VAL B 439 -12.26 15.35 -18.31
C VAL B 439 -12.35 16.57 -17.38
N LEU B 440 -12.31 17.74 -17.99
CA LEU B 440 -12.39 19.03 -17.31
C LEU B 440 -13.81 19.47 -17.35
N VAL B 441 -14.41 19.65 -16.21
CA VAL B 441 -15.79 20.12 -16.11
C VAL B 441 -15.74 21.57 -15.65
N GLU B 442 -16.55 22.41 -16.24
CA GLU B 442 -16.53 23.86 -15.98
C GLU B 442 -16.68 24.19 -14.49
N SER B 443 -17.65 23.59 -13.84
CA SER B 443 -17.85 23.84 -12.42
C SER B 443 -18.70 22.75 -11.77
N VAL B 446 -18.00 21.66 -4.86
CA VAL B 446 -17.08 20.96 -3.97
C VAL B 446 -17.31 21.33 -2.49
N ALA B 447 -17.61 20.36 -1.63
CA ALA B 447 -17.92 20.67 -0.21
C ALA B 447 -16.94 20.00 0.80
N GLY B 448 -16.51 20.75 1.81
CA GLY B 448 -15.61 20.24 2.88
C GLY B 448 -15.35 21.14 4.09
N VAL C 8 -29.97 -33.65 -4.79
CA VAL C 8 -28.69 -33.17 -4.13
C VAL C 8 -28.94 -33.02 -2.67
N GLY C 9 -28.35 -33.91 -1.90
CA GLY C 9 -28.61 -33.94 -0.48
C GLY C 9 -27.72 -34.97 0.17
N PRO C 10 -28.23 -35.60 1.25
CA PRO C 10 -27.43 -36.59 1.95
C PRO C 10 -27.17 -37.88 1.14
N SER C 11 -28.16 -38.25 0.32
CA SER C 11 -28.07 -39.48 -0.46
C SER C 11 -26.85 -39.50 -1.39
N VAL C 12 -26.44 -38.31 -1.82
CA VAL C 12 -25.30 -38.12 -2.69
C VAL C 12 -23.95 -37.96 -2.03
N LEU C 13 -23.91 -37.81 -0.74
CA LEU C 13 -22.62 -37.70 -0.04
C LEU C 13 -21.64 -38.84 -0.35
N PRO C 14 -22.11 -40.09 -0.25
CA PRO C 14 -21.13 -41.15 -0.41
C PRO C 14 -20.36 -41.16 -1.75
N ASP C 15 -20.99 -40.65 -2.82
CA ASP C 15 -20.31 -40.47 -4.11
C ASP C 15 -19.21 -39.42 -4.03
N LEU C 16 -19.46 -38.39 -3.24
CA LEU C 16 -18.51 -37.31 -3.10
C LEU C 16 -17.37 -37.73 -2.18
N ARG C 17 -17.66 -38.54 -1.17
CA ARG C 17 -16.59 -39.10 -0.37
C ARG C 17 -15.65 -39.89 -1.28
N GLU C 18 -16.25 -40.68 -2.17
CA GLU C 18 -15.52 -41.59 -2.99
C GLU C 18 -14.69 -40.75 -3.92
N GLN C 19 -15.26 -39.66 -4.38
CA GLN C 19 -14.49 -38.73 -5.19
C GLN C 19 -13.30 -38.11 -4.44
N VAL C 20 -13.52 -37.72 -3.20
CA VAL C 20 -12.43 -37.19 -2.43
C VAL C 20 -11.33 -38.26 -2.25
N GLU C 21 -11.71 -39.50 -1.90
CA GLU C 21 -10.74 -40.59 -1.75
C GLU C 21 -9.91 -40.74 -3.02
N GLN C 22 -10.54 -40.61 -4.17
CA GLN C 22 -9.81 -40.81 -5.42
C GLN C 22 -8.74 -39.73 -5.67
N ILE C 23 -9.15 -38.50 -5.35
CA ILE C 23 -8.28 -37.37 -5.50
C ILE C 23 -7.09 -37.56 -4.59
N ILE C 24 -7.33 -37.84 -3.32
CA ILE C 24 -6.21 -38.06 -2.37
C ILE C 24 -5.26 -39.19 -2.83
N ALA C 25 -5.85 -40.29 -3.30
CA ALA C 25 -5.13 -41.43 -3.85
C ALA C 25 -4.32 -40.98 -5.04
N GLU C 26 -4.87 -40.11 -5.87
CA GLU C 26 -4.20 -39.73 -7.11
C GLU C 26 -3.08 -38.78 -6.88
N ALA C 27 -3.21 -37.97 -5.86
CA ALA C 27 -2.18 -37.08 -5.39
C ALA C 27 -0.97 -37.85 -4.87
N ARG C 28 -1.23 -38.95 -4.21
CA ARG C 28 -0.22 -39.84 -3.71
C ARG C 28 0.57 -40.45 -4.85
N ARG C 29 -0.16 -40.83 -5.88
CA ARG C 29 0.33 -41.46 -7.06
C ARG C 29 1.30 -40.56 -7.82
N GLN C 30 1.07 -39.27 -7.74
CA GLN C 30 1.87 -38.28 -8.42
C GLN C 30 2.98 -37.71 -7.54
N GLY C 31 3.14 -38.26 -6.37
CA GLY C 31 4.22 -37.82 -5.54
C GLY C 31 4.07 -36.73 -4.53
N ALA C 32 2.85 -36.31 -4.28
CA ALA C 32 2.61 -35.30 -3.29
C ALA C 32 2.85 -35.94 -1.95
N SER C 33 3.34 -35.18 -1.00
CA SER C 33 3.60 -35.70 0.34
C SER C 33 2.43 -35.57 1.29
N ALA C 34 1.46 -34.75 0.94
CA ALA C 34 0.31 -34.53 1.72
C ALA C 34 -0.66 -33.80 0.86
N CYS C 35 -1.95 -33.86 1.21
CA CYS C 35 -2.93 -33.13 0.44
C CYS C 35 -4.20 -32.75 1.20
N GLU C 36 -4.84 -31.69 0.71
CA GLU C 36 -6.14 -31.25 1.18
C GLU C 36 -7.11 -31.18 0.03
N VAL C 37 -8.27 -31.80 0.18
CA VAL C 37 -9.29 -31.70 -0.83
C VAL C 37 -10.66 -31.26 -0.36
N ALA C 38 -11.31 -30.45 -1.16
CA ALA C 38 -12.68 -30.07 -0.90
C ALA C 38 -13.55 -30.19 -2.15
N VAL C 39 -14.66 -30.88 -2.01
CA VAL C 39 -15.63 -31.03 -3.11
C VAL C 39 -16.99 -30.41 -2.72
N SER C 40 -17.58 -29.71 -3.70
CA SER C 40 -18.83 -28.92 -3.54
C SER C 40 -19.78 -29.19 -4.71
N LEU C 41 -21.01 -29.49 -4.32
CA LEU C 41 -22.11 -29.60 -5.23
C LEU C 41 -23.14 -28.63 -4.77
N GLU C 42 -23.78 -27.94 -5.68
CA GLU C 42 -24.80 -26.97 -5.29
C GLU C 42 -25.85 -26.87 -6.38
N GLN C 43 -27.10 -26.73 -5.97
CA GLN C 43 -28.12 -26.39 -6.94
C GLN C 43 -29.30 -25.63 -6.34
N GLY C 44 -29.91 -24.81 -7.15
CA GLY C 44 -31.17 -24.21 -6.74
C GLY C 44 -31.82 -23.32 -7.76
N LEU C 45 -32.80 -22.58 -7.27
CA LEU C 45 -33.64 -21.79 -8.10
C LEU C 45 -33.57 -20.36 -7.63
N SER C 46 -33.33 -19.43 -8.53
CA SER C 46 -33.33 -18.02 -8.17
C SER C 46 -34.37 -17.27 -8.96
N THR C 47 -35.18 -16.45 -8.31
CA THR C 47 -36.18 -15.62 -8.98
C THR C 47 -36.02 -14.14 -8.71
N SER C 48 -36.14 -13.33 -9.75
CA SER C 48 -36.05 -11.90 -9.63
C SER C 48 -37.26 -11.24 -10.24
N VAL C 49 -37.76 -10.16 -9.65
CA VAL C 49 -38.86 -9.45 -10.24
C VAL C 49 -38.64 -7.98 -10.09
N ARG C 50 -39.08 -7.18 -11.04
CA ARG C 50 -38.95 -5.74 -10.91
C ARG C 50 -40.13 -5.00 -11.47
N GLN C 51 -40.72 -4.17 -10.66
CA GLN C 51 -41.87 -3.41 -11.07
C GLN C 51 -42.99 -4.26 -11.58
N GLY C 52 -43.21 -5.41 -10.99
CA GLY C 52 -44.29 -6.27 -11.39
C GLY C 52 -43.97 -7.14 -12.57
N GLU C 53 -42.77 -7.06 -13.05
CA GLU C 53 -42.35 -7.86 -14.16
C GLU C 53 -41.36 -8.89 -13.64
N VAL C 54 -41.46 -10.12 -14.11
CA VAL C 54 -40.53 -11.12 -13.69
C VAL C 54 -39.35 -11.12 -14.57
N GLU C 55 -38.22 -10.65 -14.09
CA GLU C 55 -37.00 -10.65 -14.88
C GLU C 55 -36.33 -11.96 -15.19
N THR C 56 -36.19 -12.84 -14.22
CA THR C 56 -35.57 -14.08 -14.50
C THR C 56 -36.00 -15.17 -13.62
N VAL C 57 -36.11 -16.34 -14.15
CA VAL C 57 -36.33 -17.51 -13.34
C VAL C 57 -35.34 -18.56 -13.84
N GLU C 58 -34.42 -18.96 -12.98
CA GLU C 58 -33.25 -19.69 -13.40
C GLU C 58 -32.94 -20.86 -12.47
N PHE C 59 -32.53 -21.98 -13.06
CA PHE C 59 -32.06 -23.15 -12.30
C PHE C 59 -30.57 -23.43 -12.51
N ASN C 60 -29.85 -23.47 -11.38
CA ASN C 60 -28.37 -23.52 -11.35
C ASN C 60 -27.98 -24.87 -10.78
N ARG C 61 -26.89 -25.43 -11.28
CA ARG C 61 -26.27 -26.60 -10.67
C ARG C 61 -24.77 -26.55 -10.86
N ASP C 62 -24.05 -26.49 -9.76
CA ASP C 62 -22.64 -26.22 -9.84
C ASP C 62 -21.86 -27.26 -9.04
N GLN C 63 -20.88 -27.87 -9.69
CA GLN C 63 -20.01 -28.82 -9.05
C GLN C 63 -18.58 -28.45 -9.35
N GLY C 64 -17.74 -28.59 -8.31
CA GLY C 64 -16.31 -28.40 -8.45
C GLY C 64 -15.53 -29.04 -7.34
N PHE C 65 -14.22 -29.08 -7.53
CA PHE C 65 -13.32 -29.44 -6.46
C PHE C 65 -12.05 -28.65 -6.60
N GLY C 66 -11.40 -28.51 -5.45
CA GLY C 66 -10.09 -27.88 -5.28
C GLY C 66 -9.24 -28.72 -4.35
N ILE C 67 -7.96 -28.73 -4.69
CA ILE C 67 -6.94 -29.47 -3.97
C ILE C 67 -5.81 -28.51 -3.63
N THR C 68 -5.29 -28.64 -2.42
CA THR C 68 -4.02 -28.07 -2.03
C THR C 68 -3.05 -29.14 -1.60
N LEU C 69 -1.84 -29.05 -2.13
CA LEU C 69 -0.91 -30.15 -2.31
C LEU C 69 0.38 -29.74 -1.67
N TYR C 70 1.13 -30.70 -1.15
CA TYR C 70 2.47 -30.41 -0.67
C TYR C 70 3.53 -31.31 -1.29
N ALA C 71 4.73 -30.76 -1.51
CA ALA C 71 5.89 -31.55 -1.85
C ALA C 71 6.88 -31.09 -0.81
N GLY C 72 6.81 -31.72 0.34
CA GLY C 72 7.62 -31.30 1.47
C GLY C 72 7.01 -30.06 2.06
N GLN C 73 7.82 -29.00 2.13
CA GLN C 73 7.39 -27.69 2.62
C GLN C 73 6.87 -26.75 1.49
N ARG C 74 6.82 -27.29 0.27
CA ARG C 74 6.29 -26.58 -0.90
C ARG C 74 4.81 -26.86 -1.11
N LYS C 75 4.10 -25.84 -1.55
CA LYS C 75 2.64 -25.80 -1.57
C LYS C 75 2.15 -25.46 -2.98
N GLY C 76 1.06 -26.09 -3.41
CA GLY C 76 0.48 -25.97 -4.76
C GLY C 76 -1.03 -26.14 -4.63
N SER C 77 -1.77 -25.36 -5.41
CA SER C 77 -3.21 -25.48 -5.43
C SER C 77 -3.81 -25.47 -6.84
N ALA C 78 -4.92 -26.18 -7.00
CA ALA C 78 -5.65 -26.20 -8.25
C ALA C 78 -7.09 -26.60 -7.96
N SER C 79 -7.96 -26.23 -8.87
CA SER C 79 -9.37 -26.54 -8.77
C SER C 79 -9.93 -26.66 -10.15
N THR C 80 -11.01 -27.36 -10.27
CA THR C 80 -11.66 -27.53 -11.53
C THR C 80 -13.14 -27.72 -11.27
N SER C 81 -13.94 -27.51 -12.28
CA SER C 81 -15.32 -27.79 -12.16
C SER C 81 -15.72 -29.09 -12.85
N ALA C 82 -14.80 -29.65 -13.60
CA ALA C 82 -14.97 -30.88 -14.31
C ALA C 82 -14.91 -32.07 -13.41
N THR C 83 -15.34 -33.23 -13.89
CA THR C 83 -15.30 -34.45 -13.12
C THR C 83 -14.79 -35.61 -13.93
N GLY C 84 -14.29 -36.62 -13.24
CA GLY C 84 -13.77 -37.80 -13.90
C GLY C 84 -12.30 -38.04 -13.64
N GLU C 85 -11.81 -39.19 -14.10
CA GLU C 85 -10.41 -39.55 -13.90
C GLU C 85 -9.46 -38.58 -14.59
N ALA C 86 -9.80 -38.16 -15.79
CA ALA C 86 -8.95 -37.23 -16.54
C ALA C 86 -8.84 -35.88 -15.83
N ALA C 87 -9.96 -35.38 -15.31
CA ALA C 87 -9.97 -34.11 -14.61
C ALA C 87 -9.12 -34.16 -13.34
N ILE C 88 -9.25 -35.27 -12.62
CA ILE C 88 -8.50 -35.46 -11.38
C ILE C 88 -7.00 -35.53 -11.63
N ARG C 89 -6.61 -36.22 -12.69
CA ARG C 89 -5.21 -36.35 -13.01
C ARG C 89 -4.67 -34.98 -13.42
N GLU C 90 -5.40 -34.31 -14.29
CA GLU C 90 -4.90 -33.06 -14.84
C GLU C 90 -4.82 -32.01 -13.76
N THR C 91 -5.77 -32.03 -12.84
CA THR C 91 -5.80 -31.01 -11.76
C THR C 91 -4.71 -31.20 -10.66
N VAL C 92 -4.57 -32.43 -10.17
CA VAL C 92 -3.52 -32.83 -9.28
C VAL C 92 -2.22 -32.47 -9.93
N ALA C 93 -2.03 -32.89 -11.18
CA ALA C 93 -0.73 -32.62 -11.93
C ALA C 93 -0.37 -31.13 -11.85
N ALA C 94 -1.38 -30.32 -12.08
CA ALA C 94 -1.19 -28.88 -12.00
C ALA C 94 -0.79 -28.38 -10.60
N ALA C 95 -1.57 -28.71 -9.56
CA ALA C 95 -1.20 -28.33 -8.20
C ALA C 95 0.29 -28.68 -7.89
N LEU C 96 0.73 -29.87 -8.33
CA LEU C 96 2.11 -30.29 -8.24
C LEU C 96 3.15 -29.49 -9.10
N ALA C 97 2.84 -29.21 -10.35
CA ALA C 97 3.70 -28.36 -11.17
C ALA C 97 3.99 -27.08 -10.41
N ILE C 98 3.00 -26.57 -9.68
CA ILE C 98 3.21 -25.37 -8.84
C ILE C 98 4.06 -25.67 -7.60
N ALA C 99 3.66 -26.69 -6.82
CA ALA C 99 4.39 -27.10 -5.62
C ALA C 99 5.89 -27.24 -5.97
N ARG C 100 6.20 -27.98 -7.02
CA ARG C 100 7.60 -28.27 -7.34
C ARG C 100 8.38 -27.05 -7.79
N HIS C 101 7.70 -25.97 -8.16
CA HIS C 101 8.39 -24.79 -8.69
C HIS C 101 8.22 -23.51 -7.85
N THR C 102 7.64 -23.63 -6.65
CA THR C 102 7.55 -22.54 -5.67
C THR C 102 8.43 -22.89 -4.48
N SER C 103 8.52 -22.02 -3.49
CA SER C 103 9.56 -22.21 -2.48
C SER C 103 9.02 -22.83 -1.15
N GLU C 104 9.94 -23.17 -0.26
CA GLU C 104 9.63 -23.90 0.94
C GLU C 104 9.16 -22.91 1.96
N ASP C 105 8.05 -23.24 2.62
CA ASP C 105 7.51 -22.43 3.69
C ASP C 105 7.63 -23.26 4.97
N GLU C 106 8.52 -22.84 5.89
CA GLU C 106 8.75 -23.61 7.14
C GLU C 106 7.44 -23.81 7.97
N CYS C 107 6.47 -22.96 7.81
CA CYS C 107 5.23 -23.12 8.52
C CYS C 107 4.17 -23.88 7.76
N ALA C 108 4.45 -24.24 6.53
CA ALA C 108 3.49 -24.86 5.67
C ALA C 108 3.15 -26.23 6.11
N GLY C 109 2.07 -26.77 5.57
CA GLY C 109 1.63 -28.12 5.88
C GLY C 109 0.41 -28.26 6.77
N LEU C 110 -0.19 -29.44 6.68
CA LEU C 110 -1.39 -29.80 7.40
C LEU C 110 -1.22 -29.82 8.91
N ALA C 111 -2.33 -29.85 9.60
CA ALA C 111 -2.36 -29.98 11.02
C ALA C 111 -1.98 -31.39 11.40
N ASP C 112 -1.45 -31.60 12.58
CA ASP C 112 -1.07 -32.93 12.96
C ASP C 112 -2.27 -33.85 13.04
N ALA C 113 -2.05 -35.10 12.73
CA ALA C 113 -3.12 -36.04 12.61
C ALA C 113 -3.92 -36.29 13.86
N ALA C 114 -3.29 -36.15 15.00
CA ALA C 114 -3.91 -36.40 16.28
C ALA C 114 -5.07 -35.47 16.48
N LEU C 115 -4.94 -34.33 15.84
CA LEU C 115 -5.90 -33.27 15.93
C LEU C 115 -7.09 -33.31 15.01
N ALA C 117 -10.78 -34.18 13.62
CA ALA C 117 -12.00 -34.35 14.38
C ALA C 117 -12.23 -35.83 14.53
N ARG C 118 -12.51 -36.28 15.75
CA ARG C 118 -12.79 -37.71 16.05
C ARG C 118 -14.22 -38.09 15.80
N GLU C 119 -15.12 -37.13 15.96
CA GLU C 119 -16.51 -37.35 15.61
C GLU C 119 -17.16 -36.05 15.27
N LEU C 120 -18.32 -36.16 14.63
CA LEU C 120 -18.95 -35.04 13.98
C LEU C 120 -20.41 -35.06 14.35
N PRO C 121 -20.86 -34.09 15.15
CA PRO C 121 -22.31 -33.93 15.44
C PRO C 121 -23.18 -33.69 14.20
N GLU C 122 -24.42 -34.10 14.32
CA GLU C 122 -25.45 -33.87 13.35
C GLU C 122 -26.03 -32.48 13.55
N LEU C 123 -25.82 -31.64 12.56
CA LEU C 123 -26.22 -30.28 12.66
C LEU C 123 -27.54 -29.98 11.97
N ASP C 124 -28.17 -30.95 11.31
CA ASP C 124 -29.49 -30.75 10.71
C ASP C 124 -29.59 -29.40 9.91
N LEU C 125 -28.71 -29.19 8.96
CA LEU C 125 -28.71 -27.99 8.16
C LEU C 125 -29.42 -28.17 6.81
N TYR C 126 -30.07 -29.30 6.60
CA TYR C 126 -30.63 -29.60 5.30
C TYR C 126 -32.14 -29.69 5.33
N HIS C 127 -32.74 -28.67 4.74
CA HIS C 127 -34.18 -28.57 4.68
C HIS C 127 -34.65 -28.10 3.31
N PRO C 128 -34.88 -29.07 2.42
CA PRO C 128 -35.35 -28.76 1.06
C PRO C 128 -36.68 -28.07 1.14
N TRP C 129 -36.78 -27.06 0.29
CA TRP C 129 -38.00 -26.29 0.13
C TRP C 129 -38.69 -26.71 -1.18
N SER C 130 -39.88 -27.26 -1.04
CA SER C 130 -40.63 -27.71 -2.21
C SER C 130 -41.26 -26.46 -2.80
N LEU C 131 -40.60 -25.88 -3.78
CA LEU C 131 -41.03 -24.59 -4.24
C LEU C 131 -40.93 -24.64 -5.74
N SER C 132 -42.08 -24.75 -6.40
CA SER C 132 -42.16 -24.69 -7.84
C SER C 132 -41.85 -23.29 -8.27
N PRO C 133 -41.37 -23.11 -9.52
CA PRO C 133 -41.14 -21.77 -10.03
C PRO C 133 -42.41 -20.96 -10.04
N GLU C 134 -43.54 -21.62 -10.22
CA GLU C 134 -44.82 -20.93 -10.14
C GLU C 134 -45.05 -20.30 -8.77
N GLN C 135 -44.66 -21.00 -7.70
CA GLN C 135 -44.78 -20.46 -6.35
C GLN C 135 -43.69 -19.42 -6.11
N ALA C 136 -42.49 -19.68 -6.63
CA ALA C 136 -41.39 -18.72 -6.50
C ALA C 136 -41.78 -17.36 -7.04
N VAL C 137 -42.39 -17.37 -8.22
CA VAL C 137 -42.88 -16.13 -8.83
C VAL C 137 -44.08 -15.51 -8.07
N GLU C 138 -45.05 -16.34 -7.73
CA GLU C 138 -46.17 -15.89 -6.95
C GLU C 138 -45.68 -15.07 -5.75
N ARG C 139 -44.70 -15.60 -4.99
CA ARG C 139 -44.23 -14.99 -3.74
C ARG C 139 -43.43 -13.72 -4.00
N ALA C 140 -42.45 -13.80 -4.91
CA ALA C 140 -41.61 -12.64 -5.24
C ALA C 140 -42.50 -11.48 -5.63
N LEU C 141 -43.49 -11.74 -6.48
CA LEU C 141 -44.52 -10.72 -6.76
C LEU C 141 -45.39 -10.30 -5.57
N ALA C 142 -45.84 -11.23 -4.74
CA ALA C 142 -46.63 -10.86 -3.56
C ALA C 142 -45.83 -9.94 -2.61
N CYS C 143 -44.52 -10.11 -2.56
CA CYS C 143 -43.65 -9.24 -1.77
C CYS C 143 -43.60 -7.83 -2.37
N GLU C 144 -43.34 -7.69 -3.66
CA GLU C 144 -43.28 -6.34 -4.24
C GLU C 144 -44.60 -5.67 -4.09
N ALA C 145 -45.66 -6.40 -4.36
CA ALA C 145 -47.02 -5.85 -4.27
C ALA C 145 -47.35 -5.36 -2.85
N ALA C 146 -46.92 -6.08 -1.82
CA ALA C 146 -47.12 -5.63 -0.45
C ALA C 146 -46.38 -4.30 -0.18
N ALA C 147 -45.18 -4.15 -0.79
CA ALA C 147 -44.36 -2.93 -0.70
C ALA C 147 -45.12 -1.76 -1.24
N PHE C 148 -45.51 -1.83 -2.51
CA PHE C 148 -46.32 -0.79 -3.14
C PHE C 148 -47.58 -0.54 -2.37
N ALA C 149 -48.23 -1.61 -1.90
CA ALA C 149 -49.49 -1.47 -1.18
C ALA C 149 -49.31 -0.74 0.16
N ALA C 150 -48.09 -0.68 0.70
CA ALA C 150 -47.85 -0.20 2.07
C ALA C 150 -47.83 1.30 2.21
N ASP C 151 -47.45 2.02 1.14
CA ASP C 151 -47.30 3.47 1.21
C ASP C 151 -47.42 4.06 -0.20
N LYS C 152 -48.33 5.02 -0.37
CA LYS C 152 -48.59 5.68 -1.67
C LYS C 152 -47.25 6.21 -2.29
N ARG C 153 -46.30 6.58 -1.42
CA ARG C 153 -45.04 7.21 -1.84
C ARG C 153 -43.97 6.27 -2.34
N VAL C 154 -44.18 4.96 -2.24
CA VAL C 154 -43.24 4.00 -2.81
C VAL C 154 -43.63 3.75 -4.25
N THR C 155 -42.89 4.38 -5.14
CA THR C 155 -43.33 4.49 -6.52
C THR C 155 -42.50 3.63 -7.44
N LYS C 156 -41.35 3.15 -6.99
CA LYS C 156 -40.54 2.30 -7.85
C LYS C 156 -39.89 1.14 -7.11
N ALA C 157 -39.23 0.26 -7.85
CA ALA C 157 -38.53 -0.88 -7.24
C ALA C 157 -37.22 -1.09 -7.95
N ASP C 158 -36.24 -1.57 -7.20
CA ASP C 158 -35.17 -2.41 -7.75
C ASP C 158 -35.59 -3.84 -7.50
N GLY C 159 -34.73 -4.78 -7.79
CA GLY C 159 -35.14 -6.19 -7.67
C GLY C 159 -35.81 -6.62 -6.38
N THR C 160 -36.78 -7.52 -6.52
CA THR C 160 -37.15 -8.42 -5.44
C THR C 160 -36.61 -9.80 -5.85
N THR C 161 -35.79 -10.45 -5.02
CA THR C 161 -35.17 -11.73 -5.37
C THR C 161 -35.44 -12.82 -4.36
N LEU C 162 -35.85 -14.00 -4.86
CA LEU C 162 -36.09 -15.20 -4.05
C LEU C 162 -35.09 -16.35 -4.42
N ASN C 163 -34.21 -16.72 -3.49
CA ASN C 163 -33.26 -17.74 -3.76
C ASN C 163 -33.56 -18.88 -2.85
N THR C 164 -33.46 -20.10 -3.37
CA THR C 164 -33.62 -21.31 -2.60
C THR C 164 -32.60 -22.30 -3.13
N HIS C 165 -31.72 -22.79 -2.28
CA HIS C 165 -30.59 -23.61 -2.75
C HIS C 165 -30.31 -24.80 -1.83
N GLN C 166 -29.67 -25.81 -2.41
CA GLN C 166 -29.17 -26.99 -1.70
C GLN C 166 -27.70 -27.22 -2.05
N GLY C 167 -26.91 -27.59 -1.04
CA GLY C 167 -25.53 -27.97 -1.27
C GLY C 167 -25.05 -29.14 -0.42
N CYS C 168 -23.91 -29.70 -0.82
CA CYS C 168 -23.21 -30.70 -0.04
C CYS C 168 -21.71 -30.42 -0.14
N ARG C 169 -20.98 -30.46 0.97
CA ARG C 169 -19.54 -30.27 0.92
C ARG C 169 -18.84 -31.40 1.63
N VAL C 170 -17.79 -31.95 1.07
CA VAL C 170 -16.97 -32.93 1.74
C VAL C 170 -15.55 -32.42 1.68
N TYR C 171 -14.83 -32.55 2.79
CA TYR C 171 -13.43 -32.17 2.91
C TYR C 171 -12.64 -33.38 3.30
N GLY C 172 -11.43 -33.49 2.79
CA GLY C 172 -10.58 -34.61 3.09
C GLY C 172 -9.13 -34.27 3.18
N ASN C 173 -8.44 -35.09 3.91
CA ASN C 173 -7.04 -34.94 4.21
C ASN C 173 -6.31 -36.19 3.91
N SER C 174 -5.02 -36.03 3.68
CA SER C 174 -4.10 -37.11 3.52
C SER C 174 -3.87 -37.82 4.85
N HIS C 175 -4.22 -37.17 5.95
CA HIS C 175 -4.14 -37.75 7.30
C HIS C 175 -5.19 -38.77 7.47
N GLY C 176 -6.08 -38.86 6.53
CA GLY C 176 -7.19 -39.78 6.57
C GLY C 176 -8.48 -39.19 7.02
N PHE C 177 -8.54 -37.88 7.14
CA PHE C 177 -9.78 -37.23 7.50
C PHE C 177 -10.73 -37.02 6.34
N ILE C 178 -11.97 -37.48 6.49
CA ILE C 178 -13.00 -37.27 5.48
C ILE C 178 -14.28 -36.89 6.24
N GLY C 179 -14.84 -35.73 5.91
CA GLY C 179 -16.04 -35.19 6.56
C GLY C 179 -16.90 -34.37 5.61
N GLY C 180 -18.21 -34.49 5.74
CA GLY C 180 -19.11 -33.86 4.78
C GLY C 180 -20.51 -33.68 5.32
N TYR C 181 -21.25 -32.71 4.81
CA TYR C 181 -22.58 -32.36 5.34
C TYR C 181 -23.34 -31.78 4.14
N ALA C 182 -24.67 -31.96 4.17
CA ALA C 182 -25.56 -31.33 3.20
C ALA C 182 -26.23 -30.20 3.94
N SER C 183 -26.53 -29.11 3.21
CA SER C 183 -27.22 -27.94 3.80
C SER C 183 -28.12 -27.27 2.76
N THR C 184 -28.95 -26.35 3.22
CA THR C 184 -29.88 -25.62 2.40
C THR C 184 -29.81 -24.17 2.85
N ARG C 185 -30.30 -23.28 2.02
CA ARG C 185 -30.30 -21.86 2.34
C ARG C 185 -31.30 -21.13 1.44
N HIS C 186 -32.25 -20.43 2.07
CA HIS C 186 -33.32 -19.76 1.33
C HIS C 186 -33.37 -18.30 1.71
N SER C 187 -33.66 -17.43 0.76
CA SER C 187 -33.70 -16.02 1.05
C SER C 187 -34.74 -15.40 0.16
N LEU C 188 -35.19 -14.23 0.58
CA LEU C 188 -36.05 -13.37 -0.17
C LEU C 188 -35.67 -11.94 0.21
N SER C 189 -35.09 -11.20 -0.74
CA SER C 189 -34.73 -9.79 -0.56
C SER C 189 -35.59 -8.87 -1.45
N CYS C 190 -35.93 -7.68 -0.94
CA CYS C 190 -36.77 -6.70 -1.65
C CYS C 190 -36.17 -5.29 -1.60
N VAL C 191 -35.96 -4.64 -2.74
CA VAL C 191 -35.39 -3.31 -2.77
C VAL C 191 -36.38 -2.34 -3.43
N ILE C 193 -37.99 1.89 -3.88
CA ILE C 193 -37.66 3.31 -4.02
C ILE C 193 -38.84 4.16 -3.74
N ALA C 194 -38.67 5.13 -2.87
CA ALA C 194 -39.76 6.00 -2.56
C ALA C 194 -39.35 7.39 -2.85
N GLU C 195 -40.31 8.22 -3.25
CA GLU C 195 -40.04 9.65 -3.43
C GLU C 195 -41.04 10.58 -2.79
N GLY C 196 -40.51 11.59 -2.11
CA GLY C 196 -41.27 12.70 -1.58
C GLY C 196 -40.30 13.79 -1.25
N GLU C 197 -40.80 14.98 -1.02
CA GLU C 197 -40.03 16.00 -0.34
C GLU C 197 -38.77 16.33 -1.09
N GLY C 198 -38.86 16.33 -2.41
CA GLY C 198 -37.75 16.80 -3.21
C GLY C 198 -36.70 15.74 -3.32
N GLN C 199 -37.06 14.52 -2.91
CA GLN C 199 -36.09 13.46 -2.77
C GLN C 199 -36.52 12.17 -3.44
N GLN C 201 -35.48 8.18 -2.36
CA GLN C 201 -34.78 7.39 -1.35
C GLN C 201 -34.92 5.89 -1.50
N ARG C 202 -33.81 5.20 -1.33
CA ARG C 202 -33.75 3.76 -1.50
C ARG C 202 -33.50 3.02 -0.20
N ASP C 203 -34.24 1.94 0.01
CA ASP C 203 -33.94 1.03 1.12
C ASP C 203 -34.48 -0.35 0.82
N TYR C 204 -34.19 -1.31 1.68
CA TYR C 204 -34.48 -2.75 1.41
C TYR C 204 -34.73 -3.55 2.69
N TRP C 205 -35.20 -4.77 2.52
CA TRP C 205 -35.28 -5.70 3.63
C TRP C 205 -35.19 -7.10 3.09
N TYR C 206 -34.80 -8.06 3.92
CA TYR C 206 -34.65 -9.43 3.46
C TYR C 206 -34.65 -10.33 4.64
N ASP C 207 -34.82 -11.62 4.40
CA ASP C 207 -34.67 -12.64 5.43
C ASP C 207 -33.91 -13.83 4.80
N VAL C 208 -33.19 -14.57 5.65
CA VAL C 208 -32.46 -15.75 5.23
C VAL C 208 -32.71 -16.83 6.29
N ASN C 209 -32.85 -18.09 5.88
CA ASN C 209 -33.08 -19.17 6.81
C ASN C 209 -32.78 -20.46 6.09
N ARG C 210 -32.42 -21.49 6.84
CA ARG C 210 -32.13 -22.80 6.27
C ARG C 210 -33.37 -23.62 5.99
N ARG C 211 -34.43 -23.30 6.74
CA ARG C 211 -35.77 -23.79 6.44
C ARG C 211 -36.51 -22.72 5.70
N GLY C 212 -37.03 -23.04 4.52
CA GLY C 212 -37.79 -22.08 3.74
C GLY C 212 -39.02 -21.58 4.50
N GLU C 213 -39.70 -22.46 5.23
CA GLU C 213 -40.97 -22.13 5.91
C GLU C 213 -40.78 -21.14 7.05
N ALA C 214 -39.57 -21.09 7.60
CA ALA C 214 -39.25 -20.19 8.71
C ALA C 214 -38.98 -18.78 8.23
N LEU C 215 -38.85 -18.58 6.91
CA LEU C 215 -38.68 -17.24 6.38
C LEU C 215 -39.89 -16.39 6.82
N ALA C 216 -39.63 -15.14 7.19
CA ALA C 216 -40.71 -14.16 7.37
C ALA C 216 -41.56 -14.14 6.09
N SER C 217 -42.85 -13.88 6.22
CA SER C 217 -43.73 -13.86 5.05
C SER C 217 -43.25 -12.87 4.00
N ALA C 218 -43.55 -13.17 2.74
CA ALA C 218 -43.16 -12.30 1.60
C ALA C 218 -43.78 -10.88 1.76
N GLU C 219 -44.96 -10.85 2.36
CA GLU C 219 -45.64 -9.61 2.59
C GLU C 219 -44.88 -8.82 3.62
N SER C 220 -44.60 -9.46 4.77
CA SER C 220 -43.91 -8.79 5.84
C SER C 220 -42.61 -8.20 5.32
N ILE C 221 -41.88 -8.95 4.49
CA ILE C 221 -40.61 -8.44 3.97
C ILE C 221 -40.82 -7.19 3.12
N GLY C 222 -41.83 -7.22 2.28
CA GLY C 222 -42.14 -6.10 1.41
C GLY C 222 -42.57 -4.84 2.17
N ARG C 223 -43.56 -4.97 3.07
CA ARG C 223 -44.03 -3.84 3.86
C ARG C 223 -42.85 -3.17 4.49
N ARG C 224 -42.02 -3.95 5.14
CA ARG C 224 -40.82 -3.44 5.77
C ARG C 224 -39.90 -2.68 4.79
N ALA C 225 -39.56 -3.25 3.66
CA ALA C 225 -38.65 -2.56 2.77
C ALA C 225 -39.22 -1.19 2.38
N ALA C 226 -40.54 -1.12 2.27
CA ALA C 226 -41.23 0.10 1.89
C ALA C 226 -41.25 1.16 3.03
N GLU C 227 -41.69 0.75 4.23
CA GLU C 227 -41.67 1.62 5.38
C GLU C 227 -40.28 2.22 5.50
N ARG C 228 -39.26 1.38 5.37
CA ARG C 228 -37.89 1.88 5.49
C ARG C 228 -37.48 2.92 4.43
N ALA C 229 -37.81 2.66 3.18
CA ALA C 229 -37.60 3.61 2.11
C ALA C 229 -38.31 4.96 2.38
N ALA C 230 -39.58 4.88 2.85
CA ALA C 230 -40.44 6.03 3.03
C ALA C 230 -39.97 6.93 4.19
N SER C 231 -39.55 6.26 5.26
CA SER C 231 -39.11 6.96 6.44
C SER C 231 -37.94 7.86 6.15
N ARG C 232 -37.16 7.46 5.16
CA ARG C 232 -36.00 8.27 4.79
C ARG C 232 -36.29 9.56 4.06
N LEU C 233 -37.49 9.73 3.53
CA LEU C 233 -37.80 10.92 2.75
C LEU C 233 -37.66 12.17 3.62
N GLY C 234 -36.95 13.17 3.12
CA GLY C 234 -36.75 14.40 3.87
C GLY C 234 -35.51 14.40 4.75
N ALA C 235 -34.63 13.46 4.49
CA ALA C 235 -33.41 13.37 5.25
C ALA C 235 -32.60 14.65 5.03
N ARG C 236 -31.91 15.06 6.09
CA ARG C 236 -31.03 16.21 6.02
C ARG C 236 -29.86 15.98 6.94
N PRO C 237 -28.85 16.82 6.86
CA PRO C 237 -27.74 16.76 7.80
C PRO C 237 -28.06 17.38 9.16
N VAL C 238 -27.19 17.17 10.12
CA VAL C 238 -27.33 17.76 11.42
C VAL C 238 -26.08 18.51 11.68
N GLN C 239 -26.06 19.28 12.75
CA GLN C 239 -24.91 20.08 13.05
C GLN C 239 -23.75 19.29 13.54
N THR C 240 -22.57 19.62 13.11
CA THR C 240 -21.45 18.83 13.50
C THR C 240 -21.37 18.81 15.00
N ALA C 241 -21.22 17.66 15.57
CA ALA C 241 -21.15 17.56 17.00
C ALA C 241 -20.61 16.24 17.42
N GLU C 242 -20.20 16.18 18.66
CA GLU C 242 -19.75 14.96 19.24
C GLU C 242 -20.94 14.49 20.09
N VAL C 243 -21.40 13.29 19.82
CA VAL C 243 -22.67 12.87 20.39
C VAL C 243 -22.70 11.35 20.48
N PRO C 244 -23.65 10.80 21.24
CA PRO C 244 -23.81 9.37 21.24
C PRO C 244 -24.40 8.89 19.90
N VAL C 245 -24.18 7.61 19.58
CA VAL C 245 -24.60 7.03 18.33
C VAL C 245 -25.13 5.68 18.62
N LEU C 246 -26.25 5.34 18.02
CA LEU C 246 -26.83 4.02 18.23
C LEU C 246 -26.78 3.27 16.91
N PHE C 247 -26.12 2.12 16.89
CA PHE C 247 -26.11 1.32 15.68
C PHE C 247 -27.16 0.31 15.62
N ALA C 248 -27.90 0.38 14.52
CA ALA C 248 -28.92 -0.64 14.24
C ALA C 248 -28.26 -2.02 14.14
N PRO C 249 -29.00 -3.07 14.55
CA PRO C 249 -28.36 -4.36 14.69
C PRO C 249 -27.59 -4.78 13.46
N GLU C 250 -28.18 -4.56 12.30
CA GLU C 250 -27.55 -4.97 11.05
C GLU C 250 -26.31 -4.14 10.71
N ILE C 251 -26.20 -2.94 11.24
CA ILE C 251 -24.95 -2.19 11.05
C ILE C 251 -23.97 -2.60 12.11
N ALA C 252 -24.50 -2.92 13.32
CA ALA C 252 -23.70 -3.40 14.47
C ALA C 252 -22.88 -4.63 14.13
N VAL C 253 -23.41 -5.44 13.24
CA VAL C 253 -22.77 -6.63 12.76
C VAL C 253 -21.49 -6.24 12.06
N GLY C 254 -21.52 -5.20 11.23
CA GLY C 254 -20.31 -4.81 10.50
C GLY C 254 -19.22 -4.41 11.45
N LEU C 255 -19.60 -3.90 12.62
CA LEU C 255 -18.60 -3.35 13.55
C LEU C 255 -17.82 -4.48 14.16
N PHE C 256 -18.57 -5.40 14.75
CA PHE C 256 -17.94 -6.61 15.24
C PHE C 256 -17.18 -7.36 14.15
N GLY C 257 -17.65 -7.32 12.91
CA GLY C 257 -16.81 -7.84 11.83
C GLY C 257 -15.40 -7.25 11.73
N HIS C 258 -15.27 -5.95 12.04
CA HIS C 258 -13.96 -5.31 12.07
C HIS C 258 -13.19 -5.89 13.19
N PHE C 259 -13.87 -6.16 14.30
CA PHE C 259 -13.22 -6.75 15.49
C PHE C 259 -12.66 -8.09 15.17
N LEU C 260 -13.49 -8.92 14.52
CA LEU C 260 -13.05 -10.26 14.05
C LEU C 260 -11.87 -10.19 13.09
N GLY C 261 -11.92 -9.28 12.15
CA GLY C 261 -10.84 -9.20 11.17
C GLY C 261 -9.54 -8.88 11.88
N ALA C 262 -9.67 -8.02 12.89
CA ALA C 262 -8.55 -7.56 13.73
C ALA C 262 -7.96 -8.61 14.65
N ILE C 263 -8.73 -9.64 14.99
CA ILE C 263 -8.16 -10.69 15.82
C ILE C 263 -7.89 -12.00 15.05
N SER C 264 -7.94 -11.99 13.73
CA SER C 264 -7.68 -13.15 12.93
C SER C 264 -6.17 -13.26 12.64
N GLY C 265 -5.73 -14.50 12.62
CA GLY C 265 -4.37 -14.80 12.35
C GLY C 265 -3.68 -14.02 11.24
N GLY C 266 -4.36 -13.90 10.10
CA GLY C 266 -3.80 -13.19 8.93
C GLY C 266 -3.40 -11.75 9.24
N SER C 267 -4.35 -11.01 9.80
CA SER C 267 -4.11 -9.63 10.10
C SER C 267 -2.99 -9.55 11.08
N LEU C 268 -3.01 -10.48 12.01
CA LEU C 268 -2.09 -10.43 13.12
C LEU C 268 -0.66 -10.68 12.65
N TYR C 269 -0.43 -11.63 11.77
CA TYR C 269 0.96 -11.95 11.46
C TYR C 269 1.48 -11.05 10.37
N ARG C 270 0.59 -10.53 9.54
CA ARG C 270 0.97 -9.53 8.54
C ARG C 270 1.20 -8.18 9.19
N LYS C 271 1.08 -8.13 10.52
CA LYS C 271 1.27 -6.89 11.28
C LYS C 271 0.37 -5.79 10.74
N SER C 272 -0.90 -6.16 10.57
CA SER C 272 -1.87 -5.27 9.95
C SER C 272 -3.12 -5.34 10.76
N SER C 273 -2.94 -5.23 12.07
CA SER C 273 -4.08 -5.19 12.96
C SER C 273 -3.89 -4.29 14.19
N PHE C 274 -4.86 -3.44 14.46
CA PHE C 274 -4.78 -2.59 15.63
C PHE C 274 -4.91 -3.34 16.95
N LEU C 275 -5.27 -4.63 16.91
CA LEU C 275 -5.40 -5.41 18.14
C LEU C 275 -4.26 -6.43 18.33
N GLU C 276 -3.11 -6.10 17.74
CA GLU C 276 -2.02 -7.03 17.54
C GLU C 276 -1.44 -7.64 18.79
N GLY C 277 -1.30 -6.91 19.87
CA GLY C 277 -0.80 -7.64 21.05
C GLY C 277 -1.87 -7.85 22.09
N ALA C 278 -3.14 -7.78 21.69
CA ALA C 278 -4.18 -7.44 22.60
C ALA C 278 -4.63 -8.59 23.47
N LEU C 279 -4.19 -9.81 23.20
CA LEU C 279 -4.59 -10.93 24.04
C LEU C 279 -4.36 -10.55 25.47
N GLY C 280 -5.41 -10.75 26.30
CA GLY C 280 -5.41 -10.48 27.73
C GLY C 280 -5.65 -9.04 28.13
N GLN C 281 -6.29 -8.29 27.28
CA GLN C 281 -6.53 -6.92 27.59
C GLN C 281 -7.96 -6.62 27.62
N ARG C 282 -8.33 -5.54 28.28
CA ARG C 282 -9.72 -5.12 28.31
C ARG C 282 -9.96 -4.35 27.01
N LEU C 283 -10.78 -4.88 26.13
CA LEU C 283 -11.17 -4.11 24.96
C LEU C 283 -12.60 -3.62 25.02
N PHE C 284 -13.42 -4.20 25.91
CA PHE C 284 -14.85 -3.92 26.00
C PHE C 284 -15.21 -3.77 27.44
N PRO C 285 -16.43 -3.30 27.73
CA PRO C 285 -16.97 -3.26 29.10
C PRO C 285 -16.92 -4.61 29.81
N GLU C 286 -16.79 -4.58 31.11
CA GLU C 286 -16.68 -5.75 31.93
C GLU C 286 -17.85 -6.67 31.79
N TRP C 287 -19.01 -6.15 31.52
CA TRP C 287 -20.20 -6.99 31.29
C TRP C 287 -20.30 -7.65 29.87
N LEU C 288 -19.44 -7.23 28.95
CA LEU C 288 -19.59 -7.67 27.57
C LEU C 288 -18.81 -8.94 27.32
N SER C 289 -19.44 -9.94 26.68
CA SER C 289 -18.79 -11.19 26.28
C SER C 289 -19.11 -11.55 24.84
N ILE C 290 -18.17 -12.23 24.21
CA ILE C 290 -18.32 -12.63 22.82
C ILE C 290 -17.87 -14.08 22.70
N ASP C 291 -18.74 -14.89 22.13
CA ASP C 291 -18.48 -16.30 22.16
C ASP C 291 -19.07 -16.92 20.91
N GLU C 292 -18.55 -18.09 20.60
CA GLU C 292 -18.84 -18.81 19.36
C GLU C 292 -19.50 -20.17 19.69
N ARG C 293 -20.56 -20.50 18.96
CA ARG C 293 -21.31 -21.75 19.21
C ARG C 293 -21.57 -22.48 17.89
N PRO C 294 -20.56 -23.23 17.43
CA PRO C 294 -20.58 -23.84 16.09
C PRO C 294 -21.56 -25.00 15.90
N HIS C 295 -22.08 -25.54 16.98
CA HIS C 295 -22.88 -26.76 16.86
C HIS C 295 -24.38 -26.52 17.02
N LEU C 296 -24.81 -25.26 16.92
CA LEU C 296 -26.25 -25.00 16.95
C LEU C 296 -26.97 -25.71 15.81
N VAL C 297 -28.01 -26.46 16.19
CA VAL C 297 -28.80 -27.20 15.21
C VAL C 297 -29.61 -26.25 14.32
N GLY C 298 -29.38 -26.32 13.00
CA GLY C 298 -30.12 -25.53 12.01
C GLY C 298 -29.62 -24.11 11.75
N ALA C 299 -28.64 -23.64 12.49
CA ALA C 299 -28.20 -22.25 12.34
C ALA C 299 -27.44 -22.02 11.03
N LEU C 300 -27.48 -20.79 10.58
CA LEU C 300 -26.89 -20.42 9.33
C LEU C 300 -25.35 -20.45 9.32
N GLY C 301 -24.69 -20.55 10.48
CA GLY C 301 -23.21 -20.57 10.52
C GLY C 301 -22.57 -21.82 11.12
N SER C 302 -23.41 -22.78 11.48
CA SER C 302 -22.90 -23.97 12.13
C SER C 302 -21.90 -24.72 11.25
N ALA C 303 -20.90 -25.32 11.90
CA ALA C 303 -19.91 -26.17 11.23
C ALA C 303 -19.26 -27.08 12.29
N SER C 304 -19.13 -28.39 11.98
CA SER C 304 -18.57 -29.37 12.88
C SER C 304 -17.07 -29.58 12.73
N PHE C 305 -16.43 -28.94 11.76
CA PHE C 305 -14.98 -28.99 11.64
C PHE C 305 -14.47 -27.81 10.86
N ASP C 306 -13.26 -27.39 11.11
CA ASP C 306 -12.75 -26.19 10.40
C ASP C 306 -12.08 -26.62 9.10
N SER C 307 -11.53 -25.65 8.38
CA SER C 307 -10.85 -25.93 7.09
C SER C 307 -9.58 -26.73 7.20
N ASP C 308 -9.09 -27.02 8.39
CA ASP C 308 -7.98 -27.93 8.56
C ASP C 308 -8.43 -29.28 8.96
N GLY C 309 -9.72 -29.42 9.24
CA GLY C 309 -10.32 -30.64 9.71
C GLY C 309 -10.29 -30.84 11.20
N LEU C 310 -9.94 -29.80 11.96
CA LEU C 310 -10.04 -29.90 13.44
C LEU C 310 -11.52 -29.80 13.86
N ALA C 311 -11.92 -30.54 14.88
CA ALA C 311 -13.25 -30.39 15.41
C ALA C 311 -13.41 -28.95 15.90
N THR C 312 -14.53 -28.34 15.54
CA THR C 312 -14.92 -27.06 16.07
C THR C 312 -15.46 -27.26 17.47
N TYR C 313 -15.30 -26.23 18.30
CA TYR C 313 -15.88 -26.21 19.66
C TYR C 313 -16.30 -24.79 20.13
N ALA C 314 -17.36 -24.81 20.94
CA ALA C 314 -17.83 -23.67 21.69
C ALA C 314 -16.70 -23.02 22.50
N LYS C 315 -16.55 -21.70 22.43
CA LYS C 315 -15.50 -21.02 23.14
C LYS C 315 -15.79 -19.53 23.16
N PRO C 316 -15.21 -18.81 24.16
CA PRO C 316 -15.20 -17.35 24.12
C PRO C 316 -13.95 -16.71 23.43
N PHE C 317 -14.19 -15.52 22.88
CA PHE C 317 -13.12 -14.65 22.40
C PHE C 317 -12.97 -13.39 23.27
N VAL C 318 -14.07 -12.99 23.90
CA VAL C 318 -14.07 -11.89 24.83
C VAL C 318 -14.81 -12.38 26.05
N GLU C 319 -14.19 -12.22 27.23
CA GLU C 319 -14.81 -12.66 28.45
C GLU C 319 -14.77 -11.54 29.49
N ASN C 320 -15.96 -11.12 29.94
CA ASN C 320 -16.04 -9.99 30.81
C ASN C 320 -15.12 -8.87 30.36
N GLY C 321 -15.29 -8.48 29.11
CA GLY C 321 -14.63 -7.33 28.57
C GLY C 321 -13.20 -7.58 28.09
N GLU C 322 -12.68 -8.77 28.38
CA GLU C 322 -11.29 -9.11 28.12
C GLU C 322 -11.15 -10.09 26.93
N LEU C 323 -10.15 -9.83 26.10
CA LEU C 323 -9.82 -10.65 24.96
C LEU C 323 -9.04 -11.85 25.46
N VAL C 324 -9.71 -13.00 25.45
CA VAL C 324 -9.08 -14.22 25.88
C VAL C 324 -8.69 -15.13 24.71
N SER C 325 -8.90 -14.75 23.44
CA SER C 325 -8.55 -15.66 22.33
C SER C 325 -8.54 -14.95 21.02
N TYR C 326 -7.50 -15.15 20.23
CA TYR C 326 -7.56 -14.80 18.80
C TYR C 326 -8.38 -15.87 18.00
N VAL C 327 -8.61 -15.60 16.72
CA VAL C 327 -9.23 -16.53 15.77
C VAL C 327 -8.14 -17.07 14.85
N LEU C 328 -7.74 -18.33 15.06
CA LEU C 328 -6.59 -18.88 14.36
C LEU C 328 -6.81 -20.27 13.81
N GLY C 329 -6.23 -20.47 12.62
CA GLY C 329 -6.02 -21.80 12.07
C GLY C 329 -4.57 -22.24 12.27
N THR C 330 -4.29 -23.47 11.91
CA THR C 330 -2.96 -24.05 12.03
C THR C 330 -1.86 -23.16 11.43
N TYR C 331 -2.06 -22.69 10.21
CA TYR C 331 -1.04 -21.87 9.60
C TYR C 331 -0.92 -20.51 10.31
N SER C 332 -2.03 -19.94 10.78
CA SER C 332 -1.96 -18.72 11.65
C SER C 332 -1.11 -19.02 12.88
N GLY C 333 -1.45 -20.12 13.57
CA GLY C 333 -0.84 -20.44 14.85
C GLY C 333 0.65 -20.52 14.72
N ARG C 334 1.10 -21.26 13.71
CA ARG C 334 2.53 -21.41 13.44
C ARG C 334 3.17 -20.06 13.20
N LYS C 335 2.57 -19.22 12.36
CA LYS C 335 3.14 -17.91 12.11
C LYS C 335 3.37 -17.09 13.37
N LEU C 336 2.51 -17.29 14.37
CA LEU C 336 2.50 -16.51 15.59
C LEU C 336 3.11 -17.25 16.75
N GLY C 337 3.43 -18.51 16.57
CA GLY C 337 3.90 -19.31 17.70
C GLY C 337 2.81 -19.70 18.70
N LEU C 338 1.59 -19.86 18.22
CA LEU C 338 0.47 -20.13 19.08
C LEU C 338 -0.32 -21.29 18.53
N PRO C 339 -1.08 -21.95 19.39
CA PRO C 339 -1.93 -23.06 18.96
C PRO C 339 -3.08 -22.59 18.09
N SER C 340 -3.61 -23.43 17.19
CA SER C 340 -4.88 -23.13 16.51
C SER C 340 -6.07 -23.11 17.47
N THR C 341 -7.05 -22.28 17.13
CA THR C 341 -8.27 -22.20 17.90
C THR C 341 -9.43 -22.93 17.18
N ALA C 342 -9.06 -23.86 16.29
CA ALA C 342 -10.05 -24.62 15.52
C ALA C 342 -10.95 -23.67 14.73
N ASN C 343 -10.35 -22.60 14.15
CA ASN C 343 -11.08 -21.54 13.46
C ASN C 343 -10.43 -21.24 12.11
N ALA C 344 -9.83 -22.26 11.52
CA ALA C 344 -9.37 -22.18 10.14
C ALA C 344 -10.63 -22.03 9.27
N GLY C 345 -10.78 -20.89 8.64
CA GLY C 345 -12.01 -20.52 7.94
C GLY C 345 -12.97 -19.65 8.77
N GLY C 346 -12.54 -19.14 9.94
CA GLY C 346 -13.30 -18.15 10.67
C GLY C 346 -14.24 -18.73 11.74
N VAL C 347 -15.12 -17.88 12.26
CA VAL C 347 -15.92 -18.27 13.40
C VAL C 347 -17.25 -18.81 12.93
N HIS C 348 -17.95 -19.55 13.79
CA HIS C 348 -19.29 -20.07 13.43
C HIS C 348 -20.30 -19.85 14.52
N ASN C 349 -21.33 -19.06 14.20
CA ASN C 349 -22.39 -18.64 15.12
C ASN C 349 -21.85 -17.82 16.30
N LEU C 350 -21.42 -16.60 16.04
CA LEU C 350 -20.86 -15.72 17.06
C LEU C 350 -21.89 -14.90 17.73
N PHE C 351 -21.74 -14.69 19.01
CA PHE C 351 -22.75 -13.94 19.81
C PHE C 351 -22.09 -12.87 20.68
N VAL C 352 -22.69 -11.69 20.65
CA VAL C 352 -22.39 -10.65 21.57
C VAL C 352 -23.51 -10.60 22.62
N SER C 353 -23.08 -10.66 23.89
CA SER C 353 -23.92 -10.60 25.07
C SER C 353 -24.62 -9.25 25.16
N HIS C 354 -25.83 -9.27 25.76
CA HIS C 354 -26.72 -8.11 25.71
C HIS C 354 -27.62 -8.02 26.97
N GLY C 355 -28.15 -6.80 27.18
CA GLY C 355 -29.03 -6.50 28.28
C GLY C 355 -30.40 -6.81 27.81
N ASP C 356 -31.38 -6.24 28.52
CA ASP C 356 -32.78 -6.51 28.36
C ASP C 356 -33.52 -5.36 27.64
N GLU C 357 -32.78 -4.39 27.12
CA GLU C 357 -33.43 -3.24 26.48
C GLU C 357 -33.60 -3.45 24.98
N ASP C 358 -34.71 -2.96 24.42
CA ASP C 358 -34.98 -3.02 22.94
C ASP C 358 -34.56 -1.74 22.25
N GLN C 359 -34.62 -1.68 20.94
CA GLN C 359 -34.16 -0.48 20.28
C GLN C 359 -34.87 0.74 20.85
N ALA C 360 -36.20 0.66 21.02
CA ALA C 360 -36.98 1.77 21.58
C ALA C 360 -36.35 2.20 22.94
N ALA C 361 -36.12 1.20 23.79
CA ALA C 361 -35.62 1.46 25.13
C ALA C 361 -34.29 2.22 25.00
N LEU C 362 -33.46 1.76 24.07
CA LEU C 362 -32.13 2.35 23.89
C LEU C 362 -32.23 3.75 23.33
N ILE C 363 -33.20 4.02 22.42
CA ILE C 363 -33.42 5.37 21.96
C ILE C 363 -33.71 6.26 23.13
N ARG C 364 -34.62 5.82 24.00
CA ARG C 364 -34.98 6.56 25.19
C ARG C 364 -33.79 6.85 26.11
N ARG C 365 -33.09 5.79 26.51
CA ARG C 365 -31.84 5.89 27.30
C ARG C 365 -30.83 6.84 26.68
N GLU C 367 -31.46 9.44 24.88
CA GLU C 367 -32.02 10.78 25.04
C GLU C 367 -31.77 11.68 23.83
N ARG C 368 -30.53 11.86 23.44
CA ARG C 368 -30.19 12.75 22.33
C ARG C 368 -28.99 12.16 21.52
N GLY C 369 -29.09 12.14 20.19
CA GLY C 369 -27.99 11.58 19.33
C GLY C 369 -28.41 10.99 18.00
N LEU C 370 -27.52 10.20 17.41
CA LEU C 370 -27.74 9.71 16.06
C LEU C 370 -27.93 8.25 16.03
N LEU C 371 -29.05 7.84 15.47
CA LEU C 371 -29.34 6.42 15.23
C LEU C 371 -28.83 6.11 13.82
N VAL C 372 -27.96 5.12 13.66
CA VAL C 372 -27.43 4.89 12.34
C VAL C 372 -28.04 3.62 11.84
N THR C 373 -28.66 3.67 10.65
CA THR C 373 -29.25 2.49 9.97
C THR C 373 -28.57 2.20 8.61
N GLU C 374 -27.65 3.03 8.18
CA GLU C 374 -26.86 2.72 6.99
C GLU C 374 -25.49 3.33 6.97
N LEU C 375 -24.52 2.66 6.40
CA LEU C 375 -23.16 3.21 6.34
C LEU C 375 -22.61 3.16 4.95
N GLY C 377 -19.00 3.85 2.13
CA GLY C 377 -17.59 4.15 1.93
C GLY C 377 -16.71 3.13 2.62
N GLN C 378 -15.56 2.86 2.03
CA GLN C 378 -14.60 1.94 2.61
C GLN C 378 -13.73 2.81 3.53
N GLY C 379 -14.29 3.26 4.66
CA GLY C 379 -13.56 4.19 5.54
C GLY C 379 -12.89 3.63 6.79
N VAL C 380 -12.60 2.33 6.81
CA VAL C 380 -12.09 1.63 7.99
C VAL C 380 -10.64 1.16 7.80
N ASN C 381 -9.74 1.63 8.65
CA ASN C 381 -8.37 1.18 8.64
C ASN C 381 -8.08 0.17 9.72
N LEU C 382 -8.08 -1.12 9.40
CA LEU C 382 -7.83 -2.15 10.41
C LEU C 382 -6.42 -2.09 10.97
N VAL C 383 -5.43 -1.61 10.16
CA VAL C 383 -4.03 -1.47 10.64
C VAL C 383 -3.93 -0.59 11.88
N THR C 384 -4.68 0.52 11.88
CA THR C 384 -4.66 1.49 13.01
C THR C 384 -5.96 1.63 13.82
N GLY C 385 -7.05 1.09 13.33
CA GLY C 385 -8.31 1.25 14.05
C GLY C 385 -9.05 2.53 13.74
N ASP C 386 -8.49 3.33 12.86
CA ASP C 386 -9.08 4.58 12.48
C ASP C 386 -10.32 4.37 11.64
N TYR C 387 -11.39 5.10 11.94
CA TYR C 387 -12.70 4.80 11.37
C TYR C 387 -13.36 6.12 11.01
N SER C 388 -13.89 6.19 9.79
CA SER C 388 -14.66 7.35 9.35
C SER C 388 -15.54 6.98 8.20
N ARG C 389 -16.85 7.01 8.40
CA ARG C 389 -17.77 6.55 7.36
C ARG C 389 -18.97 7.45 7.17
N GLY C 390 -19.39 7.60 5.92
CA GLY C 390 -20.68 8.20 5.59
C GLY C 390 -21.77 7.40 6.26
N ALA C 391 -22.85 8.06 6.68
CA ALA C 391 -23.89 7.42 7.50
C ALA C 391 -25.24 8.02 7.21
N ALA C 392 -26.30 7.27 7.49
CA ALA C 392 -27.65 7.78 7.35
C ALA C 392 -28.51 7.09 8.38
N GLY C 393 -29.62 7.73 8.73
CA GLY C 393 -30.50 7.20 9.78
C GLY C 393 -31.48 8.27 10.23
N TYR C 394 -31.62 8.41 11.55
CA TYR C 394 -32.53 9.36 12.19
C TYR C 394 -31.86 10.09 13.34
N TRP C 395 -32.19 11.37 13.50
CA TRP C 395 -31.81 12.12 14.72
C TRP C 395 -32.74 11.87 15.91
N VAL C 396 -32.18 11.82 17.09
CA VAL C 396 -32.97 11.61 18.29
C VAL C 396 -32.85 12.81 19.18
N GLU C 397 -33.97 13.16 19.82
CA GLU C 397 -33.97 14.12 20.92
C GLU C 397 -35.16 13.94 21.78
N ASN C 398 -35.01 14.27 23.06
CA ASN C 398 -36.04 13.96 24.10
C ASN C 398 -36.51 12.53 24.01
N GLY C 399 -35.54 11.64 23.77
CA GLY C 399 -35.82 10.21 23.67
C GLY C 399 -36.76 9.82 22.55
N GLU C 400 -36.84 10.61 21.49
CA GLU C 400 -37.63 10.20 20.34
C GLU C 400 -36.93 10.49 19.04
N ILE C 401 -37.38 9.78 18.01
CA ILE C 401 -36.85 10.01 16.69
C ILE C 401 -37.53 11.28 16.24
N GLN C 402 -36.71 12.27 15.85
CA GLN C 402 -37.23 13.56 15.40
C GLN C 402 -37.34 13.55 13.87
N PHE C 403 -36.26 13.16 13.20
CA PHE C 403 -36.25 13.23 11.75
C PHE C 403 -35.13 12.42 11.10
N PRO C 404 -35.28 12.05 9.86
CA PRO C 404 -34.25 11.35 9.16
C PRO C 404 -33.04 12.20 8.83
N VAL C 405 -31.88 11.53 8.77
CA VAL C 405 -30.58 12.16 8.56
C VAL C 405 -29.80 11.51 7.44
N GLN C 406 -29.07 12.32 6.71
CA GLN C 406 -28.23 11.85 5.63
C GLN C 406 -27.10 12.81 5.52
N GLU C 407 -26.17 12.51 4.65
CA GLU C 407 -25.03 13.41 4.34
C GLU C 407 -24.27 13.87 5.58
N VAL C 408 -23.98 12.90 6.45
CA VAL C 408 -23.13 13.08 7.61
C VAL C 408 -22.06 11.98 7.59
N THR C 409 -20.98 12.19 8.32
CA THR C 409 -20.01 11.13 8.50
C THR C 409 -19.84 10.92 10.01
N ILE C 410 -19.39 9.73 10.40
CA ILE C 410 -19.10 9.42 11.81
C ILE C 410 -17.67 8.95 11.87
N ALA C 411 -16.98 9.33 12.94
CA ALA C 411 -15.54 9.05 13.13
C ALA C 411 -15.22 8.67 14.58
N ALA C 412 -14.19 7.85 14.72
CA ALA C 412 -13.64 7.47 16.02
C ALA C 412 -12.56 6.47 15.76
N ASN C 413 -11.78 6.14 16.77
CA ASN C 413 -10.99 4.94 16.68
C ASN C 413 -11.81 3.82 17.26
N LEU C 414 -11.71 2.66 16.64
CA LEU C 414 -12.42 1.48 17.11
C LEU C 414 -11.98 1.08 18.50
N ARG C 415 -10.70 1.26 18.77
CA ARG C 415 -10.14 0.95 20.05
C ARG C 415 -11.00 1.64 21.13
N ASP C 416 -11.21 2.94 20.94
CA ASP C 416 -11.96 3.75 21.88
C ASP C 416 -13.44 3.38 21.76
N LEU C 417 -13.88 3.13 20.54
CA LEU C 417 -15.28 2.90 20.28
C LEU C 417 -15.84 1.72 21.08
N PHE C 418 -15.13 0.60 20.99
CA PHE C 418 -15.46 -0.56 21.75
C PHE C 418 -15.43 -0.28 23.26
N ARG C 419 -14.44 0.48 23.70
CA ARG C 419 -14.46 0.81 25.14
C ARG C 419 -15.71 1.62 25.51
N ARG C 420 -16.27 2.35 24.54
CA ARG C 420 -17.33 3.29 24.84
C ARG C 420 -18.71 2.71 24.67
N ILE C 421 -18.79 1.41 24.42
CA ILE C 421 -20.11 0.80 24.31
C ILE C 421 -20.83 0.90 25.60
N VAL C 422 -22.02 1.45 25.55
CA VAL C 422 -22.77 1.66 26.74
C VAL C 422 -23.61 0.47 26.95
N ALA C 423 -24.27 -0.01 25.89
CA ALA C 423 -25.23 -1.16 26.00
C ALA C 423 -25.39 -1.94 24.67
N VAL C 424 -25.86 -3.16 24.78
CA VAL C 424 -26.22 -3.91 23.64
C VAL C 424 -27.62 -4.47 23.86
N GLY C 425 -28.50 -4.18 22.92
CA GLY C 425 -29.89 -4.52 22.94
C GLY C 425 -30.25 -5.93 22.66
N LYS C 426 -31.45 -6.34 23.02
CA LYS C 426 -31.93 -7.67 22.80
C LYS C 426 -32.53 -7.80 21.43
N ASP C 427 -32.50 -6.75 20.68
CA ASP C 427 -32.99 -6.85 19.35
C ASP C 427 -31.93 -7.48 18.41
N ILE C 428 -31.58 -8.71 18.71
CA ILE C 428 -30.62 -9.48 17.99
C ILE C 428 -30.95 -9.87 16.60
N GLU C 429 -29.95 -9.75 15.76
CA GLU C 429 -29.97 -10.02 14.37
C GLU C 429 -29.76 -11.51 14.04
N ARG C 430 -30.70 -12.13 13.32
CA ARG C 430 -30.64 -13.56 13.02
C ARG C 430 -30.37 -14.00 11.61
N ARG C 431 -29.93 -13.11 10.74
CA ARG C 431 -29.88 -13.45 9.33
C ARG C 431 -28.47 -13.72 8.82
N GLY C 432 -27.54 -13.91 9.76
CA GLY C 432 -26.19 -14.32 9.42
C GLY C 432 -25.48 -15.11 10.51
N ASN C 433 -24.18 -14.90 10.53
CA ASN C 433 -23.22 -15.56 11.39
C ASN C 433 -22.91 -14.78 12.70
N LEU C 434 -23.51 -13.62 12.90
CA LEU C 434 -23.10 -12.72 13.96
C LEU C 434 -24.35 -12.15 14.60
N HIS C 435 -24.55 -12.49 15.85
CA HIS C 435 -25.79 -12.19 16.53
C HIS C 435 -25.54 -11.09 17.52
N THR C 436 -25.79 -9.86 17.07
CA THR C 436 -25.67 -8.70 17.91
C THR C 436 -27.00 -7.99 17.90
N GLY C 437 -27.30 -7.26 18.98
CA GLY C 437 -28.47 -6.37 19.01
C GLY C 437 -27.97 -5.00 18.58
N SER C 438 -28.78 -3.95 18.83
CA SER C 438 -28.36 -2.56 18.66
C SER C 438 -27.29 -2.18 19.68
N VAL C 439 -26.35 -1.33 19.24
CA VAL C 439 -25.20 -1.01 20.00
C VAL C 439 -25.24 0.46 20.19
N LEU C 440 -25.26 0.88 21.47
CA LEU C 440 -25.22 2.29 21.91
C LEU C 440 -23.82 2.65 22.32
N VAL C 441 -23.22 3.58 21.57
CA VAL C 441 -21.86 4.06 21.82
C VAL C 441 -21.94 5.40 22.53
N GLU C 442 -21.13 5.59 23.55
CA GLU C 442 -21.21 6.79 24.39
C GLU C 442 -21.09 8.06 23.58
N SER C 443 -20.10 8.13 22.70
CA SER C 443 -19.91 9.33 21.91
C SER C 443 -19.06 9.04 20.71
N VAL C 446 -19.77 13.14 15.05
CA VAL C 446 -20.69 13.27 13.90
C VAL C 446 -20.46 14.56 13.12
N ALA C 447 -20.18 14.50 11.81
CA ALA C 447 -19.90 15.70 10.99
C ALA C 447 -20.86 15.91 9.80
N GLY C 448 -21.28 17.16 9.62
CA GLY C 448 -22.17 17.61 8.52
C GLY C 448 -22.35 19.15 8.50
N ARG C 449 -23.13 19.73 7.58
CA ARG C 449 -23.48 21.21 7.67
C ARG C 449 -23.99 21.66 6.32
N VAL D 8 30.87 19.64 51.27
CA VAL D 8 30.08 18.53 50.62
C VAL D 8 30.36 18.42 49.12
N GLY D 9 31.13 17.39 48.81
CA GLY D 9 31.57 17.11 47.46
C GLY D 9 32.17 15.73 47.40
N PRO D 10 33.22 15.56 46.54
CA PRO D 10 33.88 14.25 46.40
C PRO D 10 34.71 13.85 47.63
N SER D 11 35.29 14.86 48.30
CA SER D 11 36.13 14.66 49.47
C SER D 11 35.39 13.94 50.60
N VAL D 12 34.09 14.15 50.67
CA VAL D 12 33.20 13.52 51.64
C VAL D 12 32.67 12.15 51.34
N LEU D 13 32.75 11.72 50.09
CA LEU D 13 32.26 10.37 49.68
C LEU D 13 32.76 9.22 50.56
N PRO D 14 34.05 9.17 50.81
CA PRO D 14 34.53 8.01 51.53
C PRO D 14 33.87 7.82 52.90
N ASP D 15 33.50 8.91 53.56
CA ASP D 15 32.76 8.83 54.82
C ASP D 15 31.39 8.22 54.66
N LEU D 16 30.76 8.52 53.53
CA LEU D 16 29.44 8.00 53.24
C LEU D 16 29.49 6.52 52.79
N ARG D 17 30.54 6.16 52.06
CA ARG D 17 30.75 4.76 51.76
C ARG D 17 30.81 4.00 53.08
N GLU D 18 31.60 4.53 54.02
CA GLU D 18 31.87 3.86 55.27
C GLU D 18 30.55 3.72 56.01
N GLN D 19 29.75 4.78 55.97
CA GLN D 19 28.45 4.71 56.55
C GLN D 19 27.57 3.64 55.88
N VAL D 20 27.60 3.56 54.57
CA VAL D 20 26.82 2.53 53.91
C VAL D 20 27.28 1.14 54.39
N GLU D 21 28.59 0.90 54.36
CA GLU D 21 29.15 -0.38 54.85
C GLU D 21 28.60 -0.71 56.25
N GLN D 22 28.52 0.29 57.11
CA GLN D 22 28.10 0.01 58.47
C GLN D 22 26.66 -0.43 58.56
N ILE D 23 25.85 0.20 57.73
CA ILE D 23 24.44 -0.11 57.67
C ILE D 23 24.22 -1.51 57.17
N ILE D 24 24.86 -1.86 56.06
CA ILE D 24 24.78 -3.22 55.50
C ILE D 24 25.21 -4.24 56.58
N ALA D 25 26.33 -3.96 57.23
CA ALA D 25 26.88 -4.82 58.30
C ALA D 25 25.86 -4.96 59.41
N GLU D 26 25.18 -3.89 59.73
CA GLU D 26 24.28 -3.91 60.87
C GLU D 26 23.01 -4.65 60.54
N ALA D 27 22.61 -4.58 59.29
CA ALA D 27 21.55 -5.42 58.73
C ALA D 27 21.86 -6.90 58.84
N ARG D 28 23.09 -7.25 58.51
CA ARG D 28 23.56 -8.58 58.67
C ARG D 28 23.56 -8.97 60.14
N ARG D 29 23.96 -8.06 61.00
CA ARG D 29 24.02 -8.33 62.43
C ARG D 29 22.65 -8.65 63.00
N GLN D 30 21.62 -8.02 62.49
CA GLN D 30 20.29 -8.26 62.95
C GLN D 30 19.57 -9.33 62.19
N GLY D 31 20.23 -9.95 61.23
CA GLY D 31 19.67 -11.14 60.64
C GLY D 31 18.81 -11.03 59.40
N ALA D 32 18.80 -9.87 58.77
CA ALA D 32 18.29 -9.75 57.41
C ALA D 32 19.07 -10.57 56.41
N SER D 33 18.37 -11.15 55.44
CA SER D 33 18.98 -11.94 54.38
C SER D 33 19.78 -11.12 53.42
N ALA D 34 19.28 -9.94 53.10
CA ALA D 34 19.96 -9.08 52.19
C ALA D 34 19.49 -7.66 52.38
N CYS D 35 20.21 -6.70 51.84
CA CYS D 35 19.69 -5.37 51.90
C CYS D 35 20.29 -4.37 50.91
N GLU D 36 19.68 -3.20 50.93
CA GLU D 36 19.86 -2.15 49.98
C GLU D 36 19.84 -0.86 50.78
N VAL D 37 20.86 -0.04 50.63
CA VAL D 37 20.96 1.18 51.38
C VAL D 37 21.31 2.31 50.46
N ALA D 38 20.73 3.48 50.74
CA ALA D 38 21.06 4.73 50.00
C ALA D 38 21.28 5.85 51.00
N VAL D 39 22.39 6.57 50.84
CA VAL D 39 22.73 7.72 51.69
C VAL D 39 22.87 8.98 50.83
N SER D 40 22.28 10.07 51.34
CA SER D 40 22.16 11.37 50.65
C SER D 40 22.58 12.52 51.57
N LEU D 41 23.47 13.33 51.07
CA LEU D 41 23.84 14.57 51.70
C LEU D 41 23.50 15.64 50.69
N GLU D 42 23.01 16.78 51.14
CA GLU D 42 22.72 17.87 50.22
C GLU D 42 22.85 19.18 50.95
N GLN D 43 23.33 20.20 50.27
CA GLN D 43 23.28 21.54 50.80
C GLN D 43 23.29 22.63 49.71
N GLY D 44 22.66 23.74 50.01
CA GLY D 44 22.76 24.86 49.13
C GLY D 44 22.06 26.09 49.61
N LEU D 45 21.95 27.04 48.70
CA LEU D 45 21.46 28.33 49.04
C LEU D 45 20.24 28.59 48.15
N SER D 46 19.18 29.10 48.73
CA SER D 46 17.99 29.39 47.97
C SER D 46 17.50 30.83 48.22
N THR D 47 17.43 31.65 47.16
CA THR D 47 17.16 33.08 47.27
C THR D 47 15.84 33.36 46.58
N SER D 48 14.96 34.07 47.26
CA SER D 48 13.71 34.52 46.59
C SER D 48 13.55 36.03 46.61
N VAL D 49 13.17 36.60 45.47
CA VAL D 49 12.84 38.02 45.39
C VAL D 49 11.46 38.23 44.79
N ARG D 50 10.86 39.39 45.08
CA ARG D 50 9.49 39.73 44.66
C ARG D 50 9.15 41.22 44.67
N GLN D 51 8.72 41.72 43.53
CA GLN D 51 8.45 43.13 43.33
C GLN D 51 9.59 43.98 43.90
N GLY D 52 10.82 43.63 43.54
CA GLY D 52 11.96 44.34 44.05
C GLY D 52 12.34 44.08 45.51
N GLU D 53 11.62 43.27 46.23
CA GLU D 53 11.97 42.97 47.62
C GLU D 53 12.65 41.65 47.73
N VAL D 54 13.52 41.49 48.70
CA VAL D 54 14.09 40.15 48.98
C VAL D 54 13.20 39.41 49.96
N GLU D 55 12.65 38.25 49.63
CA GLU D 55 11.76 37.58 50.61
C GLU D 55 12.37 36.56 51.55
N THR D 56 13.20 35.67 51.03
CA THR D 56 14.07 34.83 51.88
C THR D 56 15.45 34.62 51.27
N VAL D 57 16.43 34.52 52.14
CA VAL D 57 17.74 34.00 51.75
C VAL D 57 18.06 32.97 52.79
N GLU D 58 18.18 31.72 52.34
CA GLU D 58 18.25 30.57 53.23
C GLU D 58 19.34 29.56 52.83
N PHE D 59 20.02 29.03 53.83
CA PHE D 59 21.00 27.95 53.65
C PHE D 59 20.50 26.62 54.25
N ASN D 60 20.47 25.60 53.40
CA ASN D 60 19.94 24.28 53.73
C ASN D 60 21.04 23.24 53.77
N ARG D 61 20.95 22.30 54.69
CA ARG D 61 21.84 21.16 54.67
C ARG D 61 21.07 19.92 55.17
N ASP D 62 20.92 18.94 54.29
CA ASP D 62 20.06 17.84 54.58
C ASP D 62 20.79 16.51 54.41
N GLN D 63 20.74 15.66 55.42
CA GLN D 63 21.36 14.36 55.34
C GLN D 63 20.32 13.34 55.74
N GLY D 64 20.37 12.20 55.08
CA GLY D 64 19.51 11.08 55.45
C GLY D 64 19.99 9.77 54.89
N PHE D 65 19.35 8.69 55.34
CA PHE D 65 19.53 7.43 54.69
C PHE D 65 18.29 6.62 54.77
N GLY D 66 18.16 5.73 53.81
CA GLY D 66 17.07 4.76 53.72
C GLY D 66 17.62 3.38 53.41
N ILE D 67 16.98 2.39 53.95
CA ILE D 67 17.40 1.04 53.74
C ILE D 67 16.21 0.18 53.40
N THR D 68 16.36 -0.77 52.50
CA THR D 68 15.32 -1.74 52.24
C THR D 68 15.89 -3.09 52.60
N LEU D 69 15.23 -3.81 53.51
CA LEU D 69 15.70 -5.08 54.04
C LEU D 69 14.90 -6.24 53.59
N TYR D 70 15.48 -7.41 53.58
CA TYR D 70 14.74 -8.60 53.25
C TYR D 70 14.92 -9.66 54.30
N ALA D 71 13.88 -10.45 54.49
CA ALA D 71 13.87 -11.54 55.38
C ALA D 71 13.35 -12.66 54.56
N GLY D 72 14.18 -13.26 53.75
CA GLY D 72 13.71 -14.20 52.76
C GLY D 72 13.01 -13.42 51.67
N GLN D 73 11.77 -13.80 51.38
CA GLN D 73 10.97 -13.12 50.38
C GLN D 73 10.13 -11.97 50.94
N ARG D 74 10.30 -11.70 52.25
CA ARG D 74 9.67 -10.58 52.95
C ARG D 74 10.54 -9.29 52.88
N LYS D 75 9.86 -8.15 52.80
CA LYS D 75 10.46 -6.86 52.49
C LYS D 75 10.07 -5.85 53.58
N GLY D 76 10.99 -4.95 53.90
CA GLY D 76 10.82 -3.84 54.79
C GLY D 76 11.74 -2.68 54.48
N SER D 77 11.27 -1.47 54.76
CA SER D 77 11.99 -0.23 54.52
C SER D 77 11.90 0.73 55.68
N ALA D 78 12.99 1.49 55.87
CA ALA D 78 13.06 2.53 56.89
C ALA D 78 14.05 3.62 56.47
N SER D 79 13.87 4.83 56.99
CA SER D 79 14.77 5.89 56.72
C SER D 79 14.86 6.84 57.86
N THR D 80 15.93 7.59 57.91
CA THR D 80 16.08 8.60 58.91
C THR D 80 17.02 9.64 58.40
N SER D 81 17.02 10.79 59.03
CA SER D 81 17.95 11.81 58.73
C SER D 81 18.98 11.94 59.83
N ALA D 82 18.84 11.14 60.87
CA ALA D 82 19.78 11.05 61.95
C ALA D 82 21.02 10.22 61.61
N THR D 83 22.07 10.35 62.41
CA THR D 83 23.28 9.62 62.16
C THR D 83 23.84 8.98 63.42
N GLY D 84 24.64 7.94 63.28
CA GLY D 84 25.34 7.34 64.40
C GLY D 84 25.04 5.90 64.67
N GLU D 85 25.85 5.21 65.46
CA GLU D 85 25.58 3.82 65.73
C GLU D 85 24.12 3.53 66.17
N ALA D 86 23.53 4.41 66.98
CA ALA D 86 22.18 4.13 67.48
C ALA D 86 21.10 4.36 66.42
N ALA D 87 21.30 5.35 65.56
CA ALA D 87 20.34 5.63 64.49
C ALA D 87 20.26 4.48 63.46
N ILE D 88 21.42 3.89 63.16
CA ILE D 88 21.54 2.75 62.28
C ILE D 88 20.90 1.56 62.95
N ARG D 89 21.17 1.34 64.21
CA ARG D 89 20.55 0.20 64.88
C ARG D 89 19.03 0.37 64.85
N GLU D 90 18.54 1.52 65.31
CA GLU D 90 17.09 1.72 65.46
C GLU D 90 16.35 1.62 64.10
N THR D 91 17.01 2.13 63.05
CA THR D 91 16.42 2.15 61.70
C THR D 91 16.39 0.76 60.98
N VAL D 92 17.50 0.03 61.03
CA VAL D 92 17.52 -1.34 60.59
C VAL D 92 16.50 -2.18 61.43
N ALA D 93 16.50 -2.04 62.74
CA ALA D 93 15.57 -2.82 63.56
C ALA D 93 14.17 -2.61 63.07
N ALA D 94 13.89 -1.37 62.67
CA ALA D 94 12.53 -1.03 62.21
C ALA D 94 12.20 -1.67 60.85
N ALA D 95 13.09 -1.52 59.87
CA ALA D 95 12.88 -2.19 58.57
C ALA D 95 12.61 -3.70 58.75
N LEU D 96 13.36 -4.34 59.64
CA LEU D 96 13.10 -5.73 60.00
C LEU D 96 11.78 -6.03 60.72
N ALA D 97 11.41 -5.25 61.72
CA ALA D 97 10.09 -5.38 62.32
C ALA D 97 9.04 -5.46 61.23
N ILE D 98 9.14 -4.64 60.20
CA ILE D 98 8.20 -4.71 59.07
C ILE D 98 8.35 -5.97 58.20
N ALA D 99 9.60 -6.27 57.81
CA ALA D 99 9.90 -7.47 57.00
C ALA D 99 9.29 -8.70 57.69
N ARG D 100 9.58 -8.85 58.97
CA ARG D 100 9.12 -10.03 59.69
C ARG D 100 7.62 -10.10 59.88
N HIS D 101 6.89 -9.03 59.69
CA HIS D 101 5.47 -9.06 59.89
C HIS D 101 4.60 -8.72 58.65
N THR D 102 5.21 -8.72 57.48
CA THR D 102 4.53 -8.58 56.20
C THR D 102 4.70 -9.87 55.44
N SER D 103 4.12 -10.00 54.25
CA SER D 103 4.08 -11.31 53.60
C SER D 103 5.17 -11.49 52.51
N GLU D 104 5.28 -12.73 52.00
CA GLU D 104 6.33 -13.14 51.10
C GLU D 104 5.90 -12.73 49.72
N ASP D 105 6.83 -12.15 48.97
CA ASP D 105 6.59 -11.76 47.59
C ASP D 105 7.56 -12.55 46.71
N GLU D 106 7.02 -13.44 45.89
CA GLU D 106 7.87 -14.33 45.14
C GLU D 106 8.77 -13.59 44.23
N CYS D 107 8.45 -12.37 43.90
CA CYS D 107 9.30 -11.71 42.95
C CYS D 107 10.27 -10.81 43.64
N ALA D 108 10.15 -10.69 44.95
CA ALA D 108 10.94 -9.80 45.76
C ALA D 108 12.38 -10.18 45.88
N GLY D 109 13.21 -9.19 46.13
CA GLY D 109 14.63 -9.39 46.36
C GLY D 109 15.51 -8.71 45.35
N LEU D 110 16.79 -8.62 45.66
CA LEU D 110 17.76 -7.89 44.86
C LEU D 110 17.97 -8.61 43.54
N ALA D 111 18.60 -7.91 42.61
CA ALA D 111 19.16 -8.49 41.41
C ALA D 111 20.35 -9.38 41.70
N ASP D 112 20.63 -10.32 40.81
CA ASP D 112 21.75 -11.21 40.98
C ASP D 112 23.06 -10.51 41.06
N ALA D 113 23.97 -11.06 41.81
CA ALA D 113 25.20 -10.40 42.01
C ALA D 113 25.99 -10.22 40.73
N ALA D 114 25.79 -11.10 39.78
CA ALA D 114 26.50 -11.05 38.53
C ALA D 114 26.25 -9.78 37.81
N LEU D 115 25.08 -9.23 38.00
CA LEU D 115 24.68 -8.03 37.33
C LEU D 115 25.09 -6.71 37.91
N ALA D 117 27.08 -3.38 38.59
CA ALA D 117 27.95 -2.65 37.68
C ALA D 117 29.41 -3.00 38.00
N ARG D 118 30.16 -3.36 36.98
CA ARG D 118 31.59 -3.73 37.15
C ARG D 118 32.47 -2.51 37.24
N GLU D 119 32.07 -1.46 36.57
CA GLU D 119 32.78 -0.20 36.66
C GLU D 119 31.86 0.95 36.38
N LEU D 120 32.35 2.14 36.70
CA LEU D 120 31.52 3.32 36.77
C LEU D 120 32.26 4.46 36.14
N PRO D 121 31.84 4.88 34.94
CA PRO D 121 32.37 6.09 34.30
C PRO D 121 32.25 7.36 35.15
N GLU D 122 33.19 8.27 34.91
CA GLU D 122 33.23 9.57 35.50
C GLU D 122 32.28 10.46 34.71
N LEU D 123 31.24 10.91 35.37
CA LEU D 123 30.26 11.73 34.70
C LEU D 123 30.41 13.26 34.94
N ASP D 124 31.36 13.70 35.79
CA ASP D 124 31.68 15.13 35.96
C ASP D 124 30.39 15.97 36.17
N LEU D 125 29.60 15.59 37.16
CA LEU D 125 28.36 16.26 37.50
C LEU D 125 28.56 17.29 38.61
N TYR D 126 29.80 17.53 39.04
CA TYR D 126 30.00 18.36 40.20
C TYR D 126 30.77 19.63 39.84
N HIS D 127 30.04 20.74 39.93
CA HIS D 127 30.55 22.05 39.59
C HIS D 127 30.08 23.11 40.54
N PRO D 128 30.81 23.27 41.64
CA PRO D 128 30.38 24.19 42.68
C PRO D 128 30.34 25.57 42.09
N TRP D 129 29.32 26.31 42.53
CA TRP D 129 29.18 27.71 42.16
C TRP D 129 29.57 28.62 43.35
N SER D 130 30.61 29.40 43.17
CA SER D 130 31.08 30.31 44.23
C SER D 130 30.14 31.51 44.19
N LEU D 131 29.07 31.45 44.98
CA LEU D 131 28.04 32.46 44.87
C LEU D 131 27.70 32.88 46.28
N SER D 132 28.14 34.07 46.66
CA SER D 132 27.79 34.64 47.93
C SER D 132 26.33 35.01 47.88
N PRO D 133 25.66 35.06 49.04
CA PRO D 133 24.30 35.54 49.09
C PRO D 133 24.13 36.96 48.57
N GLU D 134 25.18 37.78 48.71
CA GLU D 134 25.17 39.11 48.12
C GLU D 134 25.02 38.99 46.62
N GLN D 135 25.74 38.07 45.99
CA GLN D 135 25.67 37.91 44.56
C GLN D 135 24.35 37.28 44.20
N ALA D 136 23.89 36.35 45.02
CA ALA D 136 22.61 35.66 44.79
C ALA D 136 21.51 36.66 44.69
N VAL D 137 21.47 37.57 45.63
CA VAL D 137 20.45 38.62 45.67
C VAL D 137 20.63 39.60 44.51
N GLU D 138 21.86 40.06 44.27
CA GLU D 138 22.14 40.93 43.14
C GLU D 138 21.48 40.35 41.85
N ARG D 139 21.72 39.06 41.58
CA ARG D 139 21.26 38.41 40.35
C ARG D 139 19.76 38.25 40.31
N ALA D 140 19.16 37.69 41.38
CA ALA D 140 17.70 37.51 41.45
C ALA D 140 17.06 38.83 41.14
N LEU D 141 17.45 39.88 41.86
CA LEU D 141 16.94 41.23 41.55
C LEU D 141 17.20 41.70 40.13
N ALA D 142 18.44 41.54 39.60
CA ALA D 142 18.76 41.95 38.22
C ALA D 142 17.84 41.25 37.20
N CYS D 143 17.39 40.03 37.53
CA CYS D 143 16.46 39.29 36.68
C CYS D 143 15.08 39.90 36.71
N GLU D 144 14.54 40.17 37.91
CA GLU D 144 13.22 40.82 37.99
C GLU D 144 13.25 42.19 37.29
N ALA D 145 14.30 42.93 37.54
CA ALA D 145 14.50 44.26 36.94
C ALA D 145 14.56 44.24 35.40
N ALA D 146 15.19 43.24 34.84
CA ALA D 146 15.19 43.09 33.43
C ALA D 146 13.75 42.84 32.91
N ALA D 147 12.94 42.08 33.69
CA ALA D 147 11.53 41.76 33.31
C ALA D 147 10.70 43.02 33.22
N PHE D 148 10.62 43.74 34.33
CA PHE D 148 9.93 45.03 34.36
C PHE D 148 10.45 45.89 33.25
N ALA D 149 11.79 45.97 33.07
CA ALA D 149 12.40 46.88 32.06
C ALA D 149 12.01 46.52 30.62
N ALA D 150 11.54 45.28 30.41
CA ALA D 150 11.30 44.73 29.07
C ALA D 150 10.02 45.19 28.40
N ASP D 151 8.98 45.52 29.19
CA ASP D 151 7.67 45.89 28.65
C ASP D 151 6.87 46.66 29.71
N LYS D 152 6.39 47.87 29.33
CA LYS D 152 5.66 48.77 30.27
C LYS D 152 4.50 48.00 30.96
N ARG D 153 3.92 47.04 30.24
CA ARG D 153 2.74 46.31 30.67
C ARG D 153 2.98 45.23 31.70
N VAL D 154 4.24 44.90 31.99
CA VAL D 154 4.55 43.93 33.04
C VAL D 154 4.62 44.70 34.35
N THR D 155 3.55 44.58 35.13
CA THR D 155 3.32 45.47 36.24
C THR D 155 3.55 44.79 37.57
N LYS D 156 3.48 43.47 37.60
CA LYS D 156 3.67 42.75 38.86
C LYS D 156 4.58 41.52 38.72
N ALA D 157 4.90 40.88 39.84
CA ALA D 157 5.72 39.68 39.82
C ALA D 157 5.20 38.71 40.82
N ASP D 158 5.33 37.42 40.52
CA ASP D 158 5.45 36.41 41.58
C ASP D 158 6.94 36.19 41.78
N GLY D 159 7.30 35.23 42.59
CA GLY D 159 8.73 35.04 42.87
C GLY D 159 9.70 35.04 41.70
N THR D 160 10.86 35.62 41.90
CA THR D 160 12.04 35.22 41.11
C THR D 160 12.91 34.42 42.08
N THR D 161 13.28 33.19 41.74
CA THR D 161 14.06 32.31 42.66
C THR D 161 15.39 31.85 42.05
N LEU D 162 16.44 31.92 42.86
CA LEU D 162 17.77 31.43 42.47
C LEU D 162 18.18 30.30 43.42
N ASN D 163 18.41 29.10 42.89
CA ASN D 163 18.82 27.95 43.71
C ASN D 163 20.15 27.46 43.21
N THR D 164 21.07 27.17 44.13
CA THR D 164 22.35 26.60 43.80
C THR D 164 22.61 25.58 44.87
N HIS D 165 22.78 24.33 44.48
CA HIS D 165 22.92 23.24 45.47
C HIS D 165 24.01 22.24 45.11
N GLN D 166 24.49 21.53 46.14
CA GLN D 166 25.44 20.44 45.99
C GLN D 166 24.95 19.21 46.71
N GLY D 167 25.15 18.03 46.11
CA GLY D 167 24.84 16.77 46.78
C GLY D 167 25.82 15.66 46.54
N CYS D 168 25.72 14.64 47.39
CA CYS D 168 26.43 13.38 47.22
C CYS D 168 25.47 12.21 47.49
N ARG D 169 25.40 11.24 46.60
CA ARG D 169 24.59 10.04 46.83
C ARG D 169 25.49 8.80 46.74
N VAL D 170 25.30 7.90 47.71
CA VAL D 170 25.91 6.59 47.71
C VAL D 170 24.85 5.53 47.98
N TYR D 171 24.95 4.46 47.21
CA TYR D 171 24.06 3.31 47.25
C TYR D 171 24.85 2.03 47.43
N GLY D 172 24.29 1.10 48.16
CA GLY D 172 24.92 -0.17 48.40
C GLY D 172 24.03 -1.35 48.51
N ASN D 173 24.61 -2.48 48.24
CA ASN D 173 23.95 -3.74 48.22
C ASN D 173 24.62 -4.64 49.19
N SER D 174 23.89 -5.65 49.63
CA SER D 174 24.44 -6.74 50.40
C SER D 174 25.23 -7.67 49.48
N HIS D 175 25.10 -7.48 48.17
CA HIS D 175 25.88 -8.20 47.17
C HIS D 175 27.28 -7.69 47.13
N GLY D 176 27.53 -6.58 47.79
CA GLY D 176 28.82 -6.00 47.84
C GLY D 176 29.05 -4.87 46.91
N PHE D 177 28.04 -4.45 46.16
CA PHE D 177 28.15 -3.30 45.31
C PHE D 177 28.13 -2.01 46.08
N ILE D 178 29.00 -1.07 45.78
CA ILE D 178 28.94 0.23 46.40
C ILE D 178 29.26 1.23 45.37
N GLY D 179 28.46 2.26 45.25
CA GLY D 179 28.71 3.25 44.22
C GLY D 179 28.15 4.59 44.65
N GLY D 180 28.83 5.67 44.25
CA GLY D 180 28.46 7.00 44.70
C GLY D 180 29.09 8.11 43.83
N TYR D 181 28.42 9.28 43.80
CA TYR D 181 28.82 10.40 42.93
C TYR D 181 28.39 11.70 43.64
N ALA D 182 29.15 12.75 43.41
CA ALA D 182 28.76 14.09 43.83
C ALA D 182 28.20 14.83 42.60
N SER D 183 27.27 15.76 42.83
CA SER D 183 26.70 16.57 41.75
C SER D 183 26.35 17.95 42.23
N THR D 184 25.91 18.78 41.31
CA THR D 184 25.58 20.17 41.60
C THR D 184 24.49 20.51 40.63
N ARG D 185 23.66 21.49 41.00
CA ARG D 185 22.45 21.87 40.25
C ARG D 185 22.05 23.26 40.64
N HIS D 186 21.94 24.10 39.63
CA HIS D 186 21.69 25.52 39.82
C HIS D 186 20.56 25.93 38.91
N SER D 187 19.73 26.83 39.41
CA SER D 187 18.56 27.27 38.64
C SER D 187 18.27 28.68 39.03
N LEU D 188 17.55 29.35 38.13
CA LEU D 188 17.02 30.69 38.34
C LEU D 188 15.70 30.71 37.63
N SER D 189 14.60 30.78 38.34
CA SER D 189 13.29 30.90 37.71
C SER D 189 12.68 32.29 37.97
N CYS D 190 11.89 32.81 37.03
CA CYS D 190 11.24 34.15 37.19
C CYS D 190 9.76 34.14 36.80
N VAL D 191 8.85 34.59 37.65
CA VAL D 191 7.42 34.53 37.33
C VAL D 191 6.84 35.94 37.39
N ILE D 193 3.76 38.95 35.94
CA ILE D 193 2.37 39.22 35.62
C ILE D 193 2.27 40.48 34.80
N ALA D 194 1.54 40.37 33.70
CA ALA D 194 1.19 41.51 32.88
C ALA D 194 -0.27 41.86 33.00
N GLU D 195 -0.58 43.14 32.77
CA GLU D 195 -1.95 43.61 32.71
C GLU D 195 -2.19 44.29 31.38
N GLY D 196 -3.26 43.90 30.71
CA GLY D 196 -3.72 44.57 29.52
C GLY D 196 -5.09 44.09 29.15
N GLU D 197 -5.76 44.82 28.29
CA GLU D 197 -6.83 44.32 27.46
C GLU D 197 -7.95 43.73 28.26
N GLY D 198 -8.16 44.24 29.45
CA GLY D 198 -9.17 43.65 30.31
C GLY D 198 -8.64 42.49 31.11
N GLN D 199 -7.34 42.27 31.03
CA GLN D 199 -6.76 41.01 31.43
C GLN D 199 -5.60 41.20 32.39
N GLN D 201 -2.34 38.58 32.79
CA GLN D 201 -1.82 37.28 32.36
C GLN D 201 -0.47 36.92 33.04
N ARG D 202 -0.33 35.65 33.39
CA ARG D 202 0.86 35.13 34.07
C ARG D 202 1.70 34.16 33.27
N ASP D 203 3.01 34.35 33.27
CA ASP D 203 3.92 33.41 32.61
C ASP D 203 5.29 33.56 33.22
N TYR D 204 6.18 32.66 32.83
CA TYR D 204 7.46 32.48 33.51
C TYR D 204 8.55 31.95 32.58
N TRP D 205 9.78 31.98 33.04
CA TRP D 205 10.88 31.33 32.36
C TRP D 205 11.95 30.97 33.37
N TYR D 206 12.80 30.02 33.02
CA TYR D 206 13.82 29.55 33.94
C TYR D 206 14.93 28.87 33.15
N ASP D 207 16.05 28.62 33.81
CA ASP D 207 17.08 27.77 33.25
C ASP D 207 17.67 26.94 34.37
N VAL D 208 18.27 25.83 34.00
CA VAL D 208 18.84 24.89 34.97
C VAL D 208 20.13 24.40 34.37
N ASN D 209 21.17 24.20 35.17
CA ASN D 209 22.40 23.66 34.64
C ASN D 209 23.25 23.24 35.81
N ARG D 210 24.06 22.23 35.60
CA ARG D 210 24.92 21.74 36.62
C ARG D 210 26.04 22.68 36.93
N ARG D 211 26.47 23.42 35.90
CA ARG D 211 27.45 24.50 36.00
C ARG D 211 26.72 25.79 36.11
N GLY D 212 26.97 26.55 37.17
CA GLY D 212 26.27 27.77 37.40
C GLY D 212 26.52 28.72 36.25
N GLU D 213 27.76 28.75 35.74
CA GLU D 213 28.19 29.76 34.76
C GLU D 213 27.53 29.57 33.41
N ALA D 214 27.08 28.33 33.12
CA ALA D 214 26.40 28.00 31.86
C ALA D 214 24.93 28.42 31.88
N LEU D 215 24.40 28.82 33.04
CA LEU D 215 23.03 29.31 33.11
C LEU D 215 22.96 30.53 32.14
N ALA D 216 21.84 30.63 31.41
CA ALA D 216 21.48 31.83 30.71
C ALA D 216 21.55 33.02 31.67
N SER D 217 21.93 34.18 31.17
CA SER D 217 22.04 35.36 32.02
C SER D 217 20.70 35.68 32.75
N ALA D 218 20.80 36.27 33.94
CA ALA D 218 19.64 36.64 34.74
C ALA D 218 18.72 37.58 33.94
N GLU D 219 19.35 38.41 33.14
CA GLU D 219 18.61 39.37 32.32
C GLU D 219 17.86 38.65 31.25
N SER D 220 18.54 37.78 30.52
CA SER D 220 17.87 37.04 29.47
C SER D 220 16.69 36.26 30.07
N ILE D 221 16.83 35.67 31.24
CA ILE D 221 15.72 34.93 31.80
C ILE D 221 14.54 35.84 32.12
N GLY D 222 14.84 37.03 32.63
CA GLY D 222 13.79 37.98 32.98
C GLY D 222 13.02 38.48 31.76
N ARG D 223 13.76 38.96 30.75
CA ARG D 223 13.18 39.51 29.53
C ARG D 223 12.22 38.49 29.02
N ARG D 224 12.69 37.29 28.89
CA ARG D 224 11.85 36.21 28.40
C ARG D 224 10.53 35.95 29.24
N ALA D 225 10.61 35.93 30.54
CA ALA D 225 9.40 35.71 31.29
C ALA D 225 8.43 36.83 31.03
N ALA D 226 8.96 38.04 30.79
CA ALA D 226 8.12 39.21 30.56
C ALA D 226 7.49 39.22 29.16
N GLU D 227 8.30 39.02 28.14
CA GLU D 227 7.78 38.91 26.79
C GLU D 227 6.67 37.89 26.79
N ARG D 228 6.87 36.75 27.44
CA ARG D 228 5.87 35.69 27.42
C ARG D 228 4.57 36.08 28.08
N ALA D 229 4.67 36.74 29.24
CA ALA D 229 3.51 37.27 29.96
C ALA D 229 2.71 38.26 29.09
N ALA D 230 3.44 39.16 28.43
CA ALA D 230 2.87 40.25 27.61
C ALA D 230 2.18 39.76 26.34
N SER D 231 2.78 38.76 25.72
CA SER D 231 2.26 38.20 24.51
C SER D 231 0.90 37.59 24.73
N ARG D 232 0.66 37.12 25.95
CA ARG D 232 -0.63 36.53 26.27
C ARG D 232 -1.80 37.50 26.41
N LEU D 233 -1.51 38.79 26.53
CA LEU D 233 -2.59 39.76 26.75
C LEU D 233 -3.58 39.81 25.56
N GLY D 234 -4.86 39.69 25.86
CA GLY D 234 -5.86 39.67 24.81
C GLY D 234 -6.20 38.29 24.29
N ALA D 235 -5.86 37.27 25.07
CA ALA D 235 -6.12 35.89 24.71
C ALA D 235 -7.64 35.70 24.59
N ARG D 236 -8.05 34.88 23.64
CA ARG D 236 -9.44 34.55 23.47
C ARG D 236 -9.57 33.15 22.97
N PRO D 237 -10.76 32.60 23.09
CA PRO D 237 -11.10 31.29 22.55
C PRO D 237 -11.14 31.25 21.02
N VAL D 238 -11.05 30.07 20.45
CA VAL D 238 -11.15 29.90 19.03
C VAL D 238 -12.30 29.02 18.82
N GLN D 239 -12.75 28.99 17.59
CA GLN D 239 -13.92 28.23 17.21
C GLN D 239 -13.58 26.76 17.27
N THR D 240 -14.49 25.91 17.69
CA THR D 240 -14.24 24.51 17.81
C THR D 240 -13.97 23.88 16.47
N ALA D 241 -12.85 23.20 16.34
CA ALA D 241 -12.55 22.59 15.10
C ALA D 241 -11.52 21.55 15.29
N GLU D 242 -11.47 20.61 14.37
CA GLU D 242 -10.42 19.64 14.31
C GLU D 242 -9.28 20.26 13.49
N VAL D 243 -8.07 20.33 14.04
CA VAL D 243 -7.00 21.07 13.37
C VAL D 243 -5.65 20.56 13.80
N PRO D 244 -4.58 20.94 13.10
CA PRO D 244 -3.27 20.60 13.59
C PRO D 244 -2.88 21.42 14.81
N VAL D 245 -1.98 20.85 15.60
CA VAL D 245 -1.54 21.43 16.87
C VAL D 245 -0.03 21.35 16.98
N LEU D 246 0.60 22.45 17.37
CA LEU D 246 2.06 22.44 17.52
C LEU D 246 2.41 22.61 18.96
N PHE D 247 3.08 21.62 19.54
CA PHE D 247 3.49 21.72 20.95
C PHE D 247 4.85 22.32 21.10
N ALA D 248 4.90 23.36 21.94
CA ALA D 248 6.15 24.00 22.32
C ALA D 248 7.03 22.99 23.03
N PRO D 249 8.33 23.11 22.85
CA PRO D 249 9.15 22.04 23.31
C PRO D 249 8.85 21.66 24.74
N GLU D 250 8.69 22.64 25.60
CA GLU D 250 8.53 22.37 27.05
C GLU D 250 7.19 21.72 27.35
N ILE D 251 6.22 21.81 26.47
CA ILE D 251 4.97 21.05 26.65
C ILE D 251 5.12 19.68 26.01
N ALA D 252 5.89 19.62 24.91
CA ALA D 252 6.24 18.35 24.23
C ALA D 252 6.89 17.36 25.15
N VAL D 253 7.66 17.86 26.11
CA VAL D 253 8.24 17.03 27.14
C VAL D 253 7.18 16.24 27.93
N GLY D 254 6.13 16.92 28.34
CA GLY D 254 5.11 16.25 29.11
C GLY D 254 4.43 15.16 28.32
N LEU D 255 4.43 15.29 27.00
CA LEU D 255 3.74 14.29 26.18
C LEU D 255 4.49 12.99 26.21
N PHE D 256 5.78 13.10 25.83
CA PHE D 256 6.64 11.97 25.92
C PHE D 256 6.71 11.44 27.35
N GLY D 257 6.57 12.29 28.35
CA GLY D 257 6.41 11.73 29.69
C GLY D 257 5.26 10.71 29.86
N HIS D 258 4.16 10.95 29.17
CA HIS D 258 3.04 10.03 29.24
C HIS D 258 3.46 8.76 28.57
N PHE D 259 4.25 8.89 27.50
CA PHE D 259 4.73 7.71 26.80
C PHE D 259 5.59 6.89 27.71
N LEU D 260 6.51 7.54 28.39
CA LEU D 260 7.42 6.85 29.34
C LEU D 260 6.68 6.17 30.43
N GLY D 261 5.67 6.85 30.97
CA GLY D 261 4.92 6.31 32.10
C GLY D 261 4.29 5.06 31.62
N ALA D 262 3.77 5.12 30.39
CA ALA D 262 3.06 4.02 29.72
C ALA D 262 3.90 2.75 29.42
N ILE D 263 5.20 2.93 29.27
CA ILE D 263 6.04 1.80 28.99
C ILE D 263 6.87 1.41 30.18
N SER D 264 6.52 1.88 31.36
CA SER D 264 7.25 1.52 32.58
C SER D 264 6.64 0.28 33.21
N GLY D 265 7.52 -0.52 33.78
CA GLY D 265 7.11 -1.75 34.42
C GLY D 265 5.89 -1.68 35.29
N GLY D 266 5.80 -0.66 36.14
CA GLY D 266 4.70 -0.53 37.11
C GLY D 266 3.36 -0.44 36.39
N SER D 267 3.27 0.46 35.43
CA SER D 267 2.02 0.66 34.74
C SER D 267 1.66 -0.68 34.12
N LEU D 268 2.69 -1.30 33.53
CA LEU D 268 2.51 -2.46 32.70
C LEU D 268 1.96 -3.59 33.54
N TYR D 269 2.53 -3.86 34.70
CA TYR D 269 2.12 -5.07 35.40
C TYR D 269 0.87 -4.84 36.23
N ARG D 270 0.64 -3.58 36.60
CA ARG D 270 -0.62 -3.19 37.21
C ARG D 270 -1.75 -3.18 36.19
N LYS D 271 -1.45 -3.52 34.96
CA LYS D 271 -2.43 -3.51 33.86
C LYS D 271 -3.13 -2.15 33.77
N SER D 272 -2.33 -1.08 33.76
CA SER D 272 -2.84 0.28 33.80
C SER D 272 -2.09 1.07 32.78
N SER D 273 -1.92 0.48 31.62
CA SER D 273 -1.21 1.17 30.54
C SER D 273 -1.75 0.90 29.15
N PHE D 274 -2.03 1.95 28.42
CA PHE D 274 -2.53 1.78 27.06
C PHE D 274 -1.51 1.14 26.11
N LEU D 275 -0.23 1.05 26.53
CA LEU D 275 0.76 0.46 25.66
C LEU D 275 1.15 -0.97 26.08
N GLU D 276 0.23 -1.64 26.75
CA GLU D 276 0.52 -2.83 27.47
C GLU D 276 1.11 -4.01 26.71
N GLY D 277 0.67 -4.25 25.50
CA GLY D 277 1.33 -5.36 24.81
C GLY D 277 2.18 -4.87 23.69
N ALA D 278 2.59 -3.60 23.77
CA ALA D 278 2.96 -2.87 22.59
C ALA D 278 4.36 -3.20 22.09
N LEU D 279 5.16 -3.94 22.81
CA LEU D 279 6.49 -4.15 22.38
C LEU D 279 6.49 -4.72 21.02
N GLY D 280 7.34 -4.16 20.17
CA GLY D 280 7.49 -4.56 18.78
C GLY D 280 6.56 -3.97 17.76
N GLN D 281 5.86 -2.93 18.13
CA GLN D 281 4.87 -2.32 17.26
C GLN D 281 5.18 -0.95 16.87
N ARG D 282 4.53 -0.48 15.83
CA ARG D 282 4.74 0.85 15.36
C ARG D 282 3.87 1.73 16.13
N LEU D 283 4.46 2.65 16.86
CA LEU D 283 3.70 3.58 17.62
C LEU D 283 3.92 4.97 17.11
N PHE D 284 5.01 5.16 16.38
CA PHE D 284 5.42 6.46 15.85
C PHE D 284 5.80 6.39 14.35
N PRO D 285 5.93 7.54 13.71
CA PRO D 285 6.48 7.54 12.36
C PRO D 285 7.81 6.80 12.20
N GLU D 286 7.92 6.10 11.09
CA GLU D 286 9.08 5.36 10.68
C GLU D 286 10.41 6.12 10.96
N TRP D 287 10.43 7.42 10.70
CA TRP D 287 11.63 8.27 10.94
C TRP D 287 11.89 8.64 12.41
N LEU D 288 10.99 8.31 13.33
CA LEU D 288 11.13 8.77 14.68
C LEU D 288 11.83 7.74 15.51
N SER D 289 12.85 8.17 16.27
CA SER D 289 13.51 7.29 17.23
C SER D 289 13.62 7.95 18.59
N ILE D 290 13.55 7.14 19.64
CA ILE D 290 13.72 7.63 21.00
C ILE D 290 14.81 6.80 21.67
N ASP D 291 15.80 7.44 22.27
CA ASP D 291 16.90 6.69 22.86
C ASP D 291 17.47 7.37 24.10
N GLU D 292 18.16 6.59 24.89
CA GLU D 292 18.60 7.02 26.21
C GLU D 292 20.12 7.04 26.19
N ARG D 293 20.71 8.06 26.83
CA ARG D 293 22.18 8.22 26.89
C ARG D 293 22.68 8.64 28.31
N PRO D 294 22.83 7.63 29.16
CA PRO D 294 23.03 7.89 30.57
C PRO D 294 24.38 8.41 30.98
N HIS D 295 25.33 8.36 30.06
CA HIS D 295 26.70 8.64 30.42
C HIS D 295 27.13 9.97 29.94
N LEU D 296 26.21 10.82 29.50
CA LEU D 296 26.63 12.14 29.03
C LEU D 296 27.34 12.92 30.13
N VAL D 297 28.53 13.41 29.83
CA VAL D 297 29.29 14.15 30.81
C VAL D 297 28.60 15.48 31.08
N GLY D 298 28.27 15.72 32.34
CA GLY D 298 27.70 17.00 32.79
C GLY D 298 26.24 17.22 32.60
N ALA D 299 25.57 16.27 31.98
CA ALA D 299 24.11 16.41 31.77
C ALA D 299 23.37 16.39 33.06
N LEU D 300 22.17 16.93 33.01
CA LEU D 300 21.27 16.96 34.15
C LEU D 300 20.63 15.61 34.49
N GLY D 301 20.70 14.60 33.63
CA GLY D 301 20.01 13.32 33.91
C GLY D 301 20.94 12.12 33.96
N SER D 302 22.23 12.35 33.74
CA SER D 302 23.24 11.28 33.70
C SER D 302 23.27 10.43 35.00
N ALA D 303 23.46 9.11 34.84
CA ALA D 303 23.63 8.18 35.96
C ALA D 303 24.42 6.97 35.44
N SER D 304 25.34 6.45 36.27
CA SER D 304 26.16 5.30 35.91
C SER D 304 25.64 4.00 36.47
N PHE D 305 24.55 4.04 37.25
CA PHE D 305 23.95 2.76 37.71
C PHE D 305 22.53 2.97 38.14
N ASP D 306 21.69 1.99 38.02
CA ASP D 306 20.29 2.22 38.33
C ASP D 306 20.06 1.93 39.80
N SER D 307 18.80 2.00 40.23
CA SER D 307 18.44 1.78 41.63
C SER D 307 18.56 0.37 42.12
N ASP D 308 18.90 -0.56 41.25
CA ASP D 308 19.26 -1.90 41.68
C ASP D 308 20.78 -2.08 41.64
N GLY D 309 21.50 -1.07 41.17
CA GLY D 309 22.95 -1.17 41.04
C GLY D 309 23.47 -1.86 39.76
N LEU D 310 22.58 -2.03 38.77
CA LEU D 310 23.03 -2.48 37.47
C LEU D 310 23.67 -1.31 36.76
N ALA D 311 24.69 -1.58 35.95
CA ALA D 311 25.29 -0.55 35.10
C ALA D 311 24.24 -0.08 34.14
N THR D 312 24.14 1.24 33.98
CA THR D 312 23.25 1.84 32.99
C THR D 312 23.95 1.76 31.66
N TYR D 313 23.20 1.70 30.56
CA TYR D 313 23.76 1.73 29.21
C TYR D 313 22.84 2.41 28.17
N ALA D 314 23.49 3.06 27.20
CA ALA D 314 22.84 3.68 26.05
C ALA D 314 21.99 2.63 25.38
N LYS D 315 20.77 2.98 24.98
CA LYS D 315 19.88 2.05 24.33
C LYS D 315 18.67 2.79 23.74
N PRO D 316 18.04 2.22 22.69
CA PRO D 316 16.79 2.76 22.19
C PRO D 316 15.54 2.15 22.83
N PHE D 317 14.47 2.94 22.87
CA PHE D 317 13.16 2.48 23.25
C PHE D 317 12.21 2.50 22.07
N VAL D 318 12.48 3.35 21.11
CA VAL D 318 11.70 3.40 19.87
C VAL D 318 12.76 3.49 18.78
N GLU D 319 12.64 2.61 17.81
CA GLU D 319 13.59 2.58 16.74
C GLU D 319 12.81 2.52 15.43
N ASN D 320 13.03 3.53 14.60
CA ASN D 320 12.28 3.67 13.38
C ASN D 320 10.80 3.44 13.66
N GLY D 321 10.29 4.18 14.62
CA GLY D 321 8.85 4.22 14.83
C GLY D 321 8.35 3.06 15.65
N GLU D 322 9.24 2.08 15.89
CA GLU D 322 8.86 0.85 16.55
C GLU D 322 9.37 0.78 18.01
N LEU D 323 8.47 0.32 18.89
CA LEU D 323 8.77 0.14 20.29
C LEU D 323 9.59 -1.14 20.52
N VAL D 324 10.88 -0.96 20.76
CA VAL D 324 11.76 -2.08 20.87
C VAL D 324 12.08 -2.37 22.32
N SER D 325 11.63 -1.56 23.27
CA SER D 325 11.97 -1.82 24.67
C SER D 325 11.03 -1.15 25.64
N TYR D 326 10.56 -1.85 26.65
CA TYR D 326 9.99 -1.19 27.84
C TYR D 326 11.09 -0.60 28.81
N VAL D 327 10.65 0.15 29.82
CA VAL D 327 11.54 0.71 30.86
C VAL D 327 11.32 -0.13 32.14
N LEU D 328 12.31 -0.95 32.49
CA LEU D 328 12.15 -1.93 33.55
C LEU D 328 13.33 -2.08 34.49
N GLY D 329 12.97 -2.24 35.75
CA GLY D 329 13.91 -2.70 36.77
C GLY D 329 13.74 -4.20 37.01
N THR D 330 14.57 -4.72 37.88
CA THR D 330 14.50 -6.09 38.28
C THR D 330 13.10 -6.53 38.78
N TYR D 331 12.52 -5.77 39.68
CA TYR D 331 11.22 -6.16 40.16
C TYR D 331 10.14 -6.07 39.06
N SER D 332 10.22 -5.06 38.19
CA SER D 332 9.33 -4.98 36.99
C SER D 332 9.50 -6.23 36.13
N GLY D 333 10.75 -6.57 35.83
CA GLY D 333 11.06 -7.65 34.90
C GLY D 333 10.42 -8.94 35.38
N ARG D 334 10.60 -9.21 36.68
CA ARG D 334 10.07 -10.42 37.31
C ARG D 334 8.59 -10.42 37.22
N LYS D 335 7.99 -9.28 37.51
CA LYS D 335 6.54 -9.24 37.40
C LYS D 335 6.02 -9.62 36.01
N LEU D 336 6.78 -9.26 34.96
CA LEU D 336 6.33 -9.39 33.56
C LEU D 336 6.98 -10.55 32.85
N GLY D 337 7.87 -11.25 33.55
CA GLY D 337 8.57 -12.34 32.93
C GLY D 337 9.61 -11.88 31.95
N LEU D 338 10.20 -10.72 32.20
CA LEU D 338 11.15 -10.13 31.25
C LEU D 338 12.40 -9.71 31.99
N PRO D 339 13.53 -9.60 31.25
CA PRO D 339 14.77 -9.05 31.83
C PRO D 339 14.62 -7.54 32.18
N SER D 340 15.43 -7.04 33.13
CA SER D 340 15.55 -5.62 33.43
C SER D 340 16.26 -4.95 32.30
N THR D 341 15.89 -3.68 32.08
CA THR D 341 16.53 -2.83 31.09
C THR D 341 17.45 -1.82 31.81
N ALA D 342 17.93 -2.18 33.00
CA ALA D 342 18.85 -1.33 33.75
C ALA D 342 18.17 0.05 33.91
N ASN D 343 16.87 0.04 34.16
CA ASN D 343 16.12 1.29 34.26
C ASN D 343 15.29 1.34 35.52
N ALA D 344 15.79 0.67 36.57
CA ALA D 344 15.23 0.80 37.92
C ALA D 344 15.49 2.24 38.40
N GLY D 345 14.41 3.02 38.51
CA GLY D 345 14.48 4.46 38.77
C GLY D 345 14.31 5.33 37.51
N GLY D 346 13.98 4.73 36.37
CA GLY D 346 13.63 5.49 35.17
C GLY D 346 14.79 5.65 34.19
N VAL D 347 14.58 6.52 33.22
CA VAL D 347 15.53 6.72 32.13
C VAL D 347 16.41 7.88 32.46
N HIS D 348 17.55 7.96 31.77
CA HIS D 348 18.48 9.06 31.99
C HIS D 348 19.02 9.66 30.72
N ASN D 349 18.69 10.94 30.50
CA ASN D 349 19.05 11.68 29.29
C ASN D 349 18.38 11.10 28.02
N LEU D 350 17.08 11.25 27.93
CA LEU D 350 16.30 10.72 26.81
C LEU D 350 16.23 11.71 25.69
N PHE D 351 16.29 11.20 24.47
CA PHE D 351 16.25 12.06 23.27
C PHE D 351 15.23 11.52 22.29
N VAL D 352 14.39 12.42 21.78
CA VAL D 352 13.58 12.21 20.61
C VAL D 352 14.32 12.81 19.39
N SER D 353 14.40 12.01 18.32
CA SER D 353 15.02 12.41 17.07
C SER D 353 14.14 13.43 16.34
N HIS D 354 14.79 14.31 15.56
CA HIS D 354 14.13 15.49 15.00
C HIS D 354 14.67 15.77 13.62
N GLY D 355 13.97 16.66 12.92
CA GLY D 355 14.42 17.15 11.62
C GLY D 355 15.25 18.38 11.77
N ASP D 356 15.26 19.21 10.74
CA ASP D 356 16.09 20.41 10.67
C ASP D 356 15.29 21.71 10.73
N GLU D 357 14.01 21.60 11.07
CA GLU D 357 13.13 22.75 11.09
C GLU D 357 13.05 23.31 12.50
N ASP D 358 13.01 24.65 12.61
CA ASP D 358 12.80 25.36 13.89
C ASP D 358 11.34 25.72 14.12
N GLN D 359 11.02 26.30 15.28
CA GLN D 359 9.62 26.52 15.58
C GLN D 359 9.00 27.41 14.51
N ALA D 360 9.71 28.47 14.13
CA ALA D 360 9.23 29.37 13.04
C ALA D 360 8.96 28.59 11.72
N ALA D 361 9.86 27.68 11.36
CA ALA D 361 9.68 26.83 10.18
C ALA D 361 8.44 25.95 10.33
N LEU D 362 8.24 25.36 11.52
CA LEU D 362 7.12 24.48 11.76
C LEU D 362 5.82 25.26 11.78
N ILE D 363 5.84 26.50 12.26
CA ILE D 363 4.61 27.31 12.19
C ILE D 363 4.21 27.43 10.73
N ARG D 364 5.17 27.80 9.90
CA ARG D 364 4.94 27.97 8.47
C ARG D 364 4.37 26.69 7.85
N ARG D 365 5.10 25.59 8.01
CA ARG D 365 4.65 24.27 7.53
C ARG D 365 3.23 23.92 7.97
N GLU D 367 0.79 25.98 8.56
CA GLU D 367 -0.07 26.88 7.79
C GLU D 367 -1.19 27.45 8.64
N ARG D 368 -1.98 26.58 9.25
CA ARG D 368 -3.16 26.97 10.02
C ARG D 368 -3.37 25.98 11.19
N GLY D 369 -3.63 26.51 12.38
CA GLY D 369 -3.82 25.66 13.58
C GLY D 369 -3.40 26.31 14.89
N LEU D 370 -3.24 25.46 15.94
CA LEU D 370 -3.03 25.92 17.32
C LEU D 370 -1.64 25.59 17.84
N LEU D 371 -0.90 26.61 18.26
CA LEU D 371 0.41 26.44 18.89
C LEU D 371 0.16 26.38 20.36
N VAL D 372 0.59 25.35 21.04
CA VAL D 372 0.23 25.25 22.46
C VAL D 372 1.49 25.52 23.21
N THR D 373 1.46 26.51 24.12
CA THR D 373 2.58 26.85 25.00
C THR D 373 2.23 26.67 26.48
N GLU D 374 1.02 26.19 26.81
CA GLU D 374 0.71 25.77 28.19
C GLU D 374 -0.49 24.89 28.22
N LEU D 375 -0.49 23.95 29.15
CA LEU D 375 -1.65 23.06 29.38
C LEU D 375 -2.06 23.13 30.82
N GLY D 377 -4.98 21.14 33.98
CA GLY D 377 -5.89 20.05 34.32
C GLY D 377 -5.23 18.69 34.26
N GLN D 378 -5.61 17.81 35.16
CA GLN D 378 -5.10 16.46 35.16
C GLN D 378 -6.04 15.68 34.21
N GLY D 379 -5.90 15.91 32.92
CA GLY D 379 -6.83 15.30 31.97
C GLY D 379 -6.35 14.06 31.21
N VAL D 380 -5.33 13.37 31.72
CA VAL D 380 -4.67 12.29 30.96
C VAL D 380 -4.92 10.92 31.60
N ASN D 381 -5.56 10.02 30.88
CA ASN D 381 -5.79 8.68 31.35
C ASN D 381 -4.78 7.71 30.76
N LEU D 382 -3.75 7.35 31.52
CA LEU D 382 -2.77 6.39 31.02
C LEU D 382 -3.31 4.99 30.87
N VAL D 383 -4.33 4.60 31.63
CA VAL D 383 -4.95 3.29 31.39
C VAL D 383 -5.37 3.09 29.91
N THR D 384 -6.10 4.06 29.37
CA THR D 384 -6.69 4.00 28.07
C THR D 384 -6.08 4.87 27.03
N GLY D 385 -5.31 5.86 27.41
CA GLY D 385 -4.75 6.81 26.48
C GLY D 385 -5.58 8.02 26.17
N ASP D 386 -6.74 8.12 26.76
CA ASP D 386 -7.60 9.22 26.53
C ASP D 386 -7.02 10.53 27.01
N TYR D 387 -7.08 11.56 26.21
CA TYR D 387 -6.43 12.80 26.59
C TYR D 387 -7.31 14.02 26.35
N SER D 388 -7.50 14.86 27.36
CA SER D 388 -8.16 16.13 27.20
C SER D 388 -7.59 17.17 28.12
N ARG D 389 -7.11 18.27 27.63
CA ARG D 389 -6.58 19.25 28.53
C ARG D 389 -6.81 20.69 28.17
N GLY D 390 -6.92 21.52 29.19
CA GLY D 390 -7.05 22.93 29.02
C GLY D 390 -5.77 23.42 28.43
N ALA D 391 -5.86 24.39 27.53
CA ALA D 391 -4.69 24.76 26.76
C ALA D 391 -4.69 26.24 26.57
N ALA D 392 -3.50 26.82 26.31
CA ALA D 392 -3.34 28.23 25.94
C ALA D 392 -2.12 28.38 25.03
N GLY D 393 -2.11 29.42 24.22
CA GLY D 393 -1.02 29.61 23.27
C GLY D 393 -1.41 30.66 22.26
N TYR D 394 -1.17 30.37 20.99
CA TYR D 394 -1.47 31.31 19.93
C TYR D 394 -2.16 30.58 18.79
N TRP D 395 -3.08 31.27 18.08
CA TRP D 395 -3.61 30.79 16.79
C TRP D 395 -2.73 31.13 15.57
N VAL D 396 -2.62 30.17 14.65
CA VAL D 396 -1.83 30.39 13.46
C VAL D 396 -2.73 30.39 12.31
N GLU D 397 -2.45 31.28 11.35
CA GLU D 397 -3.01 31.25 10.00
C GLU D 397 -2.11 31.94 9.01
N ASN D 398 -2.19 31.48 7.76
CA ASN D 398 -1.24 31.89 6.72
C ASN D 398 0.19 31.86 7.21
N GLY D 399 0.51 30.78 7.93
CA GLY D 399 1.84 30.53 8.46
C GLY D 399 2.35 31.61 9.39
N GLU D 400 1.44 32.32 10.05
CA GLU D 400 1.87 33.27 11.05
C GLU D 400 1.00 33.20 12.26
N ILE D 401 1.57 33.69 13.35
CA ILE D 401 0.87 33.75 14.60
C ILE D 401 -0.05 34.94 14.51
N GLN D 402 -1.36 34.70 14.64
CA GLN D 402 -2.35 35.76 14.45
C GLN D 402 -2.61 36.39 15.77
N PHE D 403 -2.94 35.59 16.77
CA PHE D 403 -3.31 36.10 18.10
C PHE D 403 -3.23 35.06 19.24
N PRO D 404 -3.18 35.51 20.47
CA PRO D 404 -3.15 34.60 21.58
C PRO D 404 -4.49 33.93 21.88
N VAL D 405 -4.42 32.71 22.41
CA VAL D 405 -5.60 31.87 22.65
C VAL D 405 -5.61 31.36 24.08
N GLN D 406 -6.79 31.27 24.66
CA GLN D 406 -6.96 30.73 26.00
C GLN D 406 -8.31 30.11 25.99
N GLU D 407 -8.70 29.55 27.13
CA GLU D 407 -10.04 28.95 27.31
C GLU D 407 -10.48 28.04 26.19
N VAL D 408 -9.61 27.12 25.81
CA VAL D 408 -9.89 26.05 24.86
C VAL D 408 -9.39 24.76 25.49
N THR D 409 -9.87 23.63 25.00
CA THR D 409 -9.35 22.32 25.41
C THR D 409 -8.89 21.59 24.15
N ILE D 410 -7.99 20.63 24.30
CA ILE D 410 -7.54 19.79 23.19
C ILE D 410 -7.74 18.34 23.61
N ALA D 411 -8.12 17.50 22.64
CA ALA D 411 -8.45 16.09 22.92
C ALA D 411 -7.94 15.18 21.81
N ALA D 412 -7.61 13.96 22.20
CA ALA D 412 -7.27 12.89 21.26
C ALA D 412 -6.88 11.69 22.08
N ASN D 413 -6.76 10.54 21.46
CA ASN D 413 -6.12 9.46 22.15
C ASN D 413 -4.67 9.57 21.81
N LEU D 414 -3.82 9.32 22.81
CA LEU D 414 -2.37 9.35 22.62
C LEU D 414 -1.90 8.35 21.57
N ARG D 415 -2.53 7.19 21.57
CA ARG D 415 -2.22 6.17 20.61
C ARG D 415 -2.22 6.80 19.21
N ASP D 416 -3.29 7.53 18.91
CA ASP D 416 -3.46 8.13 17.59
C ASP D 416 -2.54 9.34 17.49
N LEU D 417 -2.40 10.04 18.59
CA LEU D 417 -1.63 11.24 18.60
C LEU D 417 -0.19 11.00 18.15
N PHE D 418 0.46 10.07 18.80
CA PHE D 418 1.80 9.68 18.42
C PHE D 418 1.90 9.21 16.99
N ARG D 419 0.89 8.50 16.50
CA ARG D 419 0.92 8.13 15.10
C ARG D 419 0.84 9.36 14.20
N ARG D 420 0.27 10.46 14.73
CA ARG D 420 -0.02 11.60 13.92
C ARG D 420 1.06 12.64 13.96
N ILE D 421 2.17 12.31 14.60
CA ILE D 421 3.27 13.27 14.57
C ILE D 421 3.78 13.51 13.14
N VAL D 422 3.79 14.78 12.78
CA VAL D 422 4.22 15.20 11.48
C VAL D 422 5.69 15.46 11.47
N ALA D 423 6.17 16.20 12.45
CA ALA D 423 7.58 16.50 12.62
C ALA D 423 8.06 16.87 14.02
N VAL D 424 9.35 16.82 14.25
CA VAL D 424 9.90 17.30 15.50
C VAL D 424 10.97 18.35 15.21
N GLY D 425 10.81 19.49 15.84
CA GLY D 425 11.66 20.61 15.64
C GLY D 425 13.04 20.45 16.22
N LYS D 426 13.96 21.22 15.72
CA LYS D 426 15.28 21.18 16.26
C LYS D 426 15.41 22.15 17.40
N ASP D 427 14.36 22.81 17.79
CA ASP D 427 14.47 23.68 18.90
C ASP D 427 14.42 22.82 20.12
N ILE D 428 15.46 22.12 20.39
CA ILE D 428 15.49 21.21 21.48
C ILE D 428 15.60 21.76 22.86
N GLU D 429 14.81 21.19 23.75
CA GLU D 429 14.73 21.55 25.14
C GLU D 429 15.80 20.93 26.05
N ARG D 430 16.57 21.77 26.73
CA ARG D 430 17.73 21.38 27.52
C ARG D 430 17.67 21.37 29.03
N ARG D 431 16.54 21.66 29.62
CA ARG D 431 16.51 21.96 31.03
C ARG D 431 16.07 20.83 31.89
N GLY D 432 16.03 19.63 31.33
CA GLY D 432 15.69 18.45 32.13
C GLY D 432 16.24 17.15 31.59
N ASN D 433 15.45 16.10 31.76
CA ASN D 433 15.83 14.75 31.42
C ASN D 433 15.37 14.32 30.04
N LEU D 434 14.73 15.19 29.29
CA LEU D 434 14.00 14.76 28.08
C LEU D 434 14.16 15.81 27.01
N HIS D 435 14.83 15.43 25.96
CA HIS D 435 15.27 16.38 24.94
C HIS D 435 14.42 16.23 23.68
N THR D 436 13.37 17.01 23.65
CA THR D 436 12.50 17.07 22.50
C THR D 436 12.52 18.49 21.91
N GLY D 437 12.25 18.62 20.64
CA GLY D 437 11.95 19.95 20.08
C GLY D 437 10.45 20.15 20.06
N SER D 438 9.96 21.16 19.33
CA SER D 438 8.52 21.32 19.17
C SER D 438 7.92 20.16 18.38
N VAL D 439 6.68 19.81 18.70
CA VAL D 439 6.01 18.63 18.11
C VAL D 439 4.77 19.06 17.36
N LEU D 440 4.76 18.83 16.03
CA LEU D 440 3.63 19.14 15.16
C LEU D 440 2.78 17.90 14.99
N VAL D 441 1.53 17.99 15.43
CA VAL D 441 0.61 16.88 15.32
C VAL D 441 -0.36 17.21 14.19
N GLU D 442 -0.61 16.21 13.34
CA GLU D 442 -1.43 16.36 12.15
C GLU D 442 -2.81 16.94 12.45
N SER D 443 -3.53 16.40 13.45
CA SER D 443 -4.82 16.96 13.83
C SER D 443 -5.23 16.55 15.18
N VAL D 446 -9.81 20.55 18.84
CA VAL D 446 -9.72 21.79 19.61
C VAL D 446 -11.12 22.27 19.90
N ALA D 447 -11.48 22.47 21.17
CA ALA D 447 -12.85 22.92 21.53
C ALA D 447 -12.92 24.25 22.36
N GLY D 448 -13.79 25.18 21.95
CA GLY D 448 -13.97 26.50 22.62
C GLY D 448 -15.21 27.31 22.22
#